data_2KBW
#
_entry.id   2KBW
#
_cell.length_a   1.000
_cell.length_b   1.000
_cell.length_c   1.000
_cell.angle_alpha   90.00
_cell.angle_beta   90.00
_cell.angle_gamma   90.00
#
_symmetry.space_group_name_H-M   'P 1'
#
loop_
_entity.id
_entity.type
_entity.pdbx_description
1 polymer 'Induced myeloid leukemia cell differentiation protein Mcl-1'
2 polymer 'BH3-interacting domain death agonist'
#
loop_
_entity_poly.entity_id
_entity_poly.type
_entity_poly.pdbx_seq_one_letter_code
_entity_poly.pdbx_strand_id
1 'polypeptide(L)'
;TPPPAEEEEDELYRQSLEIISRYLREQATGAKDTKPMGRSGATSRKALETLRRVGDGVQRNHETAFQGMLRKLDIKNEDD
VKSLSRVMIHVFSDGVTNWGRIVTLISFGAFVAKHLKTINQESCIEPLAESITDVLVRTKRDWLVKQRGWDGFVEFFHVE
DLEG
;
A
2 'polypeptide(L)' GPLGSESQEDIIRNIARHLAQVGDSMDRSIPPGLV B
#
# COMPACT_ATOMS: atom_id res chain seq x y z
N ALA A 5 -6.76 14.80 27.21
CA ALA A 5 -5.90 14.99 28.37
C ALA A 5 -5.41 13.65 28.91
N GLU A 6 -5.22 12.68 28.02
CA GLU A 6 -4.75 11.36 28.41
C GLU A 6 -3.89 10.75 27.30
N GLU A 7 -2.75 10.19 27.70
CA GLU A 7 -1.84 9.57 26.74
C GLU A 7 -2.53 8.44 25.98
N GLU A 8 -2.64 8.60 24.67
CA GLU A 8 -3.28 7.60 23.83
C GLU A 8 -3.26 8.03 22.36
N GLU A 9 -3.44 9.33 22.12
CA GLU A 9 -3.44 9.87 20.77
C GLU A 9 -2.26 9.36 19.95
N ASP A 10 -2.51 9.08 18.67
CA ASP A 10 -1.46 8.59 17.79
C ASP A 10 -1.57 9.24 16.42
N GLU A 11 -0.63 10.12 16.10
CA GLU A 11 -0.62 10.81 14.83
C GLU A 11 -0.34 9.84 13.68
N LEU A 12 0.33 8.73 13.98
CA LEU A 12 0.66 7.74 12.98
C LEU A 12 -0.62 7.19 12.34
N TYR A 13 -1.60 6.86 13.18
CA TYR A 13 -2.87 6.33 12.69
C TYR A 13 -3.56 7.35 11.79
N ARG A 14 -3.89 8.50 12.36
CA ARG A 14 -4.56 9.56 11.64
C ARG A 14 -3.83 9.91 10.34
N GLN A 15 -2.52 10.08 10.43
CA GLN A 15 -1.72 10.43 9.26
C GLN A 15 -1.72 9.30 8.24
N SER A 16 -1.80 8.06 8.73
CA SER A 16 -1.82 6.90 7.85
C SER A 16 -3.14 6.83 7.09
N LEU A 17 -4.24 6.86 7.82
CA LEU A 17 -5.57 6.79 7.21
C LEU A 17 -5.80 8.00 6.31
N GLU A 18 -5.33 9.17 6.74
CA GLU A 18 -5.49 10.39 5.97
C GLU A 18 -4.73 10.29 4.64
N ILE A 19 -3.47 9.90 4.72
CA ILE A 19 -2.65 9.77 3.53
C ILE A 19 -3.19 8.68 2.60
N ILE A 20 -3.30 7.46 3.12
CA ILE A 20 -3.79 6.33 2.33
C ILE A 20 -5.15 6.64 1.70
N SER A 21 -6.08 7.18 2.48
CA SER A 21 -7.41 7.50 1.98
C SER A 21 -7.33 8.53 0.86
N ARG A 22 -6.69 9.65 1.14
CA ARG A 22 -6.53 10.71 0.15
C ARG A 22 -5.75 10.21 -1.05
N TYR A 23 -4.92 9.20 -0.83
CA TYR A 23 -4.11 8.62 -1.90
C TYR A 23 -4.98 7.86 -2.89
N LEU A 24 -5.59 6.77 -2.43
CA LEU A 24 -6.45 5.98 -3.30
C LEU A 24 -7.55 6.82 -3.90
N ARG A 25 -8.06 7.77 -3.14
CA ARG A 25 -9.13 8.64 -3.60
C ARG A 25 -8.66 9.53 -4.75
N GLU A 26 -7.61 10.30 -4.50
CA GLU A 26 -7.06 11.21 -5.51
C GLU A 26 -6.43 10.47 -6.67
N GLN A 27 -5.93 9.27 -6.40
CA GLN A 27 -5.28 8.47 -7.44
C GLN A 27 -6.30 7.67 -8.26
N ALA A 28 -7.36 7.23 -7.60
CA ALA A 28 -8.41 6.46 -8.26
C ALA A 28 -9.45 7.36 -8.91
N THR A 29 -9.37 8.66 -8.65
CA THR A 29 -10.31 9.61 -9.22
C THR A 29 -9.71 10.34 -10.42
N GLY A 30 -8.39 10.46 -10.43
CA GLY A 30 -7.72 11.12 -11.53
C GLY A 30 -7.76 12.63 -11.43
N ALA A 31 -8.54 13.14 -10.47
CA ALA A 31 -8.67 14.56 -10.26
C ALA A 31 -7.65 15.06 -9.25
N LYS A 32 -7.76 16.33 -8.93
CA LYS A 32 -6.87 16.96 -7.97
C LYS A 32 -7.67 17.64 -6.87
N ASP A 33 -7.49 17.13 -5.65
CA ASP A 33 -8.19 17.68 -4.49
C ASP A 33 -7.20 18.29 -3.50
N THR A 34 -6.48 19.32 -3.95
CA THR A 34 -5.49 19.97 -3.11
C THR A 34 -6.02 21.31 -2.60
N LYS A 35 -6.99 21.26 -1.69
CA LYS A 35 -7.58 22.46 -1.13
C LYS A 35 -7.58 22.42 0.40
N PRO A 36 -6.39 22.46 1.01
CA PRO A 36 -6.23 22.43 2.45
C PRO A 36 -6.28 23.83 3.08
N MET A 37 -5.59 24.78 2.46
CA MET A 37 -5.56 26.15 2.94
C MET A 37 -5.19 26.22 4.42
N GLY A 38 -4.39 25.26 4.88
CA GLY A 38 -3.99 25.24 6.27
C GLY A 38 -3.09 24.07 6.61
N ARG A 39 -3.35 22.93 5.97
CA ARG A 39 -2.55 21.72 6.21
C ARG A 39 -1.25 21.76 5.42
N SER A 40 -0.48 20.68 5.50
CA SER A 40 0.79 20.58 4.81
C SER A 40 1.30 19.15 4.80
N GLY A 41 1.53 18.60 5.99
CA GLY A 41 2.01 17.24 6.10
C GLY A 41 3.35 17.03 5.40
N ALA A 42 4.39 17.62 5.95
CA ALA A 42 5.73 17.50 5.38
C ALA A 42 6.08 16.03 5.13
N THR A 43 6.02 15.23 6.19
CA THR A 43 6.30 13.81 6.07
C THR A 43 5.41 13.19 5.00
N SER A 44 4.21 13.74 4.87
CA SER A 44 3.26 13.25 3.88
C SER A 44 3.78 13.51 2.47
N ARG A 45 4.30 14.72 2.25
CA ARG A 45 4.83 15.09 0.95
C ARG A 45 6.01 14.19 0.59
N LYS A 46 6.98 14.09 1.50
CA LYS A 46 8.15 13.25 1.28
C LYS A 46 7.73 11.79 1.10
N ALA A 47 6.95 11.30 2.06
CA ALA A 47 6.47 9.92 2.02
C ALA A 47 5.82 9.62 0.66
N LEU A 48 4.82 10.43 0.30
CA LEU A 48 4.14 10.26 -0.97
C LEU A 48 5.14 10.20 -2.12
N GLU A 49 6.08 11.13 -2.13
CA GLU A 49 7.10 11.19 -3.15
C GLU A 49 7.76 9.82 -3.30
N THR A 50 8.15 9.24 -2.18
CA THR A 50 8.77 7.92 -2.17
C THR A 50 7.82 6.90 -2.80
N LEU A 51 6.55 7.00 -2.41
CA LEU A 51 5.52 6.12 -2.93
C LEU A 51 5.35 6.29 -4.43
N ARG A 52 5.55 7.52 -4.91
CA ARG A 52 5.41 7.82 -6.33
C ARG A 52 6.53 7.15 -7.13
N ARG A 53 7.76 7.29 -6.64
CA ARG A 53 8.91 6.70 -7.31
C ARG A 53 8.89 5.17 -7.23
N VAL A 54 8.88 4.65 -6.00
CA VAL A 54 8.87 3.21 -5.78
C VAL A 54 7.57 2.60 -6.31
N GLY A 55 6.47 3.32 -6.14
CA GLY A 55 5.18 2.84 -6.61
C GLY A 55 5.13 2.71 -8.11
N ASP A 56 5.41 3.81 -8.81
CA ASP A 56 5.41 3.81 -10.27
C ASP A 56 6.40 2.78 -10.79
N GLY A 57 7.54 2.66 -10.12
CA GLY A 57 8.53 1.69 -10.52
C GLY A 57 7.99 0.28 -10.50
N VAL A 58 7.56 -0.18 -9.33
CA VAL A 58 7.01 -1.52 -9.19
C VAL A 58 5.86 -1.73 -10.17
N GLN A 59 5.11 -0.67 -10.41
CA GLN A 59 3.98 -0.74 -11.33
C GLN A 59 4.46 -0.96 -12.76
N ARG A 60 5.61 -0.37 -13.08
CA ARG A 60 6.17 -0.50 -14.43
C ARG A 60 7.03 -1.76 -14.55
N ASN A 61 7.78 -2.08 -13.50
CA ASN A 61 8.65 -3.24 -13.50
C ASN A 61 7.91 -4.52 -13.11
N HIS A 62 7.15 -4.46 -12.03
CA HIS A 62 6.40 -5.62 -11.56
C HIS A 62 4.97 -5.65 -12.09
N GLU A 63 4.67 -4.78 -13.06
CA GLU A 63 3.33 -4.71 -13.64
C GLU A 63 2.73 -6.08 -13.87
N THR A 64 3.58 -7.07 -14.14
CA THR A 64 3.12 -8.44 -14.38
C THR A 64 2.51 -9.05 -13.12
N ALA A 65 3.08 -8.71 -11.97
CA ALA A 65 2.58 -9.21 -10.70
C ALA A 65 1.22 -8.62 -10.37
N PHE A 66 1.09 -7.31 -10.57
CA PHE A 66 -0.15 -6.61 -10.30
C PHE A 66 -1.26 -7.15 -11.19
N GLN A 67 -1.00 -7.17 -12.50
CA GLN A 67 -1.98 -7.67 -13.46
C GLN A 67 -2.40 -9.09 -13.13
N GLY A 68 -1.42 -9.96 -12.88
CA GLY A 68 -1.72 -11.34 -12.55
C GLY A 68 -2.60 -11.47 -11.33
N MET A 69 -2.21 -10.83 -10.23
CA MET A 69 -2.99 -10.88 -9.00
C MET A 69 -4.42 -10.38 -9.22
N LEU A 70 -4.54 -9.29 -9.96
CA LEU A 70 -5.85 -8.72 -10.25
C LEU A 70 -6.67 -9.67 -11.12
N ARG A 71 -6.01 -10.24 -12.13
CA ARG A 71 -6.69 -11.18 -13.04
C ARG A 71 -7.32 -12.31 -12.26
N LYS A 72 -6.55 -12.90 -11.34
CA LYS A 72 -7.03 -14.00 -10.53
C LYS A 72 -8.01 -13.50 -9.47
N LEU A 73 -7.64 -12.38 -8.84
CA LEU A 73 -8.47 -11.78 -7.79
C LEU A 73 -9.86 -11.43 -8.32
N ASP A 74 -9.93 -10.43 -9.18
CA ASP A 74 -11.21 -9.99 -9.74
C ASP A 74 -12.17 -9.63 -8.62
N ILE A 75 -12.46 -8.33 -8.48
CA ILE A 75 -13.35 -7.88 -7.42
C ILE A 75 -14.34 -6.83 -7.97
N LYS A 76 -15.56 -6.84 -7.44
CA LYS A 76 -16.58 -5.91 -7.88
C LYS A 76 -17.49 -5.44 -6.73
N ASN A 77 -17.29 -6.00 -5.53
CA ASN A 77 -18.10 -5.62 -4.39
C ASN A 77 -17.30 -5.69 -3.09
N GLU A 78 -17.80 -5.02 -2.05
CA GLU A 78 -17.14 -4.98 -0.75
C GLU A 78 -17.07 -6.38 -0.13
N ASP A 79 -17.96 -7.27 -0.57
CA ASP A 79 -17.99 -8.63 -0.05
C ASP A 79 -16.59 -9.26 -0.03
N ASP A 80 -15.93 -9.24 -1.18
CA ASP A 80 -14.59 -9.81 -1.31
C ASP A 80 -13.61 -9.19 -0.32
N VAL A 81 -13.92 -7.99 0.17
CA VAL A 81 -13.05 -7.30 1.12
C VAL A 81 -12.54 -8.25 2.21
N LYS A 82 -13.43 -9.06 2.74
CA LYS A 82 -13.07 -10.02 3.78
C LYS A 82 -12.07 -11.05 3.23
N SER A 83 -12.23 -11.35 1.95
CA SER A 83 -11.33 -12.29 1.27
C SER A 83 -9.97 -11.64 1.11
N LEU A 84 -9.98 -10.38 0.69
CA LEU A 84 -8.75 -9.63 0.53
C LEU A 84 -8.04 -9.55 1.87
N SER A 85 -8.78 -9.18 2.91
CA SER A 85 -8.24 -9.11 4.25
C SER A 85 -7.53 -10.41 4.57
N ARG A 86 -8.20 -11.52 4.25
CA ARG A 86 -7.62 -12.84 4.46
C ARG A 86 -6.27 -12.95 3.75
N VAL A 87 -6.21 -12.45 2.52
CA VAL A 87 -4.96 -12.47 1.75
C VAL A 87 -3.85 -11.77 2.51
N MET A 88 -4.09 -10.50 2.86
CA MET A 88 -3.12 -9.71 3.61
C MET A 88 -2.61 -10.48 4.83
N ILE A 89 -3.52 -10.83 5.72
CA ILE A 89 -3.16 -11.57 6.91
C ILE A 89 -2.39 -12.84 6.55
N HIS A 90 -2.84 -13.52 5.50
CA HIS A 90 -2.18 -14.74 5.05
C HIS A 90 -0.73 -14.49 4.65
N VAL A 91 -0.44 -13.29 4.16
CA VAL A 91 0.93 -12.95 3.76
C VAL A 91 1.77 -12.56 4.97
N PHE A 92 1.16 -11.86 5.91
CA PHE A 92 1.86 -11.42 7.12
C PHE A 92 1.96 -12.56 8.15
N SER A 93 1.13 -13.58 7.99
CA SER A 93 1.11 -14.72 8.90
C SER A 93 2.50 -15.32 9.10
N ASP A 94 3.38 -15.11 8.13
CA ASP A 94 4.74 -15.66 8.22
C ASP A 94 5.54 -14.97 9.33
N GLY A 95 5.49 -13.65 9.34
CA GLY A 95 6.22 -12.89 10.35
C GLY A 95 7.27 -11.98 9.74
N VAL A 96 7.33 -11.94 8.40
CA VAL A 96 8.29 -11.10 7.71
C VAL A 96 7.71 -9.72 7.42
N THR A 97 8.47 -8.69 7.75
CA THR A 97 8.02 -7.31 7.53
C THR A 97 9.18 -6.41 7.12
N ASN A 98 8.90 -5.51 6.18
CA ASN A 98 9.91 -4.58 5.68
C ASN A 98 9.30 -3.60 4.69
N TRP A 99 10.07 -2.62 4.27
CA TRP A 99 9.60 -1.63 3.31
C TRP A 99 9.14 -2.30 2.03
N GLY A 100 9.84 -3.36 1.64
CA GLY A 100 9.49 -4.10 0.44
C GLY A 100 8.06 -4.59 0.46
N ARG A 101 7.71 -5.31 1.51
CA ARG A 101 6.36 -5.84 1.66
C ARG A 101 5.32 -4.72 1.68
N ILE A 102 5.45 -3.82 2.64
CA ILE A 102 4.52 -2.70 2.78
C ILE A 102 4.25 -2.01 1.45
N VAL A 103 5.29 -1.49 0.82
CA VAL A 103 5.14 -0.79 -0.46
C VAL A 103 4.51 -1.70 -1.51
N THR A 104 4.98 -2.93 -1.61
CA THR A 104 4.45 -3.88 -2.59
C THR A 104 2.94 -4.06 -2.38
N LEU A 105 2.56 -4.31 -1.12
CA LEU A 105 1.16 -4.48 -0.78
C LEU A 105 0.37 -3.22 -1.13
N ILE A 106 0.73 -2.11 -0.49
CA ILE A 106 0.08 -0.84 -0.73
C ILE A 106 -0.08 -0.58 -2.23
N SER A 107 0.98 -0.85 -2.98
CA SER A 107 0.96 -0.65 -4.43
C SER A 107 -0.18 -1.46 -5.05
N PHE A 108 -0.13 -2.78 -4.87
CA PHE A 108 -1.17 -3.65 -5.42
C PHE A 108 -2.56 -3.15 -5.01
N GLY A 109 -2.67 -2.71 -3.75
CA GLY A 109 -3.93 -2.20 -3.26
C GLY A 109 -4.46 -1.05 -4.10
N ALA A 110 -3.65 -0.02 -4.25
CA ALA A 110 -4.03 1.14 -5.04
C ALA A 110 -4.44 0.72 -6.45
N PHE A 111 -3.60 -0.09 -7.10
CA PHE A 111 -3.89 -0.56 -8.45
C PHE A 111 -5.30 -1.13 -8.53
N VAL A 112 -5.56 -2.16 -7.73
CA VAL A 112 -6.88 -2.78 -7.71
C VAL A 112 -7.95 -1.71 -7.53
N ALA A 113 -7.67 -0.75 -6.66
CA ALA A 113 -8.60 0.35 -6.43
C ALA A 113 -8.83 1.13 -7.72
N LYS A 114 -7.75 1.44 -8.43
CA LYS A 114 -7.86 2.16 -9.69
C LYS A 114 -8.88 1.44 -10.57
N HIS A 115 -8.70 0.13 -10.70
CA HIS A 115 -9.61 -0.69 -11.50
C HIS A 115 -11.03 -0.58 -10.97
N LEU A 116 -11.18 -0.62 -9.64
CA LEU A 116 -12.49 -0.51 -9.01
C LEU A 116 -13.21 0.74 -9.50
N LYS A 117 -12.48 1.86 -9.55
CA LYS A 117 -13.05 3.12 -10.00
C LYS A 117 -13.41 3.03 -11.49
N THR A 118 -12.50 2.44 -12.27
CA THR A 118 -12.73 2.30 -13.70
C THR A 118 -13.99 1.48 -13.96
N ILE A 119 -14.30 0.56 -13.04
CA ILE A 119 -15.48 -0.27 -13.18
C ILE A 119 -16.63 0.27 -12.33
N ASN A 120 -16.61 1.58 -12.11
CA ASN A 120 -17.64 2.24 -11.32
C ASN A 120 -17.88 1.51 -10.00
N GLN A 121 -16.85 1.44 -9.17
CA GLN A 121 -16.96 0.78 -7.88
C GLN A 121 -16.09 1.48 -6.84
N GLU A 122 -16.44 2.72 -6.50
CA GLU A 122 -15.69 3.48 -5.52
C GLU A 122 -16.06 3.06 -4.09
N SER A 123 -17.27 2.58 -3.92
CA SER A 123 -17.74 2.14 -2.60
C SER A 123 -16.85 1.03 -2.04
N CYS A 124 -16.12 0.35 -2.93
CA CYS A 124 -15.24 -0.73 -2.51
C CYS A 124 -13.82 -0.22 -2.22
N ILE A 125 -13.64 1.09 -2.28
CA ILE A 125 -12.34 1.70 -2.01
C ILE A 125 -12.17 1.92 -0.51
N GLU A 126 -13.28 2.15 0.18
CA GLU A 126 -13.27 2.36 1.61
C GLU A 126 -12.61 1.17 2.32
N PRO A 127 -13.10 -0.06 2.05
CA PRO A 127 -12.52 -1.26 2.65
C PRO A 127 -11.07 -1.43 2.28
N LEU A 128 -10.73 -0.99 1.07
CA LEU A 128 -9.35 -1.07 0.59
C LEU A 128 -8.41 -0.30 1.51
N ALA A 129 -8.64 1.01 1.60
CA ALA A 129 -7.81 1.87 2.43
C ALA A 129 -7.82 1.43 3.90
N GLU A 130 -9.02 1.29 4.46
CA GLU A 130 -9.16 0.89 5.86
C GLU A 130 -8.51 -0.47 6.11
N SER A 131 -8.69 -1.40 5.19
CA SER A 131 -8.12 -2.74 5.33
C SER A 131 -6.60 -2.68 5.39
N ILE A 132 -5.99 -2.00 4.42
CA ILE A 132 -4.54 -1.87 4.38
C ILE A 132 -4.00 -1.25 5.66
N THR A 133 -4.51 -0.06 5.99
CA THR A 133 -4.07 0.64 7.19
C THR A 133 -4.39 -0.20 8.44
N ASP A 134 -5.51 -0.89 8.41
CA ASP A 134 -5.94 -1.71 9.54
C ASP A 134 -4.91 -2.80 9.84
N VAL A 135 -4.69 -3.70 8.89
CA VAL A 135 -3.74 -4.79 9.06
C VAL A 135 -2.34 -4.27 9.38
N LEU A 136 -1.91 -3.27 8.64
CA LEU A 136 -0.58 -2.69 8.80
C LEU A 136 -0.35 -2.13 10.22
N VAL A 137 -1.31 -1.38 10.73
CA VAL A 137 -1.19 -0.77 12.04
C VAL A 137 -1.70 -1.69 13.17
N ARG A 138 -2.51 -2.68 12.84
CA ARG A 138 -3.07 -3.57 13.84
C ARG A 138 -2.12 -4.71 14.19
N THR A 139 -1.45 -5.28 13.20
CA THR A 139 -0.54 -6.39 13.44
C THR A 139 0.93 -6.03 13.21
N LYS A 140 1.19 -4.89 12.56
CA LYS A 140 2.56 -4.50 12.27
C LYS A 140 2.90 -3.10 12.79
N ARG A 141 2.11 -2.57 13.72
CA ARG A 141 2.36 -1.25 14.26
C ARG A 141 3.73 -1.18 14.93
N ASP A 142 4.07 -2.21 15.70
CA ASP A 142 5.35 -2.26 16.40
C ASP A 142 6.51 -2.10 15.42
N TRP A 143 6.42 -2.79 14.29
CA TRP A 143 7.45 -2.72 13.27
C TRP A 143 7.62 -1.30 12.75
N LEU A 144 6.50 -0.64 12.48
CA LEU A 144 6.51 0.73 11.98
C LEU A 144 7.10 1.68 13.00
N VAL A 145 6.59 1.62 14.23
CA VAL A 145 7.06 2.48 15.30
C VAL A 145 8.51 2.18 15.65
N LYS A 146 8.95 0.95 15.39
CA LYS A 146 10.31 0.54 15.69
C LYS A 146 11.31 1.10 14.66
N GLN A 147 10.88 1.20 13.41
CA GLN A 147 11.74 1.71 12.35
C GLN A 147 11.41 3.16 11.99
N ARG A 148 10.82 3.89 12.94
CA ARG A 148 10.45 5.29 12.73
C ARG A 148 9.11 5.43 11.99
N GLY A 149 8.74 4.40 11.23
CA GLY A 149 7.48 4.44 10.50
C GLY A 149 7.62 5.03 9.11
N TRP A 150 7.13 6.25 8.94
CA TRP A 150 7.19 6.93 7.65
C TRP A 150 8.56 7.54 7.40
N ASP A 151 9.03 8.36 8.35
CA ASP A 151 10.33 9.01 8.23
C ASP A 151 11.43 7.99 7.91
N GLY A 152 11.54 6.97 8.76
CA GLY A 152 12.55 5.94 8.55
C GLY A 152 12.54 5.40 7.14
N PHE A 153 11.38 5.46 6.49
CA PHE A 153 11.24 4.98 5.12
C PHE A 153 11.80 6.01 4.15
N VAL A 154 11.62 7.29 4.47
CA VAL A 154 12.13 8.36 3.64
C VAL A 154 13.64 8.43 3.73
N GLU A 155 14.17 7.96 4.87
CA GLU A 155 15.61 7.93 5.08
C GLU A 155 16.20 6.67 4.48
N PHE A 156 15.46 5.57 4.57
CA PHE A 156 15.91 4.29 4.02
C PHE A 156 15.86 4.32 2.50
N PHE A 157 14.97 5.14 1.94
CA PHE A 157 14.85 5.26 0.50
C PHE A 157 15.58 6.49 0.00
N HIS A 158 15.56 7.56 0.79
CA HIS A 158 16.24 8.80 0.44
C HIS A 158 15.62 9.42 -0.81
N VAL A 159 15.21 10.69 -0.70
CA VAL A 159 14.60 11.39 -1.82
C VAL A 159 15.13 12.83 -1.91
N GLU A 160 16.42 12.99 -1.66
CA GLU A 160 17.05 14.31 -1.71
C GLU A 160 17.09 14.83 -3.14
N ASP A 161 16.48 15.98 -3.37
CA ASP A 161 16.46 16.59 -4.69
C ASP A 161 16.80 18.07 -4.62
N LEU A 162 17.64 18.44 -3.66
CA LEU A 162 18.04 19.82 -3.48
C LEU A 162 19.48 20.02 -3.92
N GLU A 163 19.77 21.21 -4.45
CA GLU A 163 21.11 21.54 -4.92
C GLU A 163 21.90 22.29 -3.85
N GLY A 164 21.31 23.36 -3.35
CA GLY A 164 21.97 24.15 -2.31
C GLY A 164 21.00 25.05 -1.56
N SER B 5 -12.66 -25.13 -11.67
CA SER B 5 -11.58 -24.28 -12.16
C SER B 5 -11.24 -23.20 -11.12
N GLU B 6 -10.03 -23.31 -10.57
CA GLU B 6 -9.53 -22.38 -9.57
C GLU B 6 -10.51 -22.24 -8.41
N SER B 7 -9.96 -21.87 -7.26
CA SER B 7 -10.74 -21.69 -6.05
C SER B 7 -10.24 -20.46 -5.31
N GLN B 8 -11.12 -19.48 -5.16
CA GLN B 8 -10.79 -18.22 -4.50
C GLN B 8 -9.91 -18.46 -3.28
N GLU B 9 -10.19 -19.53 -2.56
CA GLU B 9 -9.39 -19.86 -1.39
C GLU B 9 -7.95 -20.10 -1.79
N ASP B 10 -7.75 -20.99 -2.77
CA ASP B 10 -6.42 -21.29 -3.27
C ASP B 10 -5.85 -20.06 -3.97
N ILE B 11 -6.70 -19.39 -4.74
CA ILE B 11 -6.30 -18.18 -5.45
C ILE B 11 -5.69 -17.17 -4.48
N ILE B 12 -6.54 -16.71 -3.56
CA ILE B 12 -6.14 -15.76 -2.55
C ILE B 12 -4.88 -16.23 -1.81
N ARG B 13 -4.83 -17.52 -1.50
CA ARG B 13 -3.69 -18.09 -0.79
C ARG B 13 -2.41 -17.94 -1.62
N ASN B 14 -2.47 -18.34 -2.88
CA ASN B 14 -1.32 -18.26 -3.77
C ASN B 14 -0.94 -16.81 -4.02
N ILE B 15 -1.94 -15.97 -4.25
CA ILE B 15 -1.69 -14.56 -4.48
C ILE B 15 -1.03 -13.96 -3.25
N ALA B 16 -1.57 -14.29 -2.08
CA ALA B 16 -1.04 -13.80 -0.82
C ALA B 16 0.46 -14.12 -0.70
N ARG B 17 0.78 -15.40 -0.73
CA ARG B 17 2.17 -15.83 -0.63
C ARG B 17 3.02 -15.10 -1.66
N HIS B 18 2.48 -14.95 -2.87
CA HIS B 18 3.19 -14.26 -3.94
C HIS B 18 3.40 -12.79 -3.59
N LEU B 19 2.39 -12.17 -3.01
CA LEU B 19 2.47 -10.76 -2.62
C LEU B 19 3.59 -10.54 -1.63
N ALA B 20 3.58 -11.30 -0.54
CA ALA B 20 4.63 -11.19 0.48
C ALA B 20 6.00 -11.43 -0.15
N GLN B 21 6.08 -12.43 -1.00
CA GLN B 21 7.34 -12.76 -1.67
C GLN B 21 7.81 -11.61 -2.56
N VAL B 22 6.92 -11.10 -3.40
CA VAL B 22 7.24 -10.00 -4.29
C VAL B 22 7.76 -8.80 -3.52
N GLY B 23 7.12 -8.51 -2.39
CA GLY B 23 7.54 -7.40 -1.56
C GLY B 23 8.83 -7.69 -0.83
N ASP B 24 8.97 -8.91 -0.32
CA ASP B 24 10.16 -9.30 0.40
C ASP B 24 11.41 -9.15 -0.47
N SER B 25 11.26 -9.45 -1.75
CA SER B 25 12.38 -9.36 -2.69
C SER B 25 12.56 -7.94 -3.24
N MET B 26 11.45 -7.24 -3.46
CA MET B 26 11.49 -5.88 -4.00
C MET B 26 12.40 -4.97 -3.17
N ASP B 27 12.61 -5.33 -1.91
CA ASP B 27 13.45 -4.53 -1.02
C ASP B 27 14.92 -4.93 -1.12
N ARG B 28 15.16 -6.20 -1.39
CA ARG B 28 16.52 -6.72 -1.52
C ARG B 28 17.23 -6.13 -2.73
N SER B 29 16.49 -5.49 -3.62
CA SER B 29 17.08 -4.90 -4.81
C SER B 29 16.09 -3.98 -5.53
N ILE B 30 16.13 -2.70 -5.18
CA ILE B 30 15.25 -1.70 -5.79
C ILE B 30 15.76 -1.31 -7.18
N PRO B 31 15.02 -1.67 -8.24
CA PRO B 31 15.40 -1.35 -9.62
C PRO B 31 15.68 0.14 -9.83
N PRO B 32 14.77 1.03 -9.38
CA PRO B 32 14.94 2.47 -9.54
C PRO B 32 16.05 3.04 -8.66
N GLY B 33 17.25 2.54 -8.86
CA GLY B 33 18.41 3.00 -8.10
C GLY B 33 18.11 3.24 -6.63
N LEU B 34 17.16 2.47 -6.09
CA LEU B 34 16.78 2.60 -4.68
C LEU B 34 16.47 4.06 -4.33
N VAL B 35 16.02 4.82 -5.33
CA VAL B 35 15.69 6.22 -5.12
C VAL B 35 14.72 6.71 -6.19
N ALA A 5 -11.79 7.39 16.68
CA ALA A 5 -11.37 8.23 17.80
C ALA A 5 -12.38 8.18 18.93
N GLU A 6 -12.02 7.53 20.03
CA GLU A 6 -12.90 7.42 21.18
C GLU A 6 -12.11 7.46 22.48
N GLU A 7 -11.31 6.42 22.71
CA GLU A 7 -10.49 6.33 23.91
C GLU A 7 -9.36 7.36 23.88
N GLU A 8 -8.41 7.14 22.99
CA GLU A 8 -7.26 8.04 22.85
C GLU A 8 -6.75 8.07 21.41
N GLU A 9 -6.94 9.20 20.74
CA GLU A 9 -6.50 9.37 19.37
C GLU A 9 -5.03 9.00 19.21
N ASP A 10 -4.61 8.78 17.96
CA ASP A 10 -3.23 8.42 17.68
C ASP A 10 -2.71 9.20 16.47
N GLU A 11 -1.48 9.69 16.58
CA GLU A 11 -0.87 10.46 15.48
C GLU A 11 -0.54 9.56 14.31
N LEU A 12 0.15 8.46 14.56
CA LEU A 12 0.52 7.52 13.51
C LEU A 12 -0.72 7.04 12.76
N TYR A 13 -1.74 6.63 13.51
CA TYR A 13 -2.99 6.17 12.91
C TYR A 13 -3.54 7.24 11.98
N ARG A 14 -3.80 8.42 12.55
CA ARG A 14 -4.33 9.54 11.79
C ARG A 14 -3.49 9.83 10.54
N GLN A 15 -2.17 9.88 10.72
CA GLN A 15 -1.27 10.15 9.60
C GLN A 15 -1.36 9.05 8.54
N SER A 16 -1.55 7.82 9.00
CA SER A 16 -1.66 6.68 8.10
C SER A 16 -2.97 6.72 7.33
N LEU A 17 -4.09 6.80 8.06
CA LEU A 17 -5.41 6.85 7.43
C LEU A 17 -5.55 8.13 6.60
N GLU A 18 -4.92 9.20 7.07
CA GLU A 18 -4.98 10.48 6.38
C GLU A 18 -4.29 10.41 5.01
N ILE A 19 -3.02 10.01 5.01
CA ILE A 19 -2.27 9.90 3.77
C ILE A 19 -2.92 8.89 2.83
N ILE A 20 -3.14 7.67 3.31
CA ILE A 20 -3.74 6.61 2.50
C ILE A 20 -5.11 7.04 1.95
N SER A 21 -5.90 7.71 2.78
CA SER A 21 -7.23 8.16 2.37
C SER A 21 -7.14 9.20 1.26
N ARG A 22 -6.52 10.33 1.56
CA ARG A 22 -6.37 11.41 0.59
C ARG A 22 -5.62 10.92 -0.65
N TYR A 23 -4.67 10.03 -0.43
CA TYR A 23 -3.87 9.47 -1.53
C TYR A 23 -4.74 8.69 -2.49
N LEU A 24 -5.31 7.58 -2.03
CA LEU A 24 -6.15 6.74 -2.85
C LEU A 24 -7.34 7.52 -3.41
N ARG A 25 -8.02 8.27 -2.54
CA ARG A 25 -9.17 9.05 -2.96
C ARG A 25 -8.83 10.00 -4.11
N GLU A 26 -7.75 10.75 -3.94
CA GLU A 26 -7.30 11.70 -4.96
C GLU A 26 -6.64 10.98 -6.13
N GLN A 27 -6.21 9.74 -5.90
CA GLN A 27 -5.56 8.96 -6.94
C GLN A 27 -6.57 8.28 -7.84
N ALA A 28 -7.70 7.89 -7.25
CA ALA A 28 -8.77 7.21 -7.99
C ALA A 28 -9.57 8.19 -8.84
N THR A 29 -9.37 9.48 -8.62
CA THR A 29 -10.09 10.50 -9.38
C THR A 29 -9.20 11.10 -10.46
N GLY A 30 -7.90 11.17 -10.19
CA GLY A 30 -6.97 11.73 -11.15
C GLY A 30 -7.37 13.12 -11.62
N ALA A 31 -8.23 13.79 -10.84
CA ALA A 31 -8.68 15.13 -11.19
C ALA A 31 -7.85 16.19 -10.47
N LYS A 32 -6.72 16.55 -11.09
CA LYS A 32 -5.81 17.56 -10.54
C LYS A 32 -6.01 17.79 -9.05
N ASP A 33 -5.37 16.95 -8.24
CA ASP A 33 -5.46 17.06 -6.79
C ASP A 33 -4.19 17.63 -6.19
N THR A 34 -4.15 18.96 -6.02
CA THR A 34 -2.99 19.63 -5.46
C THR A 34 -3.33 20.33 -4.15
N LYS A 35 -4.41 19.90 -3.51
CA LYS A 35 -4.84 20.48 -2.24
C LYS A 35 -4.73 22.01 -2.26
N PRO A 36 -5.72 22.69 -2.85
CA PRO A 36 -5.72 24.15 -2.94
C PRO A 36 -5.48 24.81 -1.59
N MET A 37 -6.47 24.80 -0.71
CA MET A 37 -6.32 25.40 0.61
C MET A 37 -5.51 24.51 1.54
N GLY A 38 -5.49 24.84 2.82
CA GLY A 38 -4.76 24.07 3.79
C GLY A 38 -3.27 24.04 3.50
N ARG A 39 -2.54 23.15 4.18
CA ARG A 39 -1.10 23.02 3.98
C ARG A 39 -0.70 21.57 3.82
N SER A 40 0.50 21.35 3.29
CA SER A 40 1.00 20.00 3.07
C SER A 40 1.80 19.52 4.29
N GLY A 41 2.48 18.39 4.13
CA GLY A 41 3.28 17.85 5.22
C GLY A 41 4.64 17.38 4.74
N ALA A 42 5.69 17.78 5.46
CA ALA A 42 7.05 17.39 5.12
C ALA A 42 7.16 15.89 4.89
N THR A 43 6.82 15.13 5.91
CA THR A 43 6.84 13.67 5.81
C THR A 43 5.90 13.21 4.71
N SER A 44 4.78 13.92 4.59
CA SER A 44 3.79 13.60 3.57
C SER A 44 4.38 13.72 2.17
N ARG A 45 5.00 14.86 1.90
CA ARG A 45 5.60 15.11 0.59
C ARG A 45 6.69 14.07 0.30
N LYS A 46 7.58 13.84 1.26
CA LYS A 46 8.65 12.88 1.10
C LYS A 46 8.09 11.48 0.88
N ALA A 47 7.25 11.03 1.80
CA ALA A 47 6.64 9.71 1.72
C ALA A 47 5.95 9.51 0.37
N LEU A 48 4.98 10.38 0.08
CA LEU A 48 4.24 10.30 -1.17
C LEU A 48 5.19 10.21 -2.37
N GLU A 49 6.12 11.16 -2.44
CA GLU A 49 7.10 11.20 -3.53
C GLU A 49 7.74 9.83 -3.72
N THR A 50 8.20 9.24 -2.61
CA THR A 50 8.81 7.92 -2.66
C THR A 50 7.83 6.91 -3.25
N LEU A 51 6.57 7.03 -2.84
CA LEU A 51 5.52 6.16 -3.33
C LEU A 51 5.34 6.32 -4.83
N ARG A 52 5.50 7.54 -5.32
CA ARG A 52 5.35 7.83 -6.74
C ARG A 52 6.47 7.16 -7.55
N ARG A 53 7.70 7.32 -7.09
CA ARG A 53 8.85 6.73 -7.77
C ARG A 53 8.83 5.21 -7.67
N VAL A 54 8.86 4.70 -6.45
CA VAL A 54 8.85 3.25 -6.22
C VAL A 54 7.55 2.63 -6.74
N GLY A 55 6.46 3.38 -6.62
CA GLY A 55 5.17 2.89 -7.09
C GLY A 55 5.15 2.70 -8.59
N ASP A 56 5.42 3.77 -9.32
CA ASP A 56 5.44 3.71 -10.78
C ASP A 56 6.43 2.66 -11.24
N GLY A 57 7.56 2.58 -10.54
CA GLY A 57 8.58 1.60 -10.88
C GLY A 57 8.04 0.18 -10.81
N VAL A 58 7.48 -0.19 -9.67
CA VAL A 58 6.92 -1.52 -9.49
C VAL A 58 5.85 -1.79 -10.52
N GLN A 59 5.06 -0.76 -10.83
CA GLN A 59 4.00 -0.89 -11.81
C GLN A 59 4.57 -1.15 -13.20
N ARG A 60 5.75 -0.57 -13.46
CA ARG A 60 6.40 -0.74 -14.76
C ARG A 60 7.26 -1.99 -14.81
N ASN A 61 7.97 -2.27 -13.72
CA ASN A 61 8.84 -3.43 -13.66
C ASN A 61 8.08 -4.70 -13.24
N HIS A 62 7.28 -4.59 -12.18
CA HIS A 62 6.54 -5.73 -11.68
C HIS A 62 5.14 -5.83 -12.30
N GLU A 63 4.91 -5.08 -13.37
CA GLU A 63 3.61 -5.05 -14.06
C GLU A 63 2.94 -6.43 -14.08
N THR A 64 3.74 -7.48 -14.29
CA THR A 64 3.21 -8.84 -14.36
C THR A 64 2.62 -9.29 -13.01
N ALA A 65 3.15 -8.76 -11.92
CA ALA A 65 2.67 -9.10 -10.60
C ALA A 65 1.26 -8.57 -10.34
N PHE A 66 1.07 -7.28 -10.58
CA PHE A 66 -0.24 -6.67 -10.37
C PHE A 66 -1.26 -7.23 -11.35
N GLN A 67 -0.85 -7.34 -12.62
CA GLN A 67 -1.73 -7.88 -13.64
C GLN A 67 -2.20 -9.29 -13.29
N GLY A 68 -1.25 -10.15 -12.91
CA GLY A 68 -1.57 -11.52 -12.56
C GLY A 68 -2.49 -11.63 -11.34
N MET A 69 -2.09 -10.99 -10.24
CA MET A 69 -2.89 -11.05 -9.02
C MET A 69 -4.30 -10.52 -9.25
N LEU A 70 -4.41 -9.40 -9.96
CA LEU A 70 -5.71 -8.82 -10.26
C LEU A 70 -6.52 -9.75 -11.15
N ARG A 71 -5.85 -10.40 -12.09
CA ARG A 71 -6.50 -11.31 -13.01
C ARG A 71 -7.17 -12.46 -12.25
N LYS A 72 -6.43 -13.05 -11.32
CA LYS A 72 -6.95 -14.15 -10.51
C LYS A 72 -7.93 -13.63 -9.46
N LEU A 73 -7.55 -12.53 -8.83
CA LEU A 73 -8.36 -11.91 -7.79
C LEU A 73 -9.74 -11.53 -8.32
N ASP A 74 -9.80 -10.51 -9.17
CA ASP A 74 -11.06 -10.04 -9.71
C ASP A 74 -11.99 -9.61 -8.59
N ILE A 75 -12.27 -8.31 -8.51
CA ILE A 75 -13.13 -7.79 -7.45
C ILE A 75 -14.28 -6.98 -8.04
N LYS A 76 -15.35 -6.83 -7.27
CA LYS A 76 -16.53 -6.08 -7.70
C LYS A 76 -17.60 -6.06 -6.62
N ASN A 77 -17.62 -7.10 -5.78
CA ASN A 77 -18.60 -7.20 -4.71
C ASN A 77 -17.92 -7.11 -3.34
N GLU A 78 -18.53 -6.35 -2.43
CA GLU A 78 -17.99 -6.18 -1.08
C GLU A 78 -17.59 -7.51 -0.44
N ASP A 79 -18.15 -8.60 -0.94
CA ASP A 79 -17.86 -9.93 -0.40
C ASP A 79 -16.36 -10.23 -0.47
N ASP A 80 -15.74 -9.94 -1.60
CA ASP A 80 -14.32 -10.20 -1.78
C ASP A 80 -13.50 -9.47 -0.71
N VAL A 81 -14.03 -8.36 -0.21
CA VAL A 81 -13.34 -7.57 0.81
C VAL A 81 -12.77 -8.47 1.91
N LYS A 82 -13.63 -9.28 2.51
CA LYS A 82 -13.19 -10.19 3.57
C LYS A 82 -12.19 -11.20 3.02
N SER A 83 -12.31 -11.48 1.72
CA SER A 83 -11.40 -12.40 1.05
C SER A 83 -10.03 -11.76 0.96
N LEU A 84 -10.01 -10.50 0.55
CA LEU A 84 -8.76 -9.75 0.46
C LEU A 84 -8.10 -9.73 1.82
N SER A 85 -8.88 -9.38 2.84
CA SER A 85 -8.39 -9.35 4.20
C SER A 85 -7.68 -10.67 4.51
N ARG A 86 -8.35 -11.77 4.15
CA ARG A 86 -7.77 -13.09 4.35
C ARG A 86 -6.40 -13.17 3.67
N VAL A 87 -6.32 -12.64 2.45
CA VAL A 87 -5.05 -12.63 1.72
C VAL A 87 -3.99 -11.88 2.51
N MET A 88 -4.30 -10.63 2.83
CA MET A 88 -3.40 -9.77 3.59
C MET A 88 -2.95 -10.44 4.89
N ILE A 89 -3.90 -10.82 5.71
CA ILE A 89 -3.59 -11.48 6.97
C ILE A 89 -2.74 -12.74 6.73
N HIS A 90 -3.08 -13.47 5.67
CA HIS A 90 -2.37 -14.69 5.33
C HIS A 90 -0.91 -14.41 4.94
N VAL A 91 -0.65 -13.25 4.35
CA VAL A 91 0.72 -12.91 3.95
C VAL A 91 1.52 -12.42 5.16
N PHE A 92 0.86 -11.66 6.03
CA PHE A 92 1.52 -11.13 7.22
C PHE A 92 1.65 -12.22 8.30
N SER A 93 0.78 -13.23 8.22
CA SER A 93 0.79 -14.33 9.18
C SER A 93 2.18 -14.94 9.33
N ASP A 94 3.02 -14.78 8.33
CA ASP A 94 4.38 -15.32 8.37
C ASP A 94 5.20 -14.63 9.46
N GLY A 95 5.12 -13.31 9.50
CA GLY A 95 5.85 -12.54 10.48
C GLY A 95 6.93 -11.69 9.84
N VAL A 96 7.00 -11.71 8.51
CA VAL A 96 8.00 -10.94 7.80
C VAL A 96 7.53 -9.50 7.56
N THR A 97 8.29 -8.54 8.09
CA THR A 97 7.96 -7.12 7.96
C THR A 97 9.13 -6.37 7.32
N ASN A 98 8.88 -5.73 6.19
CA ASN A 98 9.92 -4.99 5.49
C ASN A 98 9.32 -3.92 4.58
N TRP A 99 10.09 -2.87 4.31
CA TRP A 99 9.63 -1.79 3.44
C TRP A 99 9.07 -2.35 2.13
N GLY A 100 9.76 -3.36 1.61
CA GLY A 100 9.34 -4.01 0.38
C GLY A 100 7.91 -4.48 0.46
N ARG A 101 7.55 -5.09 1.58
CA ARG A 101 6.20 -5.59 1.81
C ARG A 101 5.18 -4.46 1.72
N ILE A 102 5.27 -3.52 2.64
CA ILE A 102 4.35 -2.40 2.71
C ILE A 102 4.15 -1.71 1.36
N VAL A 103 5.24 -1.31 0.70
CA VAL A 103 5.12 -0.63 -0.57
C VAL A 103 4.49 -1.55 -1.63
N THR A 104 4.91 -2.81 -1.67
CA THR A 104 4.35 -3.76 -2.62
C THR A 104 2.84 -3.88 -2.45
N LEU A 105 2.42 -4.15 -1.21
CA LEU A 105 0.99 -4.28 -0.91
C LEU A 105 0.26 -3.00 -1.27
N ILE A 106 0.62 -1.90 -0.61
CA ILE A 106 -0.01 -0.60 -0.86
C ILE A 106 -0.10 -0.33 -2.35
N SER A 107 0.99 -0.53 -3.08
CA SER A 107 1.01 -0.30 -4.52
C SER A 107 -0.12 -1.08 -5.20
N PHE A 108 -0.10 -2.40 -5.05
CA PHE A 108 -1.13 -3.24 -5.65
C PHE A 108 -2.52 -2.78 -5.21
N GLY A 109 -2.68 -2.55 -3.90
CA GLY A 109 -3.96 -2.09 -3.38
C GLY A 109 -4.47 -0.90 -4.15
N ALA A 110 -3.62 0.10 -4.30
CA ALA A 110 -3.97 1.32 -5.03
C ALA A 110 -4.43 0.98 -6.45
N PHE A 111 -3.64 0.17 -7.14
CA PHE A 111 -3.97 -0.23 -8.51
C PHE A 111 -5.39 -0.79 -8.58
N VAL A 112 -5.65 -1.84 -7.80
CA VAL A 112 -6.97 -2.46 -7.77
C VAL A 112 -8.04 -1.38 -7.58
N ALA A 113 -7.79 -0.47 -6.65
CA ALA A 113 -8.73 0.61 -6.39
C ALA A 113 -8.98 1.43 -7.67
N LYS A 114 -7.90 1.70 -8.42
CA LYS A 114 -8.04 2.43 -9.66
C LYS A 114 -9.04 1.71 -10.56
N HIS A 115 -8.81 0.40 -10.72
CA HIS A 115 -9.70 -0.43 -11.52
C HIS A 115 -11.13 -0.35 -10.99
N LEU A 116 -11.26 -0.37 -9.66
CA LEU A 116 -12.58 -0.28 -9.03
C LEU A 116 -13.31 0.96 -9.54
N LYS A 117 -12.64 2.11 -9.49
CA LYS A 117 -13.22 3.36 -9.96
C LYS A 117 -13.61 3.23 -11.43
N THR A 118 -12.71 2.65 -12.22
CA THR A 118 -12.96 2.45 -13.65
C THR A 118 -14.22 1.63 -13.88
N ILE A 119 -14.50 0.71 -12.96
CA ILE A 119 -15.68 -0.14 -13.06
C ILE A 119 -16.79 0.39 -12.15
N ASN A 120 -16.77 1.70 -11.94
CA ASN A 120 -17.77 2.35 -11.08
C ASN A 120 -17.93 1.61 -9.76
N GLN A 121 -16.86 1.54 -8.99
CA GLN A 121 -16.87 0.86 -7.70
C GLN A 121 -15.99 1.59 -6.69
N GLU A 122 -16.29 2.86 -6.45
CA GLU A 122 -15.51 3.66 -5.51
C GLU A 122 -15.88 3.32 -4.07
N SER A 123 -17.11 2.87 -3.87
CA SER A 123 -17.60 2.51 -2.54
C SER A 123 -16.78 1.36 -1.93
N CYS A 124 -16.09 0.60 -2.78
CA CYS A 124 -15.29 -0.52 -2.31
C CYS A 124 -13.85 -0.10 -2.03
N ILE A 125 -13.61 1.21 -1.95
CA ILE A 125 -12.29 1.74 -1.66
C ILE A 125 -12.09 1.88 -0.16
N GLU A 126 -13.19 2.14 0.55
CA GLU A 126 -13.16 2.27 2.00
C GLU A 126 -12.49 1.05 2.62
N PRO A 127 -12.95 -0.17 2.27
CA PRO A 127 -12.36 -1.40 2.80
C PRO A 127 -10.92 -1.57 2.37
N LEU A 128 -10.59 -1.04 1.19
CA LEU A 128 -9.24 -1.11 0.67
C LEU A 128 -8.27 -0.36 1.58
N ALA A 129 -8.48 0.94 1.69
CA ALA A 129 -7.63 1.79 2.53
C ALA A 129 -7.62 1.31 3.97
N GLU A 130 -8.81 1.10 4.53
CA GLU A 130 -8.92 0.66 5.91
C GLU A 130 -8.24 -0.69 6.11
N SER A 131 -8.32 -1.55 5.10
CA SER A 131 -7.70 -2.87 5.16
C SER A 131 -6.19 -2.75 5.28
N ILE A 132 -5.58 -2.07 4.33
CA ILE A 132 -4.13 -1.90 4.33
C ILE A 132 -3.65 -1.24 5.63
N THR A 133 -4.23 -0.10 5.96
CA THR A 133 -3.86 0.62 7.17
C THR A 133 -4.13 -0.20 8.41
N ASP A 134 -5.30 -0.85 8.47
CA ASP A 134 -5.68 -1.66 9.61
C ASP A 134 -4.63 -2.74 9.89
N VAL A 135 -4.43 -3.64 8.95
CA VAL A 135 -3.46 -4.72 9.12
C VAL A 135 -2.06 -4.18 9.40
N LEU A 136 -1.67 -3.15 8.67
CA LEU A 136 -0.35 -2.53 8.83
C LEU A 136 -0.12 -2.03 10.25
N VAL A 137 -1.07 -1.27 10.77
CA VAL A 137 -0.95 -0.70 12.12
C VAL A 137 -1.41 -1.69 13.19
N ARG A 138 -2.13 -2.73 12.78
CA ARG A 138 -2.64 -3.72 13.73
C ARG A 138 -1.58 -4.75 14.14
N THR A 139 -0.94 -5.38 13.16
CA THR A 139 0.05 -6.41 13.46
C THR A 139 1.48 -6.00 13.11
N LYS A 140 1.67 -4.82 12.51
CA LYS A 140 3.01 -4.37 12.14
C LYS A 140 3.34 -2.99 12.70
N ARG A 141 2.49 -2.48 13.58
CA ARG A 141 2.71 -1.16 14.18
C ARG A 141 4.05 -1.08 14.89
N ASP A 142 4.36 -2.11 15.69
CA ASP A 142 5.62 -2.15 16.44
C ASP A 142 6.82 -2.00 15.50
N TRP A 143 6.78 -2.70 14.38
CA TRP A 143 7.86 -2.64 13.40
C TRP A 143 8.05 -1.23 12.86
N LEU A 144 6.93 -0.57 12.56
CA LEU A 144 6.97 0.78 12.04
C LEU A 144 7.46 1.78 13.09
N VAL A 145 6.83 1.76 14.26
CA VAL A 145 7.20 2.66 15.34
C VAL A 145 8.69 2.56 15.66
N LYS A 146 9.18 1.34 15.86
CA LYS A 146 10.59 1.12 16.18
C LYS A 146 11.49 1.67 15.08
N GLN A 147 10.98 1.69 13.84
CA GLN A 147 11.76 2.18 12.70
C GLN A 147 11.35 3.59 12.31
N ARG A 148 10.82 4.36 13.28
CA ARG A 148 10.38 5.74 13.04
C ARG A 148 9.06 5.81 12.26
N GLY A 149 8.69 4.70 11.62
CA GLY A 149 7.44 4.67 10.87
C GLY A 149 7.60 5.13 9.43
N TRP A 150 7.07 6.30 9.13
CA TRP A 150 7.15 6.86 7.79
C TRP A 150 8.50 7.52 7.53
N ASP A 151 9.01 8.25 8.52
CA ASP A 151 10.30 8.93 8.39
C ASP A 151 11.40 7.93 8.07
N GLY A 152 11.53 6.91 8.92
CA GLY A 152 12.54 5.90 8.71
C GLY A 152 12.42 5.24 7.35
N PHE A 153 11.20 5.18 6.84
CA PHE A 153 10.94 4.57 5.55
C PHE A 153 11.56 5.42 4.44
N VAL A 154 11.40 6.73 4.57
CA VAL A 154 11.96 7.66 3.59
C VAL A 154 13.48 7.60 3.60
N GLU A 155 14.06 7.69 4.81
CA GLU A 155 15.50 7.64 4.96
C GLU A 155 16.07 6.33 4.40
N PHE A 156 15.37 5.23 4.65
CA PHE A 156 15.80 3.92 4.18
C PHE A 156 15.59 3.80 2.67
N PHE A 157 14.59 4.50 2.15
CA PHE A 157 14.30 4.47 0.73
C PHE A 157 15.18 5.44 -0.05
N HIS A 158 15.70 6.45 0.64
CA HIS A 158 16.56 7.45 0.02
C HIS A 158 15.78 8.27 -1.02
N VAL A 159 15.51 7.66 -2.16
CA VAL A 159 14.79 8.33 -3.25
C VAL A 159 15.29 9.76 -3.46
N GLU A 160 16.61 9.94 -3.35
CA GLU A 160 17.22 11.25 -3.54
C GLU A 160 18.10 11.28 -4.78
N ASP A 161 18.32 12.47 -5.33
CA ASP A 161 19.15 12.62 -6.52
C ASP A 161 20.33 13.56 -6.25
N LEU A 162 20.67 13.73 -4.98
CA LEU A 162 21.78 14.60 -4.59
C LEU A 162 21.64 15.99 -5.20
N GLU A 163 22.56 16.88 -4.85
CA GLU A 163 22.54 18.25 -5.36
C GLU A 163 21.20 18.92 -5.07
N GLY A 164 21.20 19.78 -4.05
CA GLY A 164 19.98 20.49 -3.68
C GLY A 164 20.16 21.99 -3.66
N SER B 5 -12.45 -24.72 -13.61
CA SER B 5 -13.03 -24.45 -12.30
C SER B 5 -11.99 -24.62 -11.20
N GLU B 6 -11.82 -23.59 -10.38
CA GLU B 6 -10.85 -23.62 -9.29
C GLU B 6 -11.53 -23.23 -7.98
N SER B 7 -10.75 -22.75 -7.02
CA SER B 7 -11.27 -22.36 -5.72
C SER B 7 -10.56 -21.11 -5.21
N GLN B 8 -11.29 -19.98 -5.22
CA GLN B 8 -10.75 -18.70 -4.78
C GLN B 8 -9.89 -18.84 -3.53
N GLU B 9 -10.21 -19.80 -2.69
CA GLU B 9 -9.44 -20.02 -1.46
C GLU B 9 -7.98 -20.28 -1.79
N ASP B 10 -7.73 -21.21 -2.72
CA ASP B 10 -6.38 -21.52 -3.13
C ASP B 10 -5.77 -20.31 -3.82
N ILE B 11 -6.58 -19.66 -4.65
CA ILE B 11 -6.16 -18.46 -5.36
C ILE B 11 -5.62 -17.42 -4.39
N ILE B 12 -6.51 -16.93 -3.52
CA ILE B 12 -6.16 -15.95 -2.51
C ILE B 12 -4.92 -16.39 -1.74
N ARG B 13 -4.88 -17.66 -1.37
CA ARG B 13 -3.75 -18.20 -0.60
C ARG B 13 -2.45 -18.06 -1.40
N ASN B 14 -2.46 -18.53 -2.64
CA ASN B 14 -1.28 -18.47 -3.49
C ASN B 14 -0.91 -17.02 -3.79
N ILE B 15 -1.91 -16.20 -4.05
CA ILE B 15 -1.68 -14.80 -4.32
C ILE B 15 -1.04 -14.17 -3.10
N ALA B 16 -1.61 -14.46 -1.93
CA ALA B 16 -1.11 -13.92 -0.68
C ALA B 16 0.38 -14.21 -0.52
N ARG B 17 0.74 -15.49 -0.49
CA ARG B 17 2.14 -15.88 -0.35
C ARG B 17 3.00 -15.15 -1.39
N HIS B 18 2.45 -15.04 -2.61
CA HIS B 18 3.14 -14.37 -3.69
C HIS B 18 3.34 -12.89 -3.36
N LEU B 19 2.29 -12.25 -2.84
CA LEU B 19 2.36 -10.83 -2.48
C LEU B 19 3.46 -10.58 -1.48
N ALA B 20 3.44 -11.31 -0.36
CA ALA B 20 4.47 -11.15 0.65
C ALA B 20 5.85 -11.36 0.05
N GLN B 21 5.97 -12.37 -0.81
CA GLN B 21 7.23 -12.68 -1.47
C GLN B 21 7.68 -11.52 -2.34
N VAL B 22 6.76 -11.00 -3.17
CA VAL B 22 7.06 -9.89 -4.04
C VAL B 22 7.58 -8.69 -3.24
N GLY B 23 6.91 -8.41 -2.13
CA GLY B 23 7.32 -7.30 -1.29
C GLY B 23 8.72 -7.48 -0.72
N ASP B 24 8.97 -8.63 -0.12
CA ASP B 24 10.28 -8.92 0.47
C ASP B 24 11.39 -8.77 -0.57
N SER B 25 11.13 -9.24 -1.79
CA SER B 25 12.12 -9.17 -2.86
C SER B 25 12.23 -7.76 -3.44
N MET B 26 11.10 -7.09 -3.61
CA MET B 26 11.08 -5.74 -4.18
C MET B 26 12.02 -4.80 -3.42
N ASP B 27 12.30 -5.12 -2.17
CA ASP B 27 13.18 -4.29 -1.35
C ASP B 27 14.64 -4.50 -1.76
N ARG B 28 15.08 -5.74 -1.73
CA ARG B 28 16.45 -6.08 -2.09
C ARG B 28 16.52 -6.57 -3.53
N SER B 29 16.19 -5.70 -4.48
CA SER B 29 16.22 -6.06 -5.89
C SER B 29 15.86 -4.86 -6.76
N ILE B 30 16.38 -3.69 -6.40
CA ILE B 30 16.11 -2.47 -7.16
C ILE B 30 17.11 -2.30 -8.30
N PRO B 31 16.64 -2.41 -9.55
CA PRO B 31 17.51 -2.26 -10.72
C PRO B 31 18.28 -0.93 -10.70
N PRO B 32 17.58 0.19 -10.45
CA PRO B 32 18.22 1.51 -10.40
C PRO B 32 19.00 1.71 -9.09
N GLY B 33 19.44 2.94 -8.86
CA GLY B 33 20.19 3.24 -7.65
C GLY B 33 19.31 3.78 -6.54
N LEU B 34 18.17 3.15 -6.34
CA LEU B 34 17.24 3.57 -5.30
C LEU B 34 17.27 2.63 -4.11
N VAL B 35 18.45 2.12 -3.80
CA VAL B 35 18.63 1.20 -2.69
C VAL B 35 18.20 1.85 -1.37
N ALA A 5 6.28 16.70 20.93
CA ALA A 5 5.35 16.12 21.88
C ALA A 5 4.00 16.82 21.83
N GLU A 6 2.92 16.04 21.94
CA GLU A 6 1.57 16.59 21.91
C GLU A 6 0.59 15.65 22.58
N GLU A 7 -0.60 16.16 22.89
CA GLU A 7 -1.64 15.37 23.54
C GLU A 7 -2.62 14.82 22.52
N GLU A 8 -2.27 13.68 21.92
CA GLU A 8 -3.13 13.05 20.92
C GLU A 8 -3.09 11.53 21.06
N GLU A 9 -4.23 10.90 20.82
CA GLU A 9 -4.33 9.44 20.91
C GLU A 9 -3.26 8.76 20.07
N ASP A 10 -3.48 8.74 18.76
CA ASP A 10 -2.53 8.12 17.84
C ASP A 10 -2.50 8.85 16.51
N GLU A 11 -1.50 9.71 16.34
CA GLU A 11 -1.35 10.48 15.11
C GLU A 11 -1.01 9.58 13.93
N LEU A 12 -0.41 8.43 14.22
CA LEU A 12 -0.02 7.47 13.19
C LEU A 12 -1.26 6.96 12.46
N TYR A 13 -2.32 6.72 13.22
CA TYR A 13 -3.57 6.22 12.66
C TYR A 13 -4.20 7.27 11.76
N ARG A 14 -4.33 8.48 12.29
CA ARG A 14 -4.91 9.59 11.55
C ARG A 14 -4.08 9.94 10.32
N GLN A 15 -2.78 10.15 10.52
CA GLN A 15 -1.89 10.49 9.41
C GLN A 15 -1.85 9.36 8.38
N SER A 16 -1.93 8.12 8.86
CA SER A 16 -1.91 6.97 7.98
C SER A 16 -3.19 6.86 7.18
N LEU A 17 -4.34 6.88 7.87
CA LEU A 17 -5.63 6.80 7.21
C LEU A 17 -5.89 8.03 6.35
N GLU A 18 -5.37 9.17 6.79
CA GLU A 18 -5.54 10.42 6.06
C GLU A 18 -4.77 10.39 4.75
N ILE A 19 -3.49 10.03 4.82
CA ILE A 19 -2.66 9.97 3.62
C ILE A 19 -3.18 8.90 2.66
N ILE A 20 -3.34 7.68 3.15
CA ILE A 20 -3.83 6.57 2.33
C ILE A 20 -5.19 6.90 1.69
N SER A 21 -6.11 7.43 2.51
CA SER A 21 -7.44 7.78 2.01
C SER A 21 -7.34 8.81 0.89
N ARG A 22 -6.66 9.91 1.18
CA ARG A 22 -6.48 10.97 0.21
C ARG A 22 -5.70 10.46 -1.00
N TYR A 23 -4.89 9.43 -0.78
CA TYR A 23 -4.09 8.85 -1.85
C TYR A 23 -4.97 8.15 -2.87
N LEU A 24 -5.64 7.08 -2.45
CA LEU A 24 -6.53 6.34 -3.34
C LEU A 24 -7.62 7.24 -3.91
N ARG A 25 -8.09 8.16 -3.09
CA ARG A 25 -9.15 9.08 -3.51
C ARG A 25 -8.68 10.00 -4.62
N GLU A 26 -7.51 10.60 -4.45
CA GLU A 26 -6.96 11.52 -5.43
C GLU A 26 -6.33 10.79 -6.61
N GLN A 27 -5.87 9.56 -6.38
CA GLN A 27 -5.25 8.76 -7.42
C GLN A 27 -6.30 8.03 -8.25
N ALA A 28 -7.39 7.65 -7.60
CA ALA A 28 -8.47 6.93 -8.28
C ALA A 28 -9.44 7.88 -8.96
N THR A 29 -9.33 9.17 -8.67
CA THR A 29 -10.21 10.17 -9.26
C THR A 29 -9.55 10.82 -10.47
N GLY A 30 -8.23 10.95 -10.43
CA GLY A 30 -7.51 11.55 -11.53
C GLY A 30 -7.50 13.07 -11.47
N ALA A 31 -8.34 13.64 -10.61
CA ALA A 31 -8.42 15.09 -10.48
C ALA A 31 -7.23 15.63 -9.69
N LYS A 32 -6.15 15.90 -10.41
CA LYS A 32 -4.93 16.42 -9.79
C LYS A 32 -5.13 17.87 -9.34
N ASP A 33 -5.68 18.03 -8.15
CA ASP A 33 -5.93 19.36 -7.60
C ASP A 33 -4.65 19.95 -7.02
N THR A 34 -3.92 20.68 -7.84
CA THR A 34 -2.66 21.31 -7.41
C THR A 34 -2.94 22.60 -6.65
N LYS A 35 -3.66 22.49 -5.54
CA LYS A 35 -3.98 23.66 -4.72
C LYS A 35 -4.07 23.28 -3.25
N PRO A 36 -2.92 23.08 -2.61
CA PRO A 36 -2.84 22.70 -1.20
C PRO A 36 -2.84 23.92 -0.27
N MET A 37 -2.57 25.10 -0.83
CA MET A 37 -2.54 26.33 -0.06
C MET A 37 -1.39 26.32 0.95
N GLY A 38 -0.41 25.46 0.71
CA GLY A 38 0.73 25.37 1.61
C GLY A 38 1.41 24.01 1.53
N ARG A 39 1.42 23.30 2.65
CA ARG A 39 2.03 21.97 2.71
C ARG A 39 1.38 21.12 3.79
N SER A 40 1.79 21.30 5.03
CA SER A 40 1.24 20.54 6.14
C SER A 40 1.38 19.05 5.91
N GLY A 41 2.45 18.46 6.46
CA GLY A 41 2.68 17.04 6.30
C GLY A 41 4.01 16.73 5.65
N ALA A 42 5.09 17.23 6.25
CA ALA A 42 6.43 17.00 5.72
C ALA A 42 6.65 15.54 5.39
N THR A 43 6.50 14.68 6.40
CA THR A 43 6.66 13.25 6.21
C THR A 43 5.71 12.77 5.13
N SER A 44 4.55 13.41 5.05
CA SER A 44 3.55 13.06 4.04
C SER A 44 4.08 13.37 2.64
N ARG A 45 4.66 14.55 2.48
CA ARG A 45 5.20 14.96 1.20
C ARG A 45 6.31 14.01 0.74
N LYS A 46 7.30 13.81 1.61
CA LYS A 46 8.40 12.92 1.31
C LYS A 46 7.91 11.50 1.10
N ALA A 47 7.11 11.01 2.05
CA ALA A 47 6.56 9.67 1.98
C ALA A 47 5.86 9.44 0.64
N LEU A 48 4.88 10.30 0.34
CA LEU A 48 4.14 10.20 -0.91
C LEU A 48 5.09 10.15 -2.10
N GLU A 49 6.03 11.10 -2.14
CA GLU A 49 7.00 11.17 -3.22
C GLU A 49 7.63 9.81 -3.46
N THR A 50 8.10 9.18 -2.38
CA THR A 50 8.70 7.86 -2.48
C THR A 50 7.70 6.87 -3.05
N LEU A 51 6.46 6.95 -2.57
CA LEU A 51 5.40 6.09 -3.04
C LEU A 51 5.15 6.27 -4.52
N ARG A 52 5.28 7.51 -4.99
CA ARG A 52 5.06 7.81 -6.40
C ARG A 52 6.15 7.17 -7.27
N ARG A 53 7.40 7.35 -6.85
CA ARG A 53 8.53 6.80 -7.58
C ARG A 53 8.56 5.28 -7.49
N VAL A 54 8.63 4.75 -6.27
CA VAL A 54 8.67 3.32 -6.06
C VAL A 54 7.38 2.66 -6.54
N GLY A 55 6.26 3.34 -6.32
CA GLY A 55 4.98 2.82 -6.74
C GLY A 55 4.88 2.69 -8.24
N ASP A 56 5.08 3.80 -8.95
CA ASP A 56 5.03 3.80 -10.39
C ASP A 56 6.03 2.80 -10.97
N GLY A 57 7.19 2.72 -10.32
CA GLY A 57 8.23 1.80 -10.77
C GLY A 57 7.77 0.36 -10.72
N VAL A 58 7.26 -0.07 -9.56
CA VAL A 58 6.78 -1.44 -9.41
C VAL A 58 5.66 -1.72 -10.40
N GLN A 59 4.79 -0.72 -10.60
CA GLN A 59 3.68 -0.86 -11.52
C GLN A 59 4.19 -0.99 -12.96
N ARG A 60 5.30 -0.33 -13.25
CA ARG A 60 5.87 -0.37 -14.59
C ARG A 60 6.68 -1.65 -14.83
N ASN A 61 7.50 -2.01 -13.85
CA ASN A 61 8.33 -3.21 -13.97
C ASN A 61 7.56 -4.48 -13.63
N HIS A 62 6.84 -4.46 -12.51
CA HIS A 62 6.07 -5.63 -12.08
C HIS A 62 4.64 -5.62 -12.61
N GLU A 63 4.37 -4.73 -13.56
CA GLU A 63 3.02 -4.63 -14.14
C GLU A 63 2.43 -6.00 -14.44
N THR A 64 3.28 -6.94 -14.82
CA THR A 64 2.83 -8.30 -15.13
C THR A 64 2.32 -9.01 -13.88
N ALA A 65 2.99 -8.76 -12.76
CA ALA A 65 2.59 -9.36 -11.50
C ALA A 65 1.28 -8.77 -11.03
N PHE A 66 1.10 -7.47 -11.28
CA PHE A 66 -0.12 -6.78 -10.90
C PHE A 66 -1.30 -7.34 -11.67
N GLN A 67 -1.18 -7.37 -12.99
CA GLN A 67 -2.24 -7.88 -13.85
C GLN A 67 -2.57 -9.33 -13.49
N GLY A 68 -1.54 -10.14 -13.28
CA GLY A 68 -1.75 -11.53 -12.93
C GLY A 68 -2.54 -11.72 -11.65
N MET A 69 -2.05 -11.15 -10.55
CA MET A 69 -2.73 -11.26 -9.27
C MET A 69 -4.16 -10.76 -9.36
N LEU A 70 -4.35 -9.62 -10.03
CA LEU A 70 -5.66 -9.02 -10.19
C LEU A 70 -6.54 -9.94 -11.05
N ARG A 71 -5.94 -10.51 -12.09
CA ARG A 71 -6.66 -11.42 -12.98
C ARG A 71 -7.27 -12.56 -12.19
N LYS A 72 -6.47 -13.13 -11.30
CA LYS A 72 -6.94 -14.24 -10.45
C LYS A 72 -7.88 -13.72 -9.38
N LEU A 73 -7.50 -12.60 -8.77
CA LEU A 73 -8.29 -11.98 -7.71
C LEU A 73 -9.69 -11.62 -8.21
N ASP A 74 -9.77 -10.63 -9.08
CA ASP A 74 -11.05 -10.18 -9.62
C ASP A 74 -11.97 -9.74 -8.48
N ILE A 75 -12.27 -8.44 -8.43
CA ILE A 75 -13.13 -7.92 -7.38
C ILE A 75 -14.18 -6.98 -7.97
N LYS A 76 -15.41 -7.05 -7.46
CA LYS A 76 -16.49 -6.21 -7.95
C LYS A 76 -17.40 -5.72 -6.83
N ASN A 77 -17.24 -6.25 -5.62
CA ASN A 77 -18.07 -5.84 -4.48
C ASN A 77 -17.25 -5.82 -3.19
N GLU A 78 -17.72 -5.04 -2.23
CA GLU A 78 -17.04 -4.92 -0.94
C GLU A 78 -16.95 -6.27 -0.22
N ASP A 79 -17.85 -7.19 -0.58
CA ASP A 79 -17.86 -8.51 0.04
C ASP A 79 -16.51 -9.21 -0.09
N ASP A 80 -15.99 -9.26 -1.32
CA ASP A 80 -14.72 -9.92 -1.57
C ASP A 80 -13.61 -9.31 -0.73
N VAL A 81 -13.81 -8.07 -0.28
CA VAL A 81 -12.82 -7.38 0.54
C VAL A 81 -12.36 -8.28 1.69
N LYS A 82 -13.31 -8.88 2.39
CA LYS A 82 -12.99 -9.78 3.50
C LYS A 82 -11.98 -10.82 3.02
N SER A 83 -12.10 -11.19 1.75
CA SER A 83 -11.19 -12.14 1.13
C SER A 83 -9.81 -11.50 1.03
N LEU A 84 -9.80 -10.24 0.62
CA LEU A 84 -8.57 -9.49 0.51
C LEU A 84 -7.89 -9.42 1.86
N SER A 85 -8.66 -9.03 2.87
CA SER A 85 -8.15 -8.95 4.23
C SER A 85 -7.47 -10.26 4.57
N ARG A 86 -8.14 -11.37 4.24
CA ARG A 86 -7.58 -12.69 4.49
C ARG A 86 -6.22 -12.83 3.78
N VAL A 87 -6.14 -12.34 2.54
CA VAL A 87 -4.88 -12.40 1.79
C VAL A 87 -3.77 -11.69 2.56
N MET A 88 -4.02 -10.43 2.91
CA MET A 88 -3.04 -9.63 3.66
C MET A 88 -2.56 -10.38 4.89
N ILE A 89 -3.49 -10.68 5.80
CA ILE A 89 -3.16 -11.39 7.02
C ILE A 89 -2.40 -12.68 6.70
N HIS A 90 -2.82 -13.37 5.65
CA HIS A 90 -2.17 -14.62 5.26
C HIS A 90 -0.72 -14.39 4.84
N VAL A 91 -0.43 -13.22 4.28
CA VAL A 91 0.95 -12.93 3.85
C VAL A 91 1.80 -12.52 5.04
N PHE A 92 1.20 -11.81 5.99
CA PHE A 92 1.92 -11.37 7.18
C PHE A 92 2.00 -12.48 8.22
N SER A 93 1.08 -13.44 8.14
CA SER A 93 1.04 -14.56 9.07
C SER A 93 2.39 -15.27 9.16
N ASP A 94 3.20 -15.15 8.11
CA ASP A 94 4.52 -15.79 8.10
C ASP A 94 5.41 -15.20 9.19
N GLY A 95 5.41 -13.88 9.29
CA GLY A 95 6.23 -13.22 10.29
C GLY A 95 7.26 -12.30 9.66
N VAL A 96 7.25 -12.23 8.32
CA VAL A 96 8.19 -11.40 7.61
C VAL A 96 7.70 -9.96 7.52
N THR A 97 8.56 -9.02 7.94
CA THR A 97 8.21 -7.60 7.91
C THR A 97 9.35 -6.80 7.29
N ASN A 98 9.06 -6.14 6.16
CA ASN A 98 10.06 -5.33 5.48
C ASN A 98 9.40 -4.26 4.62
N TRP A 99 10.14 -3.18 4.36
CA TRP A 99 9.63 -2.09 3.55
C TRP A 99 9.09 -2.60 2.22
N GLY A 100 9.77 -3.61 1.67
CA GLY A 100 9.35 -4.19 0.41
C GLY A 100 7.91 -4.63 0.43
N ARG A 101 7.51 -5.29 1.52
CA ARG A 101 6.15 -5.77 1.68
C ARG A 101 5.17 -4.60 1.70
N ILE A 102 5.30 -3.76 2.72
CA ILE A 102 4.43 -2.61 2.89
C ILE A 102 4.18 -1.87 1.58
N VAL A 103 5.25 -1.50 0.87
CA VAL A 103 5.11 -0.79 -0.39
C VAL A 103 4.45 -1.67 -1.45
N THR A 104 4.84 -2.94 -1.49
CA THR A 104 4.28 -3.89 -2.46
C THR A 104 2.77 -4.01 -2.28
N LEU A 105 2.35 -4.23 -1.04
CA LEU A 105 0.93 -4.38 -0.73
C LEU A 105 0.19 -3.08 -1.04
N ILE A 106 0.57 -2.01 -0.36
CA ILE A 106 -0.05 -0.70 -0.55
C ILE A 106 -0.17 -0.37 -2.04
N SER A 107 0.93 -0.52 -2.75
CA SER A 107 0.95 -0.24 -4.19
C SER A 107 -0.14 -1.04 -4.89
N PHE A 108 -0.09 -2.36 -4.74
CA PHE A 108 -1.08 -3.22 -5.34
C PHE A 108 -2.48 -2.79 -4.92
N GLY A 109 -2.60 -2.34 -3.67
CA GLY A 109 -3.89 -1.89 -3.18
C GLY A 109 -4.45 -0.79 -4.04
N ALA A 110 -3.66 0.26 -4.24
CA ALA A 110 -4.06 1.38 -5.07
C ALA A 110 -4.41 0.91 -6.48
N PHE A 111 -3.59 0.01 -7.01
CA PHE A 111 -3.82 -0.54 -8.35
C PHE A 111 -5.23 -1.10 -8.46
N VAL A 112 -5.54 -2.09 -7.62
CA VAL A 112 -6.87 -2.70 -7.60
C VAL A 112 -7.93 -1.61 -7.49
N ALA A 113 -7.66 -0.62 -6.64
CA ALA A 113 -8.56 0.49 -6.45
C ALA A 113 -8.87 1.16 -7.79
N LYS A 114 -7.81 1.48 -8.53
CA LYS A 114 -7.95 2.11 -9.83
C LYS A 114 -8.85 1.28 -10.75
N HIS A 115 -8.51 0.00 -10.88
CA HIS A 115 -9.27 -0.91 -11.74
C HIS A 115 -10.77 -0.88 -11.41
N LEU A 116 -11.11 -1.25 -10.18
CA LEU A 116 -12.51 -1.25 -9.78
C LEU A 116 -13.12 0.12 -10.02
N LYS A 117 -12.31 1.18 -9.86
CA LYS A 117 -12.76 2.52 -10.11
C LYS A 117 -13.18 2.65 -11.57
N THR A 118 -12.33 2.17 -12.47
CA THR A 118 -12.61 2.22 -13.89
C THR A 118 -13.93 1.49 -14.19
N ILE A 119 -14.22 0.46 -13.41
CA ILE A 119 -15.46 -0.29 -13.58
C ILE A 119 -16.53 0.23 -12.63
N ASN A 120 -16.39 1.50 -12.24
CA ASN A 120 -17.34 2.17 -11.36
C ASN A 120 -17.55 1.41 -10.05
N GLN A 121 -16.52 1.38 -9.21
CA GLN A 121 -16.60 0.71 -7.91
C GLN A 121 -15.80 1.47 -6.86
N GLU A 122 -15.96 2.79 -6.84
CA GLU A 122 -15.26 3.64 -5.89
C GLU A 122 -15.65 3.30 -4.45
N SER A 123 -16.90 2.88 -4.27
CA SER A 123 -17.41 2.53 -2.94
C SER A 123 -16.55 1.45 -2.28
N CYS A 124 -15.80 0.70 -3.09
CA CYS A 124 -14.95 -0.36 -2.57
C CYS A 124 -13.55 0.14 -2.23
N ILE A 125 -13.38 1.47 -2.20
CA ILE A 125 -12.09 2.07 -1.87
C ILE A 125 -11.95 2.26 -0.37
N GLU A 126 -13.08 2.48 0.29
CA GLU A 126 -13.09 2.66 1.74
C GLU A 126 -12.47 1.47 2.44
N PRO A 127 -12.91 0.24 2.12
CA PRO A 127 -12.37 -0.98 2.73
C PRO A 127 -10.92 -1.20 2.31
N LEU A 128 -10.58 -0.72 1.10
CA LEU A 128 -9.22 -0.85 0.59
C LEU A 128 -8.25 -0.13 1.51
N ALA A 129 -8.43 1.18 1.63
CA ALA A 129 -7.57 1.99 2.49
C ALA A 129 -7.64 1.49 3.94
N GLU A 130 -8.86 1.21 4.40
CA GLU A 130 -9.07 0.72 5.76
C GLU A 130 -8.26 -0.55 6.00
N SER A 131 -8.32 -1.48 5.05
CA SER A 131 -7.62 -2.74 5.16
C SER A 131 -6.11 -2.51 5.25
N ILE A 132 -5.56 -1.77 4.29
CA ILE A 132 -4.13 -1.49 4.27
C ILE A 132 -3.66 -0.92 5.61
N THR A 133 -4.24 0.21 6.01
CA THR A 133 -3.87 0.85 7.27
C THR A 133 -4.15 -0.08 8.45
N ASP A 134 -5.38 -0.61 8.51
CA ASP A 134 -5.78 -1.49 9.59
C ASP A 134 -4.70 -2.53 9.91
N VAL A 135 -4.39 -3.38 8.94
CA VAL A 135 -3.37 -4.41 9.13
C VAL A 135 -2.01 -3.78 9.45
N LEU A 136 -1.69 -2.71 8.72
CA LEU A 136 -0.43 -2.00 8.89
C LEU A 136 -0.21 -1.61 10.36
N VAL A 137 -1.10 -0.81 10.91
CA VAL A 137 -0.99 -0.37 12.29
C VAL A 137 -1.41 -1.46 13.26
N ARG A 138 -2.12 -2.48 12.74
CA ARG A 138 -2.58 -3.58 13.58
C ARG A 138 -1.40 -4.40 14.10
N THR A 139 -0.60 -4.93 13.19
CA THR A 139 0.56 -5.74 13.59
C THR A 139 1.89 -5.06 13.29
N LYS A 140 2.08 -4.66 12.03
CA LYS A 140 3.32 -4.01 11.62
C LYS A 140 3.67 -2.80 12.47
N ARG A 141 2.70 -2.28 13.23
CA ARG A 141 2.91 -1.12 14.08
C ARG A 141 4.25 -1.19 14.82
N ASP A 142 4.49 -2.31 15.50
CA ASP A 142 5.74 -2.49 16.24
C ASP A 142 6.95 -2.22 15.37
N TRP A 143 6.93 -2.75 14.15
CA TRP A 143 8.02 -2.57 13.21
C TRP A 143 8.12 -1.10 12.78
N LEU A 144 6.98 -0.43 12.74
CA LEU A 144 6.95 0.98 12.37
C LEU A 144 7.49 1.85 13.48
N VAL A 145 6.88 1.76 14.66
CA VAL A 145 7.30 2.54 15.80
C VAL A 145 8.76 2.26 16.15
N LYS A 146 9.20 1.03 15.90
CA LYS A 146 10.57 0.64 16.19
C LYS A 146 11.54 1.20 15.15
N GLN A 147 11.08 1.30 13.91
CA GLN A 147 11.92 1.81 12.82
C GLN A 147 11.57 3.26 12.48
N ARG A 148 11.11 4.01 13.47
CA ARG A 148 10.73 5.42 13.29
C ARG A 148 9.36 5.57 12.62
N GLY A 149 8.95 4.58 11.84
CA GLY A 149 7.66 4.63 11.19
C GLY A 149 7.75 5.05 9.73
N TRP A 150 7.13 6.16 9.41
CA TRP A 150 7.13 6.68 8.04
C TRP A 150 8.42 7.45 7.74
N ASP A 151 8.98 8.10 8.76
CA ASP A 151 10.21 8.86 8.60
C ASP A 151 11.37 7.92 8.27
N GLY A 152 11.61 6.96 9.15
CA GLY A 152 12.69 6.01 8.94
C GLY A 152 12.48 5.23 7.67
N PHE A 153 11.22 5.05 7.29
CA PHE A 153 10.87 4.30 6.08
C PHE A 153 11.31 5.08 4.84
N VAL A 154 10.96 6.36 4.80
CA VAL A 154 11.33 7.21 3.67
C VAL A 154 12.83 7.43 3.62
N GLU A 155 13.46 7.42 4.79
CA GLU A 155 14.90 7.62 4.88
C GLU A 155 15.64 6.38 4.40
N PHE A 156 15.11 5.21 4.73
CA PHE A 156 15.71 3.95 4.34
C PHE A 156 15.37 3.62 2.88
N PHE A 157 14.25 4.17 2.39
CA PHE A 157 13.83 3.94 1.02
C PHE A 157 14.62 4.83 0.06
N HIS A 158 14.77 6.10 0.42
CA HIS A 158 15.50 7.04 -0.41
C HIS A 158 17.01 6.85 -0.24
N VAL A 159 17.43 6.52 0.98
CA VAL A 159 18.84 6.31 1.28
C VAL A 159 19.66 7.56 0.95
N GLU A 160 19.21 8.71 1.44
CA GLU A 160 19.91 9.97 1.20
C GLU A 160 21.04 10.16 2.19
N ASP A 161 22.09 10.85 1.77
CA ASP A 161 23.24 11.11 2.63
C ASP A 161 23.90 12.44 2.28
N LEU A 162 23.08 13.39 1.84
CA LEU A 162 23.57 14.71 1.47
C LEU A 162 24.07 15.48 2.70
N GLU A 163 23.32 15.37 3.79
CA GLU A 163 23.68 16.04 5.03
C GLU A 163 24.33 15.07 6.01
N GLY A 164 23.57 14.06 6.42
CA GLY A 164 24.08 13.08 7.35
C GLY A 164 23.05 12.04 7.74
N SER B 5 -12.77 -23.60 -13.03
CA SER B 5 -13.25 -24.46 -11.95
C SER B 5 -12.18 -24.60 -10.86
N GLU B 6 -12.07 -23.58 -10.01
CA GLU B 6 -11.10 -23.59 -8.93
C GLU B 6 -11.75 -23.14 -7.63
N SER B 7 -10.94 -22.65 -6.69
CA SER B 7 -11.45 -22.20 -5.42
C SER B 7 -10.69 -20.96 -4.93
N GLN B 8 -11.37 -19.82 -4.97
CA GLN B 8 -10.78 -18.54 -4.55
C GLN B 8 -9.91 -18.68 -3.31
N GLU B 9 -10.25 -19.63 -2.45
CA GLU B 9 -9.48 -19.85 -1.23
C GLU B 9 -8.03 -20.16 -1.55
N ASP B 10 -7.82 -21.14 -2.44
CA ASP B 10 -6.47 -21.50 -2.86
C ASP B 10 -5.84 -20.33 -3.58
N ILE B 11 -6.63 -19.66 -4.39
CA ILE B 11 -6.18 -18.50 -5.15
C ILE B 11 -5.60 -17.44 -4.20
N ILE B 12 -6.47 -16.89 -3.36
CA ILE B 12 -6.07 -15.89 -2.38
C ILE B 12 -4.84 -16.34 -1.60
N ARG B 13 -4.82 -17.60 -1.20
CA ARG B 13 -3.69 -18.15 -0.45
C ARG B 13 -2.40 -18.04 -1.26
N ASN B 14 -2.45 -18.52 -2.50
CA ASN B 14 -1.28 -18.49 -3.38
C ASN B 14 -0.88 -17.06 -3.70
N ILE B 15 -1.88 -16.22 -4.00
CA ILE B 15 -1.61 -14.84 -4.29
C ILE B 15 -0.97 -14.18 -3.08
N ALA B 16 -1.53 -14.44 -1.92
CA ALA B 16 -1.01 -13.89 -0.67
C ALA B 16 0.48 -14.19 -0.53
N ARG B 17 0.81 -15.47 -0.49
CA ARG B 17 2.21 -15.88 -0.36
C ARG B 17 3.06 -15.19 -1.42
N HIS B 18 2.51 -15.09 -2.62
CA HIS B 18 3.21 -14.44 -3.74
C HIS B 18 3.44 -12.97 -3.43
N LEU B 19 2.42 -12.29 -2.93
CA LEU B 19 2.53 -10.88 -2.60
C LEU B 19 3.63 -10.64 -1.58
N ALA B 20 3.61 -11.38 -0.48
CA ALA B 20 4.64 -11.26 0.55
C ALA B 20 6.03 -11.46 -0.08
N GLN B 21 6.12 -12.46 -0.96
CA GLN B 21 7.37 -12.76 -1.64
C GLN B 21 7.81 -11.58 -2.52
N VAL B 22 6.88 -11.07 -3.34
CA VAL B 22 7.17 -9.95 -4.22
C VAL B 22 7.72 -8.77 -3.44
N GLY B 23 7.10 -8.50 -2.29
CA GLY B 23 7.53 -7.40 -1.46
C GLY B 23 8.93 -7.61 -0.91
N ASP B 24 9.16 -8.78 -0.32
CA ASP B 24 10.46 -9.10 0.25
C ASP B 24 11.57 -8.91 -0.79
N SER B 25 11.29 -9.32 -2.03
CA SER B 25 12.27 -9.19 -3.10
C SER B 25 12.38 -7.77 -3.62
N MET B 26 11.25 -7.06 -3.68
CA MET B 26 11.22 -5.70 -4.17
C MET B 26 12.15 -4.78 -3.38
N ASP B 27 12.40 -5.13 -2.12
CA ASP B 27 13.27 -4.34 -1.27
C ASP B 27 14.74 -4.67 -1.50
N ARG B 28 14.99 -5.89 -1.96
CA ARG B 28 16.35 -6.35 -2.23
C ARG B 28 16.86 -5.84 -3.58
N SER B 29 16.05 -5.06 -4.28
CA SER B 29 16.42 -4.53 -5.58
C SER B 29 15.35 -3.58 -6.12
N ILE B 30 15.43 -2.32 -5.71
CA ILE B 30 14.46 -1.32 -6.16
C ILE B 30 14.73 -0.90 -7.61
N PRO B 31 13.82 -1.25 -8.53
CA PRO B 31 13.97 -0.90 -9.95
C PRO B 31 14.30 0.58 -10.16
N PRO B 32 13.47 1.49 -9.62
CA PRO B 32 13.67 2.94 -9.77
C PRO B 32 14.91 3.44 -9.04
N GLY B 33 16.08 2.93 -9.45
CA GLY B 33 17.35 3.32 -8.87
C GLY B 33 17.25 3.75 -7.41
N LEU B 34 16.73 2.86 -6.57
CA LEU B 34 16.59 3.16 -5.14
C LEU B 34 17.06 1.98 -4.29
N VAL B 35 18.03 1.23 -4.81
CA VAL B 35 18.56 0.08 -4.10
C VAL B 35 19.36 0.50 -2.88
N ALA A 5 -4.90 8.58 28.70
CA ALA A 5 -5.70 9.68 29.22
C ALA A 5 -6.93 9.94 28.37
N GLU A 6 -7.76 8.90 28.21
CA GLU A 6 -8.98 9.01 27.42
C GLU A 6 -8.65 9.13 25.93
N GLU A 7 -8.03 10.25 25.57
CA GLU A 7 -7.67 10.50 24.18
C GLU A 7 -6.78 9.38 23.64
N GLU A 8 -6.42 9.48 22.36
CA GLU A 8 -5.57 8.48 21.73
C GLU A 8 -4.26 9.10 21.25
N GLU A 9 -4.35 10.28 20.65
CA GLU A 9 -3.18 10.99 20.15
C GLU A 9 -2.37 10.11 19.18
N ASP A 10 -3.02 9.12 18.60
CA ASP A 10 -2.37 8.22 17.67
C ASP A 10 -2.08 8.93 16.35
N GLU A 11 -0.93 9.59 16.27
CA GLU A 11 -0.53 10.30 15.07
C GLU A 11 -0.34 9.36 13.89
N LEU A 12 0.08 8.13 14.18
CA LEU A 12 0.30 7.14 13.14
C LEU A 12 -1.02 6.72 12.49
N TYR A 13 -2.04 6.57 13.32
CA TYR A 13 -3.37 6.19 12.84
C TYR A 13 -3.94 7.29 11.95
N ARG A 14 -3.72 8.54 12.35
CA ARG A 14 -4.21 9.69 11.60
C ARG A 14 -3.40 9.90 10.33
N GLN A 15 -2.08 9.93 10.48
CA GLN A 15 -1.19 10.13 9.34
C GLN A 15 -1.34 9.01 8.32
N SER A 16 -1.58 7.79 8.82
CA SER A 16 -1.75 6.64 7.96
C SER A 16 -3.09 6.69 7.23
N LEU A 17 -4.18 6.82 7.99
CA LEU A 17 -5.52 6.87 7.41
C LEU A 17 -5.69 8.11 6.55
N GLU A 18 -5.04 9.20 6.95
CA GLU A 18 -5.12 10.46 6.23
C GLU A 18 -4.38 10.36 4.89
N ILE A 19 -3.13 9.92 4.94
CA ILE A 19 -2.33 9.80 3.72
C ILE A 19 -2.94 8.77 2.78
N ILE A 20 -3.27 7.60 3.30
CA ILE A 20 -3.84 6.53 2.49
C ILE A 20 -5.20 6.93 1.91
N SER A 21 -6.04 7.55 2.72
CA SER A 21 -7.36 7.98 2.30
C SER A 21 -7.28 9.06 1.22
N ARG A 22 -6.66 10.17 1.56
CA ARG A 22 -6.51 11.28 0.64
C ARG A 22 -5.81 10.86 -0.64
N TYR A 23 -4.82 9.98 -0.50
CA TYR A 23 -4.06 9.50 -1.65
C TYR A 23 -4.92 8.64 -2.57
N LEU A 24 -5.37 7.49 -2.07
CA LEU A 24 -6.20 6.59 -2.85
C LEU A 24 -7.38 7.32 -3.48
N ARG A 25 -8.01 8.21 -2.71
CA ARG A 25 -9.16 8.97 -3.20
C ARG A 25 -8.75 9.88 -4.37
N GLU A 26 -7.73 10.70 -4.14
CA GLU A 26 -7.25 11.62 -5.17
C GLU A 26 -6.67 10.86 -6.36
N GLN A 27 -6.30 9.60 -6.14
CA GLN A 27 -5.72 8.78 -7.21
C GLN A 27 -6.83 8.13 -8.04
N ALA A 28 -7.70 7.38 -7.37
CA ALA A 28 -8.80 6.69 -8.04
C ALA A 28 -9.72 7.66 -8.77
N THR A 29 -9.66 8.93 -8.38
CA THR A 29 -10.50 9.95 -9.01
C THR A 29 -9.79 10.57 -10.22
N GLY A 30 -8.47 10.65 -10.14
CA GLY A 30 -7.71 11.22 -11.24
C GLY A 30 -7.78 12.74 -11.28
N ALA A 31 -8.56 13.32 -10.38
CA ALA A 31 -8.69 14.78 -10.33
C ALA A 31 -7.47 15.42 -9.67
N LYS A 32 -6.44 15.68 -10.47
CA LYS A 32 -5.22 16.29 -9.96
C LYS A 32 -5.48 17.73 -9.53
N ASP A 33 -6.13 17.90 -8.39
CA ASP A 33 -6.44 19.23 -7.87
C ASP A 33 -5.25 19.80 -7.12
N THR A 34 -4.68 20.89 -7.65
CA THR A 34 -3.54 21.54 -7.03
C THR A 34 -3.97 22.69 -6.14
N LYS A 35 -5.17 22.58 -5.58
CA LYS A 35 -5.70 23.62 -4.70
C LYS A 35 -5.05 23.57 -3.32
N PRO A 36 -4.98 22.38 -2.69
CA PRO A 36 -4.38 22.23 -1.36
C PRO A 36 -2.85 22.24 -1.42
N MET A 37 -2.23 22.75 -0.36
CA MET A 37 -0.78 22.82 -0.28
C MET A 37 -0.25 21.94 0.85
N GLY A 38 -0.56 22.33 2.09
CA GLY A 38 -0.12 21.58 3.24
C GLY A 38 0.43 22.48 4.34
N ARG A 39 -0.21 22.43 5.49
CA ARG A 39 0.21 23.25 6.64
C ARG A 39 1.52 22.72 7.23
N SER A 40 1.67 21.40 7.20
CA SER A 40 2.87 20.76 7.75
C SER A 40 2.91 19.28 7.39
N GLY A 41 3.04 18.99 6.11
CA GLY A 41 3.09 17.61 5.66
C GLY A 41 4.45 17.20 5.15
N ALA A 42 5.51 17.68 5.81
CA ALA A 42 6.88 17.36 5.41
C ALA A 42 7.04 15.86 5.19
N THR A 43 6.79 15.08 6.22
CA THR A 43 6.89 13.63 6.13
C THR A 43 5.95 13.14 5.03
N SER A 44 4.81 13.80 4.90
CA SER A 44 3.82 13.43 3.88
C SER A 44 4.40 13.62 2.49
N ARG A 45 5.05 14.76 2.27
CA ARG A 45 5.65 15.06 0.98
C ARG A 45 6.72 14.04 0.64
N LYS A 46 7.64 13.81 1.57
CA LYS A 46 8.72 12.84 1.37
C LYS A 46 8.15 11.44 1.17
N ALA A 47 7.34 11.01 2.13
CA ALA A 47 6.72 9.68 2.07
C ALA A 47 6.04 9.46 0.72
N LEU A 48 5.09 10.33 0.39
CA LEU A 48 4.37 10.23 -0.88
C LEU A 48 5.34 10.15 -2.04
N GLU A 49 6.33 11.05 -2.06
CA GLU A 49 7.34 11.07 -3.11
C GLU A 49 7.90 9.67 -3.32
N THR A 50 8.30 9.02 -2.23
CA THR A 50 8.84 7.67 -2.30
C THR A 50 7.80 6.72 -2.87
N LEU A 51 6.56 6.87 -2.41
CA LEU A 51 5.47 6.03 -2.88
C LEU A 51 5.25 6.20 -4.38
N ARG A 52 5.40 7.43 -4.86
CA ARG A 52 5.21 7.71 -6.27
C ARG A 52 6.29 7.06 -7.11
N ARG A 53 7.55 7.25 -6.70
CA ARG A 53 8.68 6.68 -7.43
C ARG A 53 8.68 5.16 -7.35
N VAL A 54 8.72 4.62 -6.14
CA VAL A 54 8.72 3.18 -5.93
C VAL A 54 7.42 2.57 -6.45
N GLY A 55 6.33 3.32 -6.33
CA GLY A 55 5.04 2.84 -6.79
C GLY A 55 5.01 2.66 -8.29
N ASP A 56 5.28 3.73 -9.02
CA ASP A 56 5.29 3.68 -10.48
C ASP A 56 6.31 2.65 -10.96
N GLY A 57 7.43 2.56 -10.24
CA GLY A 57 8.46 1.62 -10.60
C GLY A 57 7.97 0.18 -10.55
N VAL A 58 7.40 -0.23 -9.42
CA VAL A 58 6.88 -1.58 -9.27
C VAL A 58 5.79 -1.84 -10.29
N GLN A 59 4.96 -0.83 -10.52
CA GLN A 59 3.87 -0.95 -11.50
C GLN A 59 4.43 -1.09 -12.90
N ARG A 60 5.58 -0.49 -13.15
CA ARG A 60 6.21 -0.54 -14.46
C ARG A 60 7.04 -1.81 -14.64
N ASN A 61 7.86 -2.13 -13.65
CA ASN A 61 8.72 -3.30 -13.72
C ASN A 61 7.99 -4.58 -13.30
N HIS A 62 7.27 -4.50 -12.18
CA HIS A 62 6.54 -5.67 -11.68
C HIS A 62 5.11 -5.71 -12.20
N GLU A 63 4.80 -4.88 -13.20
CA GLU A 63 3.45 -4.82 -13.78
C GLU A 63 2.87 -6.22 -13.98
N THR A 64 3.74 -7.18 -14.26
CA THR A 64 3.31 -8.56 -14.49
C THR A 64 2.67 -9.14 -13.22
N ALA A 65 3.24 -8.81 -12.07
CA ALA A 65 2.73 -9.30 -10.79
C ALA A 65 1.37 -8.67 -10.49
N PHE A 66 1.25 -7.39 -10.79
CA PHE A 66 0.01 -6.66 -10.55
C PHE A 66 -1.11 -7.25 -11.40
N GLN A 67 -0.87 -7.32 -12.70
CA GLN A 67 -1.85 -7.87 -13.64
C GLN A 67 -2.26 -9.28 -13.22
N GLY A 68 -1.27 -10.12 -12.96
CA GLY A 68 -1.54 -11.50 -12.57
C GLY A 68 -2.43 -11.59 -11.34
N MET A 69 -2.03 -10.93 -10.25
CA MET A 69 -2.80 -10.96 -9.02
C MET A 69 -4.22 -10.46 -9.24
N LEU A 70 -4.36 -9.40 -10.02
CA LEU A 70 -5.68 -8.82 -10.31
C LEU A 70 -6.51 -9.80 -11.13
N ARG A 71 -5.90 -10.36 -12.18
CA ARG A 71 -6.59 -11.31 -13.04
C ARG A 71 -7.20 -12.44 -12.21
N LYS A 72 -6.38 -13.01 -11.32
CA LYS A 72 -6.83 -14.09 -10.46
C LYS A 72 -7.82 -13.56 -9.41
N LEU A 73 -7.45 -12.44 -8.80
CA LEU A 73 -8.28 -11.81 -7.78
C LEU A 73 -9.68 -11.48 -8.29
N ASP A 74 -9.77 -10.50 -9.19
CA ASP A 74 -11.05 -10.09 -9.74
C ASP A 74 -11.97 -9.67 -8.60
N ILE A 75 -12.25 -8.37 -8.50
CA ILE A 75 -13.10 -7.87 -7.44
C ILE A 75 -14.22 -6.98 -7.99
N LYS A 76 -15.29 -6.87 -7.20
CA LYS A 76 -16.44 -6.06 -7.57
C LYS A 76 -17.55 -6.23 -6.54
N ASN A 77 -17.58 -7.40 -5.90
CA ASN A 77 -18.59 -7.70 -4.89
C ASN A 77 -18.16 -7.20 -3.52
N GLU A 78 -19.12 -7.14 -2.60
CA GLU A 78 -18.86 -6.70 -1.24
C GLU A 78 -18.22 -7.82 -0.40
N ASP A 79 -18.41 -9.06 -0.85
CA ASP A 79 -17.88 -10.21 -0.13
C ASP A 79 -16.37 -10.36 -0.30
N ASP A 80 -15.83 -9.95 -1.44
CA ASP A 80 -14.41 -10.07 -1.68
C ASP A 80 -13.61 -9.32 -0.61
N VAL A 81 -14.19 -8.23 -0.12
CA VAL A 81 -13.53 -7.42 0.91
C VAL A 81 -12.92 -8.30 2.00
N LYS A 82 -13.75 -9.16 2.60
CA LYS A 82 -13.28 -10.05 3.65
C LYS A 82 -12.26 -11.04 3.09
N SER A 83 -12.39 -11.34 1.81
CA SER A 83 -11.47 -12.24 1.13
C SER A 83 -10.12 -11.58 1.00
N LEU A 84 -10.14 -10.30 0.62
CA LEU A 84 -8.91 -9.53 0.48
C LEU A 84 -8.22 -9.46 1.82
N SER A 85 -8.97 -9.11 2.86
CA SER A 85 -8.44 -9.04 4.21
C SER A 85 -7.71 -10.34 4.51
N ARG A 86 -8.36 -11.45 4.17
CA ARG A 86 -7.77 -12.76 4.38
C ARG A 86 -6.43 -12.86 3.65
N VAL A 87 -6.37 -12.37 2.41
CA VAL A 87 -5.14 -12.40 1.64
C VAL A 87 -4.01 -11.70 2.41
N MET A 88 -4.26 -10.44 2.79
CA MET A 88 -3.27 -9.66 3.54
C MET A 88 -2.78 -10.43 4.76
N ILE A 89 -3.71 -10.74 5.66
CA ILE A 89 -3.36 -11.49 6.86
C ILE A 89 -2.61 -12.77 6.52
N HIS A 90 -3.06 -13.46 5.48
CA HIS A 90 -2.44 -14.70 5.05
C HIS A 90 -0.98 -14.47 4.66
N VAL A 91 -0.68 -13.29 4.10
CA VAL A 91 0.70 -12.99 3.69
C VAL A 91 1.55 -12.64 4.92
N PHE A 92 0.93 -11.95 5.88
CA PHE A 92 1.63 -11.57 7.10
C PHE A 92 1.76 -12.74 8.06
N SER A 93 0.88 -13.73 7.90
CA SER A 93 0.89 -14.91 8.76
C SER A 93 2.27 -15.55 8.87
N ASP A 94 3.11 -15.33 7.85
CA ASP A 94 4.44 -15.90 7.85
C ASP A 94 5.27 -15.34 9.00
N GLY A 95 5.22 -14.03 9.17
CA GLY A 95 5.97 -13.38 10.24
C GLY A 95 7.04 -12.47 9.69
N VAL A 96 7.10 -12.35 8.36
CA VAL A 96 8.09 -11.51 7.72
C VAL A 96 7.63 -10.06 7.68
N THR A 97 8.52 -9.15 8.09
CA THR A 97 8.20 -7.73 8.10
C THR A 97 9.34 -6.92 7.45
N ASN A 98 9.02 -6.26 6.35
CA ASN A 98 10.01 -5.45 5.64
C ASN A 98 9.33 -4.39 4.78
N TRP A 99 10.07 -3.32 4.47
CA TRP A 99 9.54 -2.24 3.66
C TRP A 99 9.02 -2.77 2.33
N GLY A 100 9.71 -3.76 1.78
CA GLY A 100 9.29 -4.36 0.53
C GLY A 100 7.85 -4.81 0.55
N ARG A 101 7.46 -5.49 1.63
CA ARG A 101 6.10 -5.98 1.79
C ARG A 101 5.11 -4.83 1.82
N ILE A 102 5.31 -3.90 2.74
CA ILE A 102 4.42 -2.75 2.90
C ILE A 102 4.17 -2.04 1.57
N VAL A 103 5.23 -1.61 0.88
CA VAL A 103 5.09 -0.91 -0.37
C VAL A 103 4.41 -1.78 -1.43
N THR A 104 4.92 -3.00 -1.61
CA THR A 104 4.34 -3.92 -2.59
C THR A 104 2.85 -4.12 -2.32
N LEU A 105 2.50 -4.33 -1.06
CA LEU A 105 1.12 -4.50 -0.66
C LEU A 105 0.30 -3.27 -1.00
N ILE A 106 0.67 -2.14 -0.40
CA ILE A 106 -0.03 -0.88 -0.65
C ILE A 106 -0.20 -0.64 -2.15
N SER A 107 0.85 -0.92 -2.92
CA SER A 107 0.80 -0.74 -4.36
C SER A 107 -0.34 -1.56 -4.97
N PHE A 108 -0.29 -2.87 -4.77
CA PHE A 108 -1.33 -3.75 -5.29
C PHE A 108 -2.72 -3.23 -4.91
N GLY A 109 -2.85 -2.77 -3.67
CA GLY A 109 -4.11 -2.24 -3.19
C GLY A 109 -4.61 -1.10 -4.05
N ALA A 110 -3.77 -0.09 -4.22
CA ALA A 110 -4.12 1.07 -5.03
C ALA A 110 -4.53 0.65 -6.44
N PHE A 111 -3.71 -0.21 -7.05
CA PHE A 111 -3.98 -0.69 -8.42
C PHE A 111 -5.41 -1.25 -8.51
N VAL A 112 -5.70 -2.24 -7.68
CA VAL A 112 -7.03 -2.85 -7.67
C VAL A 112 -8.10 -1.78 -7.50
N ALA A 113 -7.82 -0.81 -6.62
CA ALA A 113 -8.76 0.29 -6.38
C ALA A 113 -9.09 0.98 -7.69
N LYS A 114 -8.05 1.37 -8.42
CA LYS A 114 -8.21 2.03 -9.71
C LYS A 114 -9.10 1.21 -10.64
N HIS A 115 -8.74 -0.06 -10.80
CA HIS A 115 -9.49 -0.97 -11.67
C HIS A 115 -10.98 -0.96 -11.34
N LEU A 116 -11.32 -1.38 -10.12
CA LEU A 116 -12.71 -1.41 -9.71
C LEU A 116 -13.35 -0.03 -9.92
N LYS A 117 -12.55 1.03 -9.76
CA LYS A 117 -13.02 2.37 -9.96
C LYS A 117 -13.46 2.57 -11.40
N THR A 118 -12.62 2.16 -12.33
CA THR A 118 -12.90 2.29 -13.75
C THR A 118 -14.17 1.51 -14.12
N ILE A 119 -14.38 0.38 -13.44
CA ILE A 119 -15.57 -0.43 -13.70
C ILE A 119 -16.77 0.11 -12.92
N ASN A 120 -16.51 1.09 -12.04
CA ASN A 120 -17.54 1.74 -11.24
C ASN A 120 -17.77 1.02 -9.91
N GLN A 121 -16.73 0.99 -9.07
CA GLN A 121 -16.82 0.34 -7.76
C GLN A 121 -16.04 1.13 -6.71
N GLU A 122 -16.25 2.44 -6.69
CA GLU A 122 -15.57 3.31 -5.73
C GLU A 122 -15.94 2.94 -4.29
N SER A 123 -17.19 2.54 -4.10
CA SER A 123 -17.68 2.16 -2.77
C SER A 123 -16.76 1.13 -2.11
N CYS A 124 -16.04 0.38 -2.93
CA CYS A 124 -15.12 -0.65 -2.41
C CYS A 124 -13.76 -0.07 -2.06
N ILE A 125 -13.62 1.25 -2.15
CA ILE A 125 -12.37 1.92 -1.83
C ILE A 125 -12.23 2.11 -0.32
N GLU A 126 -13.37 2.21 0.35
CA GLU A 126 -13.38 2.36 1.81
C GLU A 126 -12.71 1.16 2.46
N PRO A 127 -13.20 -0.06 2.19
CA PRO A 127 -12.63 -1.29 2.75
C PRO A 127 -11.16 -1.44 2.37
N LEU A 128 -10.81 -0.91 1.19
CA LEU A 128 -9.44 -0.97 0.70
C LEU A 128 -8.51 -0.18 1.62
N ALA A 129 -8.75 1.12 1.72
CA ALA A 129 -7.94 2.00 2.56
C ALA A 129 -7.89 1.49 3.99
N GLU A 130 -9.06 1.22 4.56
CA GLU A 130 -9.14 0.74 5.93
C GLU A 130 -8.43 -0.61 6.08
N SER A 131 -8.49 -1.43 5.03
CA SER A 131 -7.85 -2.74 5.06
C SER A 131 -6.33 -2.60 5.20
N ILE A 132 -5.72 -1.86 4.27
CA ILE A 132 -4.28 -1.64 4.30
C ILE A 132 -3.85 -1.01 5.61
N THR A 133 -4.48 0.12 5.95
CA THR A 133 -4.17 0.82 7.18
C THR A 133 -4.37 -0.08 8.40
N ASP A 134 -5.50 -0.79 8.42
CA ASP A 134 -5.82 -1.68 9.52
C ASP A 134 -4.70 -2.69 9.78
N VAL A 135 -4.42 -3.53 8.80
CA VAL A 135 -3.37 -4.54 8.94
C VAL A 135 -2.00 -3.89 9.21
N LEU A 136 -1.67 -2.87 8.44
CA LEU A 136 -0.40 -2.17 8.59
C LEU A 136 -0.22 -1.64 10.01
N VAL A 137 -1.18 -0.87 10.49
CA VAL A 137 -1.11 -0.31 11.83
C VAL A 137 -1.40 -1.38 12.89
N ARG A 138 -1.98 -2.49 12.45
CA ARG A 138 -2.31 -3.58 13.36
C ARG A 138 -1.05 -4.28 13.85
N THR A 139 -0.26 -4.80 12.91
CA THR A 139 0.98 -5.50 13.26
C THR A 139 2.21 -4.71 12.83
N LYS A 140 2.26 -4.36 11.55
CA LYS A 140 3.39 -3.61 11.00
C LYS A 140 3.74 -2.39 11.85
N ARG A 141 2.77 -1.88 12.60
CA ARG A 141 2.97 -0.71 13.44
C ARG A 141 4.28 -0.80 14.23
N ASP A 142 4.50 -1.92 14.92
CA ASP A 142 5.71 -2.11 15.71
C ASP A 142 6.96 -1.86 14.87
N TRP A 143 6.94 -2.35 13.63
CA TRP A 143 8.07 -2.18 12.72
C TRP A 143 8.25 -0.71 12.34
N LEU A 144 7.14 0.01 12.24
CA LEU A 144 7.18 1.42 11.89
C LEU A 144 7.66 2.26 13.07
N VAL A 145 6.92 2.19 14.18
CA VAL A 145 7.27 2.94 15.38
C VAL A 145 8.71 2.67 15.79
N LYS A 146 9.11 1.41 15.77
CA LYS A 146 10.46 1.02 16.14
C LYS A 146 11.48 1.65 15.20
N GLN A 147 11.06 1.95 13.97
CA GLN A 147 11.95 2.54 12.98
C GLN A 147 11.61 4.00 12.71
N ARG A 148 10.97 4.67 13.67
CA ARG A 148 10.59 6.08 13.54
C ARG A 148 9.25 6.25 12.83
N GLY A 149 8.85 5.24 12.05
CA GLY A 149 7.58 5.31 11.34
C GLY A 149 7.75 5.70 9.89
N TRP A 150 7.21 6.86 9.53
CA TRP A 150 7.29 7.36 8.16
C TRP A 150 8.63 8.02 7.90
N ASP A 151 9.04 8.92 8.79
CA ASP A 151 10.32 9.62 8.65
C ASP A 151 11.46 8.63 8.44
N GLY A 152 11.62 7.72 9.39
CA GLY A 152 12.66 6.72 9.29
C GLY A 152 12.54 5.89 8.04
N PHE A 153 11.30 5.70 7.59
CA PHE A 153 11.04 4.93 6.39
C PHE A 153 11.62 5.66 5.17
N VAL A 154 11.42 6.97 5.14
CA VAL A 154 11.93 7.79 4.04
C VAL A 154 13.45 7.78 4.02
N GLU A 155 14.05 8.04 5.19
CA GLU A 155 15.51 8.07 5.31
C GLU A 155 16.10 6.69 5.01
N PHE A 156 15.36 5.63 5.32
CA PHE A 156 15.82 4.27 5.09
C PHE A 156 15.68 3.89 3.63
N PHE A 157 14.67 4.44 2.96
CA PHE A 157 14.44 4.14 1.55
C PHE A 157 15.34 4.99 0.66
N HIS A 158 15.53 6.26 1.04
CA HIS A 158 16.36 7.17 0.29
C HIS A 158 17.22 8.02 1.24
N VAL A 159 17.39 9.30 0.92
CA VAL A 159 18.18 10.19 1.76
C VAL A 159 17.80 11.65 1.53
N GLU A 160 17.44 12.34 2.61
CA GLU A 160 17.04 13.73 2.53
C GLU A 160 18.26 14.65 2.65
N ASP A 161 18.70 15.20 1.52
CA ASP A 161 19.84 16.10 1.50
C ASP A 161 20.09 16.63 0.09
N LEU A 162 19.00 16.92 -0.62
CA LEU A 162 19.10 17.44 -1.98
C LEU A 162 18.02 18.49 -2.23
N GLU A 163 18.38 19.53 -2.99
CA GLU A 163 17.45 20.61 -3.30
C GLU A 163 17.35 20.82 -4.81
N GLY A 164 16.34 21.58 -5.24
CA GLY A 164 16.16 21.83 -6.65
C GLY A 164 14.72 21.64 -7.09
N SER B 5 -12.71 -25.48 -13.30
CA SER B 5 -13.17 -24.74 -12.12
C SER B 5 -12.03 -24.58 -11.11
N GLU B 6 -12.10 -23.52 -10.31
CA GLU B 6 -11.08 -23.26 -9.30
C GLU B 6 -11.73 -22.98 -7.95
N SER B 7 -11.03 -22.25 -7.09
CA SER B 7 -11.53 -21.91 -5.77
C SER B 7 -10.85 -20.66 -5.23
N GLN B 8 -11.61 -19.58 -5.09
CA GLN B 8 -11.08 -18.31 -4.59
C GLN B 8 -10.10 -18.52 -3.45
N GLU B 9 -10.32 -19.56 -2.66
CA GLU B 9 -9.44 -19.87 -1.54
C GLU B 9 -8.01 -20.07 -2.03
N ASP B 10 -7.86 -20.90 -3.06
CA ASP B 10 -6.54 -21.16 -3.63
C ASP B 10 -6.01 -19.90 -4.30
N ILE B 11 -6.87 -19.22 -5.03
CA ILE B 11 -6.52 -17.98 -5.72
C ILE B 11 -5.92 -16.99 -4.72
N ILE B 12 -6.74 -16.57 -3.77
CA ILE B 12 -6.33 -15.65 -2.73
C ILE B 12 -5.05 -16.13 -2.03
N ARG B 13 -5.01 -17.41 -1.69
CA ARG B 13 -3.85 -17.99 -1.01
C ARG B 13 -2.59 -17.84 -1.85
N ASN B 14 -2.68 -18.18 -3.13
CA ASN B 14 -1.53 -18.08 -4.02
C ASN B 14 -1.13 -16.63 -4.25
N ILE B 15 -2.11 -15.76 -4.42
CA ILE B 15 -1.84 -14.35 -4.61
C ILE B 15 -1.17 -13.80 -3.37
N ALA B 16 -1.74 -14.16 -2.22
CA ALA B 16 -1.21 -13.71 -0.93
C ALA B 16 0.27 -14.06 -0.80
N ARG B 17 0.57 -15.36 -0.84
CA ARG B 17 1.96 -15.80 -0.72
C ARG B 17 2.84 -15.08 -1.74
N HIS B 18 2.29 -14.91 -2.95
CA HIS B 18 3.02 -14.23 -4.01
C HIS B 18 3.27 -12.78 -3.65
N LEU B 19 2.26 -12.14 -3.04
CA LEU B 19 2.37 -10.74 -2.64
C LEU B 19 3.49 -10.55 -1.63
N ALA B 20 3.44 -11.33 -0.54
CA ALA B 20 4.48 -11.24 0.48
C ALA B 20 5.85 -11.50 -0.13
N GLN B 21 5.92 -12.48 -1.04
CA GLN B 21 7.14 -12.83 -1.70
C GLN B 21 7.67 -11.66 -2.55
N VAL B 22 6.79 -11.11 -3.39
CA VAL B 22 7.16 -9.98 -4.23
C VAL B 22 7.69 -8.83 -3.40
N GLY B 23 7.01 -8.55 -2.29
CA GLY B 23 7.44 -7.49 -1.40
C GLY B 23 8.82 -7.72 -0.84
N ASP B 24 9.04 -8.90 -0.26
CA ASP B 24 10.33 -9.24 0.31
C ASP B 24 11.46 -9.09 -0.71
N SER B 25 11.18 -9.50 -1.94
CA SER B 25 12.17 -9.42 -3.01
C SER B 25 12.33 -7.99 -3.52
N MET B 26 11.23 -7.25 -3.61
CA MET B 26 11.25 -5.88 -4.10
C MET B 26 12.20 -5.01 -3.26
N ASP B 27 12.41 -5.39 -2.01
CA ASP B 27 13.29 -4.64 -1.13
C ASP B 27 14.76 -4.99 -1.37
N ARG B 28 15.00 -6.24 -1.78
CA ARG B 28 16.35 -6.70 -2.04
C ARG B 28 16.76 -6.41 -3.49
N SER B 29 15.95 -5.62 -4.20
CA SER B 29 16.25 -5.27 -5.59
C SER B 29 15.17 -4.36 -6.16
N ILE B 30 15.30 -3.07 -5.90
CA ILE B 30 14.32 -2.10 -6.40
C ILE B 30 14.47 -1.90 -7.91
N PRO B 31 13.47 -2.33 -8.69
CA PRO B 31 13.51 -2.20 -10.15
C PRO B 31 13.87 -0.77 -10.59
N PRO B 32 13.11 0.24 -10.12
CA PRO B 32 13.35 1.65 -10.49
C PRO B 32 14.67 2.18 -9.95
N GLY B 33 15.76 1.57 -10.37
CA GLY B 33 17.09 1.98 -9.94
C GLY B 33 17.15 2.42 -8.48
N LEU B 34 16.32 1.81 -7.65
CA LEU B 34 16.28 2.13 -6.22
C LEU B 34 16.09 3.64 -6.01
N VAL B 35 15.23 4.24 -6.82
CA VAL B 35 14.97 5.67 -6.73
C VAL B 35 13.48 5.96 -6.74
N ALA A 5 -12.02 12.51 26.02
CA ALA A 5 -10.74 12.00 25.53
C ALA A 5 -9.61 12.99 25.81
N GLU A 6 -8.56 12.50 26.46
CA GLU A 6 -7.42 13.34 26.79
C GLU A 6 -6.31 13.17 25.76
N GLU A 7 -5.24 13.96 25.90
CA GLU A 7 -4.11 13.89 24.99
C GLU A 7 -3.33 12.59 25.19
N GLU A 8 -3.19 11.83 24.10
CA GLU A 8 -2.46 10.56 24.16
C GLU A 8 -2.46 9.88 22.80
N GLU A 9 -3.58 10.01 22.08
CA GLU A 9 -3.71 9.39 20.76
C GLU A 9 -2.50 9.68 19.88
N ASP A 10 -2.11 8.71 19.07
CA ASP A 10 -0.96 8.86 18.18
C ASP A 10 -1.40 9.36 16.80
N GLU A 11 -0.64 10.31 16.25
CA GLU A 11 -0.95 10.86 14.94
C GLU A 11 -0.64 9.88 13.83
N LEU A 12 0.05 8.78 14.16
CA LEU A 12 0.40 7.77 13.19
C LEU A 12 -0.84 7.19 12.52
N TYR A 13 -1.83 6.84 13.33
CA TYR A 13 -3.07 6.28 12.82
C TYR A 13 -3.78 7.28 11.91
N ARG A 14 -4.17 8.41 12.49
CA ARG A 14 -4.86 9.45 11.75
C ARG A 14 -4.09 9.87 10.51
N GLN A 15 -2.81 10.16 10.67
CA GLN A 15 -1.98 10.58 9.55
C GLN A 15 -1.85 9.48 8.50
N SER A 16 -1.86 8.23 8.96
CA SER A 16 -1.75 7.09 8.07
C SER A 16 -3.02 6.95 7.23
N LEU A 17 -4.16 6.90 7.91
CA LEU A 17 -5.45 6.77 7.23
C LEU A 17 -5.71 8.00 6.36
N GLU A 18 -5.17 9.15 6.79
CA GLU A 18 -5.35 10.39 6.05
C GLU A 18 -4.60 10.34 4.72
N ILE A 19 -3.32 9.98 4.79
CA ILE A 19 -2.50 9.89 3.58
C ILE A 19 -3.04 8.83 2.63
N ILE A 20 -3.19 7.61 3.13
CA ILE A 20 -3.68 6.51 2.31
C ILE A 20 -5.05 6.81 1.72
N SER A 21 -5.96 7.29 2.56
CA SER A 21 -7.32 7.62 2.12
C SER A 21 -7.28 8.70 1.04
N ARG A 22 -6.61 9.79 1.35
CA ARG A 22 -6.48 10.91 0.41
C ARG A 22 -5.76 10.47 -0.85
N TYR A 23 -4.86 9.50 -0.70
CA TYR A 23 -4.11 8.98 -1.83
C TYR A 23 -5.03 8.27 -2.82
N LEU A 24 -5.63 7.17 -2.40
CA LEU A 24 -6.54 6.42 -3.25
C LEU A 24 -7.68 7.28 -3.76
N ARG A 25 -8.12 8.22 -2.93
CA ARG A 25 -9.22 9.09 -3.30
C ARG A 25 -8.83 10.07 -4.41
N GLU A 26 -7.64 10.65 -4.30
CA GLU A 26 -7.17 11.61 -5.30
C GLU A 26 -6.52 10.93 -6.51
N GLN A 27 -6.02 9.72 -6.31
CA GLN A 27 -5.38 8.98 -7.40
C GLN A 27 -6.41 8.23 -8.23
N ALA A 28 -7.35 7.57 -7.57
CA ALA A 28 -8.38 6.81 -8.25
C ALA A 28 -9.41 7.72 -8.91
N THR A 29 -9.48 8.97 -8.46
CA THR A 29 -10.42 9.93 -9.01
C THR A 29 -9.85 10.59 -10.26
N GLY A 30 -8.56 10.88 -10.24
CA GLY A 30 -7.91 11.50 -11.38
C GLY A 30 -7.98 13.02 -11.34
N ALA A 31 -8.95 13.56 -10.60
CA ALA A 31 -9.11 15.01 -10.49
C ALA A 31 -8.05 15.62 -9.59
N LYS A 32 -6.90 15.92 -10.18
CA LYS A 32 -5.79 16.52 -9.44
C LYS A 32 -6.14 17.93 -8.99
N ASP A 33 -6.96 18.03 -7.94
CA ASP A 33 -7.37 19.32 -7.41
C ASP A 33 -6.39 19.80 -6.33
N THR A 34 -5.70 20.90 -6.61
CA THR A 34 -4.75 21.46 -5.67
C THR A 34 -5.40 22.49 -4.75
N LYS A 35 -6.72 22.39 -4.60
CA LYS A 35 -7.47 23.32 -3.76
C LYS A 35 -7.14 23.16 -2.26
N PRO A 36 -6.92 21.92 -1.77
CA PRO A 36 -6.60 21.69 -0.35
C PRO A 36 -5.53 22.64 0.17
N MET A 37 -5.38 22.68 1.49
CA MET A 37 -4.40 23.56 2.14
C MET A 37 -3.09 23.66 1.35
N GLY A 38 -2.47 22.51 1.07
CA GLY A 38 -1.23 22.51 0.33
C GLY A 38 -0.13 23.30 1.01
N ARG A 39 0.00 23.10 2.32
CA ARG A 39 1.03 23.80 3.09
C ARG A 39 1.35 23.03 4.37
N SER A 40 1.17 21.72 4.34
CA SER A 40 1.46 20.88 5.49
C SER A 40 1.58 19.41 5.08
N GLY A 41 2.28 18.64 5.91
CA GLY A 41 2.46 17.22 5.63
C GLY A 41 3.84 16.91 5.08
N ALA A 42 4.87 17.46 5.72
CA ALA A 42 6.25 17.24 5.29
C ALA A 42 6.51 15.76 5.06
N THR A 43 6.32 14.96 6.10
CA THR A 43 6.52 13.52 6.00
C THR A 43 5.58 12.94 4.94
N SER A 44 4.39 13.54 4.83
CA SER A 44 3.41 13.10 3.86
C SER A 44 3.91 13.33 2.44
N ARG A 45 4.50 14.50 2.22
CA ARG A 45 5.03 14.85 0.91
C ARG A 45 6.17 13.93 0.52
N LYS A 46 7.15 13.78 1.42
CA LYS A 46 8.28 12.91 1.18
C LYS A 46 7.82 11.47 0.98
N ALA A 47 6.96 11.01 1.88
CA ALA A 47 6.44 9.65 1.79
C ALA A 47 5.78 9.41 0.44
N LEU A 48 4.82 10.27 0.09
CA LEU A 48 4.12 10.15 -1.17
C LEU A 48 5.10 10.09 -2.34
N GLU A 49 5.99 11.07 -2.40
CA GLU A 49 7.00 11.15 -3.45
C GLU A 49 7.71 9.80 -3.62
N THR A 50 8.15 9.24 -2.50
CA THR A 50 8.83 7.95 -2.52
C THR A 50 7.91 6.89 -3.10
N LEU A 51 6.64 6.95 -2.72
CA LEU A 51 5.65 6.01 -3.20
C LEU A 51 5.48 6.12 -4.72
N ARG A 52 5.57 7.33 -5.23
CA ARG A 52 5.44 7.57 -6.67
C ARG A 52 6.62 6.99 -7.43
N ARG A 53 7.83 7.29 -6.96
CA ARG A 53 9.04 6.80 -7.62
C ARG A 53 9.17 5.28 -7.49
N VAL A 54 9.22 4.79 -6.27
CA VAL A 54 9.35 3.35 -6.01
C VAL A 54 8.11 2.60 -6.48
N GLY A 55 6.94 3.16 -6.19
CA GLY A 55 5.69 2.53 -6.58
C GLY A 55 5.53 2.44 -8.09
N ASP A 56 5.53 3.60 -8.75
CA ASP A 56 5.38 3.63 -10.21
C ASP A 56 6.51 2.85 -10.89
N GLY A 57 7.72 2.98 -10.35
CA GLY A 57 8.86 2.30 -10.93
C GLY A 57 8.68 0.79 -10.95
N VAL A 58 8.55 0.19 -9.77
CA VAL A 58 8.38 -1.25 -9.69
C VAL A 58 7.04 -1.64 -10.30
N GLN A 59 6.07 -0.73 -10.21
CA GLN A 59 4.76 -0.98 -10.78
C GLN A 59 4.88 -1.14 -12.29
N ARG A 60 5.83 -0.41 -12.88
CA ARG A 60 6.04 -0.48 -14.32
C ARG A 60 6.79 -1.76 -14.70
N ASN A 61 7.66 -2.22 -13.81
CA ASN A 61 8.45 -3.42 -14.05
C ASN A 61 7.67 -4.69 -13.72
N HIS A 62 6.95 -4.68 -12.59
CA HIS A 62 6.20 -5.85 -12.16
C HIS A 62 4.78 -5.86 -12.75
N GLU A 63 4.52 -4.99 -13.72
CA GLU A 63 3.20 -4.90 -14.35
C GLU A 63 2.60 -6.29 -14.60
N THR A 64 3.44 -7.23 -15.05
CA THR A 64 2.99 -8.59 -15.33
C THR A 64 2.42 -9.23 -14.06
N ALA A 65 3.07 -8.95 -12.93
CA ALA A 65 2.61 -9.46 -11.65
C ALA A 65 1.28 -8.84 -11.29
N PHE A 66 1.12 -7.57 -11.66
CA PHE A 66 -0.10 -6.84 -11.40
C PHE A 66 -1.28 -7.52 -12.10
N GLN A 67 -1.17 -7.66 -13.42
CA GLN A 67 -2.21 -8.30 -14.21
C GLN A 67 -2.52 -9.69 -13.67
N GLY A 68 -1.48 -10.45 -13.37
CA GLY A 68 -1.66 -11.80 -12.85
C GLY A 68 -2.51 -11.84 -11.58
N MET A 69 -2.07 -11.15 -10.54
CA MET A 69 -2.79 -11.14 -9.27
C MET A 69 -4.22 -10.64 -9.45
N LEU A 70 -4.37 -9.50 -10.12
CA LEU A 70 -5.69 -8.91 -10.35
C LEU A 70 -6.56 -9.86 -11.17
N ARG A 71 -5.94 -10.52 -12.15
CA ARG A 71 -6.66 -11.45 -13.01
C ARG A 71 -7.28 -12.57 -12.18
N LYS A 72 -6.48 -13.14 -11.28
CA LYS A 72 -6.96 -14.21 -10.41
C LYS A 72 -7.92 -13.67 -9.37
N LEU A 73 -7.54 -12.54 -8.76
CA LEU A 73 -8.35 -11.91 -7.73
C LEU A 73 -9.75 -11.58 -8.24
N ASP A 74 -9.84 -10.58 -9.13
CA ASP A 74 -11.13 -10.16 -9.66
C ASP A 74 -12.04 -9.70 -8.54
N ILE A 75 -12.35 -8.41 -8.49
CA ILE A 75 -13.19 -7.87 -7.43
C ILE A 75 -14.37 -7.10 -8.01
N LYS A 76 -15.42 -6.97 -7.22
CA LYS A 76 -16.63 -6.26 -7.64
C LYS A 76 -17.69 -6.28 -6.54
N ASN A 77 -17.67 -7.34 -5.72
CA ASN A 77 -18.63 -7.47 -4.64
C ASN A 77 -17.93 -7.45 -3.27
N GLU A 78 -18.52 -6.75 -2.32
CA GLU A 78 -17.96 -6.65 -0.97
C GLU A 78 -17.47 -7.99 -0.44
N ASP A 79 -18.06 -9.08 -0.95
CA ASP A 79 -17.67 -10.42 -0.52
C ASP A 79 -16.17 -10.63 -0.64
N ASP A 80 -15.59 -10.13 -1.74
CA ASP A 80 -14.17 -10.28 -1.97
C ASP A 80 -13.35 -9.45 -0.98
N VAL A 81 -13.88 -8.28 -0.61
CA VAL A 81 -13.20 -7.40 0.34
C VAL A 81 -12.66 -8.19 1.53
N LYS A 82 -13.56 -8.81 2.29
CA LYS A 82 -13.17 -9.62 3.44
C LYS A 82 -12.18 -10.70 3.01
N SER A 83 -12.29 -11.10 1.74
CA SER A 83 -11.40 -12.10 1.18
C SER A 83 -10.02 -11.48 1.04
N LEU A 84 -9.98 -10.23 0.61
CA LEU A 84 -8.75 -9.49 0.47
C LEU A 84 -8.08 -9.41 1.84
N SER A 85 -8.87 -9.02 2.84
CA SER A 85 -8.38 -8.93 4.20
C SER A 85 -7.68 -10.23 4.56
N ARG A 86 -8.35 -11.34 4.25
CA ARG A 86 -7.77 -12.66 4.51
C ARG A 86 -6.41 -12.78 3.83
N VAL A 87 -6.30 -12.32 2.58
CA VAL A 87 -5.04 -12.37 1.85
C VAL A 87 -3.95 -11.63 2.63
N MET A 88 -4.21 -10.36 2.95
CA MET A 88 -3.27 -9.53 3.69
C MET A 88 -2.78 -10.25 4.94
N ILE A 89 -3.70 -10.60 5.83
CA ILE A 89 -3.35 -11.29 7.06
C ILE A 89 -2.57 -12.56 6.77
N HIS A 90 -3.01 -13.32 5.77
CA HIS A 90 -2.36 -14.57 5.40
C HIS A 90 -0.92 -14.33 4.94
N VAL A 91 -0.65 -13.14 4.38
CA VAL A 91 0.71 -12.85 3.90
C VAL A 91 1.59 -12.37 5.06
N PHE A 92 1.01 -11.61 5.98
CA PHE A 92 1.75 -11.10 7.12
C PHE A 92 1.92 -12.18 8.19
N SER A 93 0.98 -13.11 8.24
CA SER A 93 1.01 -14.19 9.22
C SER A 93 2.31 -15.00 9.10
N ASP A 94 2.93 -14.97 7.94
CA ASP A 94 4.17 -15.70 7.72
C ASP A 94 5.28 -15.18 8.64
N GLY A 95 5.33 -13.86 8.79
CA GLY A 95 6.34 -13.26 9.64
C GLY A 95 7.18 -12.23 8.90
N VAL A 96 6.98 -12.13 7.60
CA VAL A 96 7.73 -11.19 6.78
C VAL A 96 7.40 -9.75 7.16
N THR A 97 8.42 -9.01 7.57
CA THR A 97 8.25 -7.61 7.96
C THR A 97 9.36 -6.75 7.39
N ASN A 98 9.05 -6.03 6.32
CA ASN A 98 10.03 -5.17 5.66
C ASN A 98 9.34 -4.10 4.82
N TRP A 99 10.06 -3.02 4.52
CA TRP A 99 9.52 -1.93 3.72
C TRP A 99 8.98 -2.46 2.39
N GLY A 100 9.65 -3.47 1.86
CA GLY A 100 9.23 -4.06 0.60
C GLY A 100 7.77 -4.44 0.60
N ARG A 101 7.36 -5.19 1.62
CA ARG A 101 5.98 -5.63 1.76
C ARG A 101 5.03 -4.44 1.80
N ILE A 102 5.26 -3.53 2.74
CA ILE A 102 4.44 -2.35 2.90
C ILE A 102 4.17 -1.66 1.57
N VAL A 103 5.22 -1.32 0.83
CA VAL A 103 5.08 -0.65 -0.45
C VAL A 103 4.40 -1.57 -1.47
N THR A 104 4.79 -2.84 -1.48
CA THR A 104 4.21 -3.81 -2.41
C THR A 104 2.70 -3.90 -2.24
N LEU A 105 2.25 -4.09 -1.01
CA LEU A 105 0.83 -4.18 -0.71
C LEU A 105 0.14 -2.87 -1.02
N ILE A 106 0.55 -1.82 -0.31
CA ILE A 106 -0.02 -0.48 -0.50
C ILE A 106 -0.16 -0.15 -1.98
N SER A 107 0.92 -0.38 -2.73
CA SER A 107 0.92 -0.11 -4.17
C SER A 107 -0.18 -0.91 -4.87
N PHE A 108 -0.10 -2.22 -4.76
CA PHE A 108 -1.09 -3.09 -5.37
C PHE A 108 -2.50 -2.69 -4.94
N GLY A 109 -2.61 -2.22 -3.71
CA GLY A 109 -3.89 -1.77 -3.20
C GLY A 109 -4.45 -0.62 -4.01
N ALA A 110 -3.62 0.41 -4.18
CA ALA A 110 -4.03 1.58 -4.96
C ALA A 110 -4.43 1.17 -6.37
N PHE A 111 -3.58 0.36 -7.00
CA PHE A 111 -3.85 -0.12 -8.36
C PHE A 111 -5.24 -0.73 -8.45
N VAL A 112 -5.46 -1.81 -7.68
CA VAL A 112 -6.75 -2.47 -7.67
C VAL A 112 -7.87 -1.46 -7.49
N ALA A 113 -7.64 -0.49 -6.60
CA ALA A 113 -8.61 0.57 -6.36
C ALA A 113 -8.88 1.35 -7.64
N LYS A 114 -7.81 1.65 -8.39
CA LYS A 114 -7.96 2.35 -9.65
C LYS A 114 -8.92 1.59 -10.53
N HIS A 115 -8.69 0.28 -10.64
CA HIS A 115 -9.55 -0.58 -11.43
C HIS A 115 -10.99 -0.48 -10.93
N LEU A 116 -11.16 -0.47 -9.61
CA LEU A 116 -12.47 -0.36 -9.01
C LEU A 116 -13.17 0.91 -9.50
N LYS A 117 -12.39 1.99 -9.60
CA LYS A 117 -12.92 3.26 -10.08
C LYS A 117 -13.34 3.15 -11.54
N THR A 118 -12.49 2.50 -12.34
CA THR A 118 -12.76 2.32 -13.75
C THR A 118 -14.01 1.48 -13.98
N ILE A 119 -14.28 0.56 -13.05
CA ILE A 119 -15.45 -0.31 -13.15
C ILE A 119 -16.60 0.24 -12.29
N ASN A 120 -16.60 1.55 -12.11
CA ASN A 120 -17.63 2.22 -11.32
C ASN A 120 -17.86 1.51 -9.98
N GLN A 121 -16.81 1.47 -9.16
CA GLN A 121 -16.88 0.82 -7.85
C GLN A 121 -15.99 1.53 -6.85
N GLU A 122 -16.29 2.79 -6.58
CA GLU A 122 -15.51 3.58 -5.64
C GLU A 122 -15.87 3.23 -4.19
N SER A 123 -17.12 2.80 -4.00
CA SER A 123 -17.60 2.45 -2.66
C SER A 123 -16.75 1.34 -2.04
N CYS A 124 -16.06 0.57 -2.89
CA CYS A 124 -15.23 -0.52 -2.40
C CYS A 124 -13.79 -0.06 -2.12
N ILE A 125 -13.59 1.26 -2.13
CA ILE A 125 -12.27 1.83 -1.87
C ILE A 125 -12.08 2.04 -0.36
N GLU A 126 -13.19 2.31 0.33
CA GLU A 126 -13.17 2.51 1.77
C GLU A 126 -12.51 1.31 2.46
N PRO A 127 -12.96 0.08 2.16
CA PRO A 127 -12.39 -1.13 2.75
C PRO A 127 -10.95 -1.32 2.34
N LEU A 128 -10.61 -0.85 1.15
CA LEU A 128 -9.26 -0.95 0.63
C LEU A 128 -8.29 -0.20 1.53
N ALA A 129 -8.48 1.12 1.63
CA ALA A 129 -7.62 1.95 2.46
C ALA A 129 -7.67 1.50 3.91
N GLU A 130 -8.87 1.32 4.44
CA GLU A 130 -9.05 0.89 5.82
C GLU A 130 -8.35 -0.44 6.06
N SER A 131 -8.44 -1.34 5.09
CA SER A 131 -7.82 -2.66 5.19
C SER A 131 -6.31 -2.53 5.33
N ILE A 132 -5.68 -1.86 4.37
CA ILE A 132 -4.23 -1.69 4.38
C ILE A 132 -3.77 -1.07 5.71
N THR A 133 -4.31 0.10 6.04
CA THR A 133 -3.95 0.78 7.27
C THR A 133 -4.27 -0.09 8.49
N ASP A 134 -5.42 -0.75 8.46
CA ASP A 134 -5.84 -1.60 9.56
C ASP A 134 -4.79 -2.65 9.88
N VAL A 135 -4.51 -3.52 8.92
CA VAL A 135 -3.52 -4.59 9.11
C VAL A 135 -2.15 -4.03 9.47
N LEU A 136 -1.62 -3.14 8.64
CA LEU A 136 -0.31 -2.54 8.86
C LEU A 136 -0.14 -2.02 10.28
N VAL A 137 -1.13 -1.28 10.77
CA VAL A 137 -1.07 -0.72 12.11
C VAL A 137 -1.58 -1.72 13.16
N ARG A 138 -2.28 -2.75 12.71
CA ARG A 138 -2.82 -3.76 13.62
C ARG A 138 -1.73 -4.65 14.20
N THR A 139 -0.88 -5.19 13.32
CA THR A 139 0.19 -6.08 13.77
C THR A 139 1.57 -5.44 13.59
N LYS A 140 1.85 -5.01 12.36
CA LYS A 140 3.15 -4.42 12.02
C LYS A 140 3.45 -3.14 12.81
N ARG A 141 2.49 -2.63 13.58
CA ARG A 141 2.68 -1.40 14.35
C ARG A 141 4.04 -1.38 15.04
N ASP A 142 4.35 -2.44 15.78
CA ASP A 142 5.61 -2.54 16.51
C ASP A 142 6.82 -2.43 15.58
N TRP A 143 6.76 -3.13 14.45
CA TRP A 143 7.86 -3.12 13.49
C TRP A 143 7.91 -1.80 12.73
N LEU A 144 6.74 -1.28 12.40
CA LEU A 144 6.64 -0.03 11.67
C LEU A 144 7.12 1.15 12.53
N VAL A 145 6.59 1.24 13.73
CA VAL A 145 6.93 2.31 14.66
C VAL A 145 8.37 2.17 15.16
N LYS A 146 8.77 0.95 15.50
CA LYS A 146 10.11 0.69 16.00
C LYS A 146 11.17 1.23 15.05
N GLN A 147 10.81 1.40 13.79
CA GLN A 147 11.75 1.91 12.79
C GLN A 147 11.59 3.41 12.59
N ARG A 148 11.08 4.09 13.60
CA ARG A 148 10.87 5.55 13.56
C ARG A 148 9.50 5.89 12.98
N GLY A 149 9.02 5.06 12.07
CA GLY A 149 7.72 5.31 11.46
C GLY A 149 7.82 5.54 9.98
N TRP A 150 7.15 6.58 9.51
CA TRP A 150 7.15 6.92 8.10
C TRP A 150 8.44 7.63 7.71
N ASP A 151 9.01 8.39 8.65
CA ASP A 151 10.25 9.11 8.40
C ASP A 151 11.37 8.14 8.08
N GLY A 152 11.57 7.15 8.95
CA GLY A 152 12.61 6.16 8.73
C GLY A 152 12.42 5.43 7.42
N PHE A 153 11.15 5.30 7.00
CA PHE A 153 10.82 4.64 5.75
C PHE A 153 11.33 5.45 4.57
N VAL A 154 11.16 6.76 4.66
CA VAL A 154 11.60 7.67 3.61
C VAL A 154 13.11 7.67 3.51
N GLU A 155 13.78 7.76 4.66
CA GLU A 155 15.24 7.76 4.69
C GLU A 155 15.81 6.45 4.15
N PHE A 156 15.16 5.34 4.51
CA PHE A 156 15.61 4.02 4.07
C PHE A 156 15.29 3.80 2.59
N PHE A 157 14.22 4.43 2.11
CA PHE A 157 13.82 4.29 0.71
C PHE A 157 14.53 5.31 -0.17
N HIS A 158 15.05 6.37 0.45
CA HIS A 158 15.76 7.41 -0.28
C HIS A 158 16.45 8.37 0.69
N VAL A 159 17.76 8.49 0.54
CA VAL A 159 18.55 9.37 1.39
C VAL A 159 19.57 10.18 0.60
N GLU A 160 19.08 10.89 -0.42
CA GLU A 160 19.95 11.70 -1.27
C GLU A 160 20.06 13.12 -0.73
N ASP A 161 20.33 13.24 0.57
CA ASP A 161 20.46 14.55 1.20
C ASP A 161 21.91 14.83 1.58
N LEU A 162 22.83 14.28 0.79
CA LEU A 162 24.27 14.48 1.03
C LEU A 162 24.88 15.36 -0.04
N GLU A 163 24.97 14.83 -1.26
CA GLU A 163 25.54 15.56 -2.39
C GLU A 163 25.12 14.94 -3.71
N GLY A 164 24.50 15.75 -4.57
CA GLY A 164 24.06 15.27 -5.86
C GLY A 164 22.79 14.45 -5.77
N SER B 5 -13.28 -25.11 -13.19
CA SER B 5 -13.23 -23.97 -12.28
C SER B 5 -12.22 -24.20 -11.16
N GLU B 6 -12.06 -23.20 -10.31
CA GLU B 6 -11.13 -23.29 -9.19
C GLU B 6 -11.82 -22.86 -7.89
N SER B 7 -11.03 -22.40 -6.92
CA SER B 7 -11.56 -21.97 -5.65
C SER B 7 -10.79 -20.77 -5.11
N GLN B 8 -11.45 -19.62 -5.13
CA GLN B 8 -10.85 -18.35 -4.67
C GLN B 8 -10.00 -18.53 -3.42
N GLU B 9 -10.35 -19.51 -2.60
CA GLU B 9 -9.60 -19.76 -1.37
C GLU B 9 -8.13 -20.06 -1.70
N ASP B 10 -7.92 -21.01 -2.60
CA ASP B 10 -6.56 -21.37 -3.02
C ASP B 10 -5.92 -20.17 -3.71
N ILE B 11 -6.71 -19.49 -4.52
CA ILE B 11 -6.25 -18.31 -5.24
C ILE B 11 -5.68 -17.28 -4.27
N ILE B 12 -6.56 -16.76 -3.42
CA ILE B 12 -6.17 -15.78 -2.41
C ILE B 12 -4.94 -16.25 -1.63
N ARG B 13 -4.93 -17.52 -1.26
CA ARG B 13 -3.80 -18.08 -0.51
C ARG B 13 -2.51 -17.97 -1.32
N ASN B 14 -2.57 -18.42 -2.58
CA ASN B 14 -1.41 -18.37 -3.46
C ASN B 14 -0.98 -16.93 -3.72
N ILE B 15 -1.95 -16.07 -4.00
CA ILE B 15 -1.65 -14.68 -4.24
C ILE B 15 -1.00 -14.08 -3.01
N ALA B 16 -1.60 -14.37 -1.85
CA ALA B 16 -1.09 -13.89 -0.58
C ALA B 16 0.40 -14.20 -0.45
N ARG B 17 0.73 -15.48 -0.46
CA ARG B 17 2.13 -15.91 -0.36
C ARG B 17 2.98 -15.19 -1.40
N HIS B 18 2.43 -15.05 -2.61
CA HIS B 18 3.11 -14.36 -3.69
C HIS B 18 3.41 -12.92 -3.32
N LEU B 19 2.42 -12.25 -2.75
CA LEU B 19 2.57 -10.86 -2.35
C LEU B 19 3.71 -10.73 -1.34
N ALA B 20 3.67 -11.55 -0.29
CA ALA B 20 4.72 -11.54 0.72
C ALA B 20 6.09 -11.66 0.06
N GLN B 21 6.19 -12.59 -0.89
CA GLN B 21 7.41 -12.82 -1.61
C GLN B 21 7.80 -11.60 -2.44
N VAL B 22 6.82 -11.04 -3.15
CA VAL B 22 7.06 -9.87 -3.97
C VAL B 22 7.61 -8.73 -3.13
N GLY B 23 6.97 -8.47 -1.99
CA GLY B 23 7.42 -7.42 -1.10
C GLY B 23 8.84 -7.64 -0.63
N ASP B 24 9.12 -8.82 -0.09
CA ASP B 24 10.46 -9.14 0.38
C ASP B 24 11.51 -8.88 -0.70
N SER B 25 11.18 -9.26 -1.94
CA SER B 25 12.10 -9.08 -3.06
C SER B 25 12.01 -7.67 -3.67
N MET B 26 10.97 -6.93 -3.31
CA MET B 26 10.79 -5.59 -3.85
C MET B 26 11.76 -4.59 -3.20
N ASP B 27 12.14 -4.87 -1.96
CA ASP B 27 13.06 -4.00 -1.24
C ASP B 27 14.51 -4.44 -1.40
N ARG B 28 14.70 -5.67 -1.89
CA ARG B 28 16.05 -6.21 -2.08
C ARG B 28 16.91 -5.28 -2.94
N SER B 29 16.26 -4.44 -3.75
CA SER B 29 16.97 -3.51 -4.61
C SER B 29 16.00 -2.63 -5.40
N ILE B 30 15.76 -1.43 -4.88
CA ILE B 30 14.85 -0.49 -5.54
C ILE B 30 15.57 0.28 -6.64
N PRO B 31 15.20 0.05 -7.92
CA PRO B 31 15.82 0.74 -9.05
C PRO B 31 15.73 2.26 -8.91
N PRO B 32 14.54 2.79 -8.59
CA PRO B 32 14.33 4.24 -8.44
C PRO B 32 14.89 4.77 -7.11
N GLY B 33 16.17 5.08 -7.10
CA GLY B 33 16.80 5.61 -5.90
C GLY B 33 17.88 4.69 -5.35
N LEU B 34 17.70 3.39 -5.56
CA LEU B 34 18.68 2.40 -5.08
C LEU B 34 19.15 1.52 -6.23
N VAL B 35 19.74 2.14 -7.25
CA VAL B 35 20.24 1.41 -8.41
C VAL B 35 21.76 1.31 -8.38
N ALA A 5 -12.09 12.19 26.77
CA ALA A 5 -11.48 12.73 25.56
C ALA A 5 -12.20 12.22 24.32
N GLU A 6 -11.59 12.44 23.15
CA GLU A 6 -12.17 12.01 21.89
C GLU A 6 -11.08 11.46 20.96
N GLU A 7 -10.08 12.29 20.67
CA GLU A 7 -8.99 11.89 19.78
C GLU A 7 -8.08 10.89 20.48
N GLU A 8 -7.06 10.43 19.75
CA GLU A 8 -6.10 9.46 20.30
C GLU A 8 -4.67 9.91 20.05
N GLU A 9 -3.84 9.79 21.08
CA GLU A 9 -2.44 10.19 20.98
C GLU A 9 -1.75 9.49 19.80
N ASP A 10 -2.18 8.27 19.50
CA ASP A 10 -1.60 7.50 18.40
C ASP A 10 -1.82 8.20 17.07
N GLU A 11 -0.94 9.15 16.75
CA GLU A 11 -1.04 9.90 15.51
C GLU A 11 -0.66 9.04 14.30
N LEU A 12 0.01 7.93 14.55
CA LEU A 12 0.43 7.02 13.49
C LEU A 12 -0.78 6.52 12.69
N TYR A 13 -1.85 6.23 13.42
CA TYR A 13 -3.09 5.74 12.80
C TYR A 13 -3.69 6.82 11.91
N ARG A 14 -3.85 8.01 12.48
CA ARG A 14 -4.43 9.14 11.77
C ARG A 14 -3.58 9.53 10.56
N GLN A 15 -2.28 9.69 10.78
CA GLN A 15 -1.37 10.07 9.70
C GLN A 15 -1.36 9.01 8.59
N SER A 16 -1.43 7.75 8.98
CA SER A 16 -1.42 6.65 8.02
C SER A 16 -2.75 6.57 7.26
N LEU A 17 -3.85 6.52 8.00
CA LEU A 17 -5.17 6.45 7.39
C LEU A 17 -5.49 7.73 6.61
N GLU A 18 -4.94 8.84 7.08
CA GLU A 18 -5.15 10.13 6.42
C GLU A 18 -4.42 10.18 5.08
N ILE A 19 -3.13 9.90 5.13
CA ILE A 19 -2.30 9.92 3.91
C ILE A 19 -2.86 8.94 2.87
N ILE A 20 -3.12 7.71 3.30
CA ILE A 20 -3.64 6.69 2.40
C ILE A 20 -5.06 7.02 1.93
N SER A 21 -5.86 7.62 2.81
CA SER A 21 -7.23 7.97 2.48
C SER A 21 -7.27 9.03 1.37
N ARG A 22 -6.71 10.20 1.67
CA ARG A 22 -6.67 11.29 0.71
C ARG A 22 -5.93 10.88 -0.56
N TYR A 23 -4.83 10.16 -0.38
CA TYR A 23 -4.02 9.69 -1.50
C TYR A 23 -4.86 8.84 -2.46
N LEU A 24 -5.30 7.68 -1.99
CA LEU A 24 -6.12 6.79 -2.80
C LEU A 24 -7.33 7.52 -3.38
N ARG A 25 -7.90 8.43 -2.59
CA ARG A 25 -9.07 9.19 -3.02
C ARG A 25 -8.76 10.02 -4.26
N GLU A 26 -7.61 10.68 -4.25
CA GLU A 26 -7.20 11.53 -5.37
C GLU A 26 -6.49 10.72 -6.47
N GLN A 27 -5.98 9.55 -6.10
CA GLN A 27 -5.28 8.69 -7.05
C GLN A 27 -6.24 7.82 -7.85
N ALA A 28 -7.28 7.32 -7.18
CA ALA A 28 -8.26 6.47 -7.82
C ALA A 28 -9.30 7.26 -8.61
N THR A 29 -9.17 8.58 -8.62
CA THR A 29 -10.11 9.43 -9.35
C THR A 29 -9.56 9.81 -10.71
N GLY A 30 -8.24 9.76 -10.86
CA GLY A 30 -7.62 10.11 -12.12
C GLY A 30 -7.83 11.56 -12.50
N ALA A 31 -8.37 12.35 -11.57
CA ALA A 31 -8.61 13.76 -11.82
C ALA A 31 -7.84 14.61 -10.82
N LYS A 32 -8.04 15.91 -10.91
CA LYS A 32 -7.37 16.85 -10.03
C LYS A 32 -8.34 17.42 -8.99
N ASP A 33 -8.30 16.87 -7.79
CA ASP A 33 -9.17 17.32 -6.70
C ASP A 33 -9.00 18.82 -6.44
N THR A 34 -7.83 19.34 -6.80
CA THR A 34 -7.52 20.77 -6.62
C THR A 34 -7.06 21.08 -5.19
N LYS A 35 -7.46 20.23 -4.24
CA LYS A 35 -7.09 20.40 -2.83
C LYS A 35 -7.09 21.88 -2.42
N PRO A 36 -8.27 22.42 -2.12
CA PRO A 36 -8.41 23.82 -1.71
C PRO A 36 -7.49 24.19 -0.55
N MET A 37 -7.84 23.73 0.65
CA MET A 37 -7.03 24.03 1.83
C MET A 37 -6.47 22.74 2.45
N GLY A 38 -5.21 22.79 2.85
CA GLY A 38 -4.58 21.62 3.44
C GLY A 38 -3.20 21.35 2.88
N ARG A 39 -2.19 21.42 3.73
CA ARG A 39 -0.81 21.18 3.31
C ARG A 39 -0.31 19.84 3.83
N SER A 40 -0.63 19.55 5.09
CA SER A 40 -0.22 18.30 5.73
C SER A 40 1.24 18.37 6.18
N GLY A 41 1.71 17.29 6.81
CA GLY A 41 3.09 17.25 7.29
C GLY A 41 4.09 17.03 6.18
N ALA A 42 5.32 17.49 6.42
CA ALA A 42 6.39 17.35 5.44
C ALA A 42 6.62 15.89 5.11
N THR A 43 6.65 15.05 6.14
CA THR A 43 6.84 13.63 5.96
C THR A 43 5.80 13.10 4.98
N SER A 44 4.63 13.72 4.99
CA SER A 44 3.54 13.32 4.10
C SER A 44 3.93 13.56 2.65
N ARG A 45 4.53 14.73 2.39
CA ARG A 45 4.97 15.07 1.04
C ARG A 45 6.07 14.14 0.57
N LYS A 46 7.10 13.98 1.40
CA LYS A 46 8.22 13.11 1.07
C LYS A 46 7.74 11.67 0.89
N ALA A 47 6.91 11.22 1.82
CA ALA A 47 6.36 9.87 1.75
C ALA A 47 5.67 9.62 0.42
N LEU A 48 4.71 10.48 0.10
CA LEU A 48 3.97 10.38 -1.16
C LEU A 48 4.94 10.30 -2.34
N GLU A 49 5.85 11.26 -2.41
CA GLU A 49 6.83 11.31 -3.49
C GLU A 49 7.49 9.95 -3.67
N THR A 50 7.96 9.38 -2.56
CA THR A 50 8.61 8.06 -2.60
C THR A 50 7.63 7.04 -3.17
N LEU A 51 6.37 7.14 -2.77
CA LEU A 51 5.34 6.25 -3.24
C LEU A 51 5.15 6.39 -4.75
N ARG A 52 5.30 7.61 -5.25
CA ARG A 52 5.14 7.88 -6.67
C ARG A 52 6.27 7.22 -7.47
N ARG A 53 7.50 7.41 -7.02
CA ARG A 53 8.66 6.83 -7.70
C ARG A 53 8.70 5.32 -7.53
N VAL A 54 8.74 4.85 -6.29
CA VAL A 54 8.79 3.42 -6.01
C VAL A 54 7.51 2.73 -6.50
N GLY A 55 6.38 3.40 -6.30
CA GLY A 55 5.11 2.85 -6.72
C GLY A 55 5.02 2.68 -8.23
N ASP A 56 5.23 3.78 -8.96
CA ASP A 56 5.19 3.74 -10.41
C ASP A 56 6.22 2.74 -10.94
N GLY A 57 7.37 2.69 -10.28
CA GLY A 57 8.41 1.77 -10.69
C GLY A 57 7.96 0.33 -10.59
N VAL A 58 7.36 -0.04 -9.46
CA VAL A 58 6.88 -1.40 -9.26
C VAL A 58 5.77 -1.70 -10.27
N GLN A 59 4.97 -0.68 -10.56
CA GLN A 59 3.87 -0.83 -11.51
C GLN A 59 4.41 -1.05 -12.91
N ARG A 60 5.57 -0.45 -13.20
CA ARG A 60 6.18 -0.57 -14.51
C ARG A 60 7.01 -1.85 -14.62
N ASN A 61 7.76 -2.16 -13.56
CA ASN A 61 8.60 -3.34 -13.55
C ASN A 61 7.83 -4.60 -13.19
N HIS A 62 7.04 -4.53 -12.13
CA HIS A 62 6.27 -5.68 -11.67
C HIS A 62 4.88 -5.73 -12.31
N GLU A 63 4.66 -4.90 -13.33
CA GLU A 63 3.36 -4.85 -14.02
C GLU A 63 2.79 -6.25 -14.24
N THR A 64 3.65 -7.19 -14.59
CA THR A 64 3.22 -8.57 -14.83
C THR A 64 2.55 -9.14 -13.58
N ALA A 65 3.08 -8.81 -12.41
CA ALA A 65 2.52 -9.27 -11.15
C ALA A 65 1.16 -8.65 -10.91
N PHE A 66 1.03 -7.37 -11.26
CA PHE A 66 -0.24 -6.65 -11.09
C PHE A 66 -1.33 -7.35 -11.90
N GLN A 67 -1.08 -7.51 -13.19
CA GLN A 67 -2.05 -8.15 -14.08
C GLN A 67 -2.40 -9.54 -13.56
N GLY A 68 -1.37 -10.34 -13.25
CA GLY A 68 -1.59 -11.68 -12.74
C GLY A 68 -2.52 -11.71 -11.53
N MET A 69 -2.16 -10.94 -10.50
CA MET A 69 -2.97 -10.89 -9.28
C MET A 69 -4.42 -10.49 -9.59
N LEU A 70 -4.58 -9.47 -10.41
CA LEU A 70 -5.91 -8.99 -10.79
C LEU A 70 -6.66 -10.07 -11.55
N ARG A 71 -5.93 -10.87 -12.32
CA ARG A 71 -6.52 -11.95 -13.11
C ARG A 71 -7.04 -13.05 -12.19
N LYS A 72 -6.16 -13.56 -11.34
CA LYS A 72 -6.52 -14.60 -10.39
C LYS A 72 -7.59 -14.10 -9.43
N LEU A 73 -7.29 -12.95 -8.85
CA LEU A 73 -8.18 -12.31 -7.89
C LEU A 73 -9.52 -11.94 -8.51
N ASP A 74 -9.53 -10.98 -9.45
CA ASP A 74 -10.77 -10.56 -10.09
C ASP A 74 -11.76 -10.09 -9.04
N ILE A 75 -12.05 -8.79 -9.04
CA ILE A 75 -12.98 -8.25 -8.04
C ILE A 75 -14.27 -7.77 -8.69
N LYS A 76 -15.37 -7.97 -7.99
CA LYS A 76 -16.70 -7.57 -8.45
C LYS A 76 -17.76 -8.12 -7.50
N ASN A 77 -17.60 -7.81 -6.21
CA ASN A 77 -18.53 -8.27 -5.19
C ASN A 77 -18.15 -7.72 -3.82
N GLU A 78 -19.08 -7.79 -2.88
CA GLU A 78 -18.83 -7.31 -1.53
C GLU A 78 -18.01 -8.32 -0.72
N ASP A 79 -18.03 -9.57 -1.18
CA ASP A 79 -17.30 -10.65 -0.50
C ASP A 79 -15.79 -10.51 -0.66
N ASP A 80 -15.34 -9.82 -1.70
CA ASP A 80 -13.91 -9.66 -1.94
C ASP A 80 -13.25 -8.91 -0.78
N VAL A 81 -13.94 -7.88 -0.28
CA VAL A 81 -13.41 -7.07 0.81
C VAL A 81 -12.86 -7.94 1.94
N LYS A 82 -13.74 -8.74 2.56
CA LYS A 82 -13.32 -9.62 3.64
C LYS A 82 -12.31 -10.65 3.14
N SER A 83 -12.44 -11.02 1.88
CA SER A 83 -11.53 -11.97 1.26
C SER A 83 -10.14 -11.34 1.18
N LEU A 84 -10.10 -10.07 0.83
CA LEU A 84 -8.85 -9.35 0.73
C LEU A 84 -8.21 -9.27 2.11
N SER A 85 -9.02 -8.93 3.11
CA SER A 85 -8.54 -8.87 4.47
C SER A 85 -7.83 -10.17 4.80
N ARG A 86 -8.46 -11.28 4.40
CA ARG A 86 -7.89 -12.60 4.61
C ARG A 86 -6.53 -12.71 3.91
N VAL A 87 -6.45 -12.24 2.67
CA VAL A 87 -5.19 -12.27 1.92
C VAL A 87 -4.09 -11.55 2.68
N MET A 88 -4.34 -10.28 2.98
CA MET A 88 -3.38 -9.46 3.72
C MET A 88 -2.90 -10.20 4.95
N ILE A 89 -3.82 -10.50 5.86
CA ILE A 89 -3.48 -11.22 7.08
C ILE A 89 -2.66 -12.48 6.76
N HIS A 90 -3.06 -13.18 5.71
CA HIS A 90 -2.38 -14.40 5.29
C HIS A 90 -0.92 -14.12 4.94
N VAL A 91 -0.64 -12.94 4.40
CA VAL A 91 0.74 -12.60 4.03
C VAL A 91 1.53 -12.10 5.25
N PHE A 92 0.83 -11.39 6.15
CA PHE A 92 1.46 -10.86 7.36
C PHE A 92 1.68 -11.95 8.39
N SER A 93 0.84 -12.99 8.35
CA SER A 93 0.90 -14.10 9.29
C SER A 93 2.29 -14.74 9.34
N ASP A 94 3.11 -14.52 8.31
CA ASP A 94 4.44 -15.09 8.26
C ASP A 94 5.28 -14.59 9.42
N GLY A 95 5.23 -13.28 9.64
CA GLY A 95 6.01 -12.67 10.71
C GLY A 95 7.13 -11.82 10.15
N VAL A 96 7.24 -11.79 8.83
CA VAL A 96 8.28 -11.02 8.17
C VAL A 96 7.88 -9.54 8.04
N THR A 97 8.73 -8.66 8.56
CA THR A 97 8.47 -7.22 8.50
C THR A 97 9.54 -6.52 7.67
N ASN A 98 9.17 -6.13 6.45
CA ASN A 98 10.10 -5.44 5.56
C ASN A 98 9.39 -4.36 4.76
N TRP A 99 10.12 -3.28 4.48
CA TRP A 99 9.56 -2.17 3.70
C TRP A 99 9.05 -2.65 2.35
N GLY A 100 9.76 -3.63 1.78
CA GLY A 100 9.36 -4.17 0.50
C GLY A 100 7.91 -4.62 0.48
N ARG A 101 7.50 -5.30 1.56
CA ARG A 101 6.14 -5.78 1.69
C ARG A 101 5.14 -4.63 1.74
N ILE A 102 5.34 -3.73 2.70
CA ILE A 102 4.46 -2.58 2.88
C ILE A 102 4.22 -1.84 1.56
N VAL A 103 5.30 -1.43 0.89
CA VAL A 103 5.18 -0.70 -0.36
C VAL A 103 4.52 -1.55 -1.44
N THR A 104 5.00 -2.78 -1.61
CA THR A 104 4.44 -3.68 -2.62
C THR A 104 2.94 -3.89 -2.39
N LEU A 105 2.56 -4.08 -1.13
CA LEU A 105 1.16 -4.27 -0.77
C LEU A 105 0.36 -3.02 -1.10
N ILE A 106 0.71 -1.91 -0.45
CA ILE A 106 0.04 -0.64 -0.67
C ILE A 106 -0.06 -0.31 -2.15
N SER A 107 1.05 -0.50 -2.87
CA SER A 107 1.09 -0.23 -4.31
C SER A 107 0.01 -1.04 -5.03
N PHE A 108 0.09 -2.35 -4.92
CA PHE A 108 -0.89 -3.22 -5.55
C PHE A 108 -2.30 -2.84 -5.12
N GLY A 109 -2.43 -2.38 -3.87
CA GLY A 109 -3.72 -1.96 -3.37
C GLY A 109 -4.27 -0.79 -4.17
N ALA A 110 -3.44 0.23 -4.34
CA ALA A 110 -3.82 1.41 -5.10
C ALA A 110 -4.22 1.03 -6.52
N PHE A 111 -3.38 0.23 -7.18
CA PHE A 111 -3.64 -0.21 -8.54
C PHE A 111 -5.03 -0.83 -8.64
N VAL A 112 -5.27 -1.88 -7.86
CA VAL A 112 -6.56 -2.55 -7.85
C VAL A 112 -7.67 -1.52 -7.66
N ALA A 113 -7.42 -0.57 -6.76
CA ALA A 113 -8.39 0.50 -6.51
C ALA A 113 -8.74 1.22 -7.79
N LYS A 114 -7.71 1.54 -8.59
CA LYS A 114 -7.90 2.21 -9.86
C LYS A 114 -8.79 1.40 -10.79
N HIS A 115 -8.43 0.13 -10.96
CA HIS A 115 -9.18 -0.77 -11.83
C HIS A 115 -10.67 -0.80 -11.44
N LEU A 116 -10.95 -1.26 -10.23
CA LEU A 116 -12.32 -1.31 -9.75
C LEU A 116 -12.95 0.08 -9.84
N LYS A 117 -12.13 1.12 -9.71
CA LYS A 117 -12.62 2.48 -9.83
C LYS A 117 -13.14 2.69 -11.25
N THR A 118 -12.38 2.18 -12.21
CA THR A 118 -12.74 2.28 -13.61
C THR A 118 -14.00 1.48 -13.91
N ILE A 119 -14.22 0.41 -13.14
CA ILE A 119 -15.42 -0.41 -13.32
C ILE A 119 -16.56 0.09 -12.42
N ASN A 120 -16.45 1.34 -12.00
CA ASN A 120 -17.44 1.97 -11.15
C ASN A 120 -17.62 1.23 -9.82
N GLN A 121 -16.55 1.16 -9.04
CA GLN A 121 -16.59 0.50 -7.74
C GLN A 121 -15.77 1.28 -6.72
N GLU A 122 -16.04 2.57 -6.61
CA GLU A 122 -15.32 3.44 -5.68
C GLU A 122 -15.65 3.06 -4.23
N SER A 123 -16.87 2.63 -4.00
CA SER A 123 -17.31 2.24 -2.66
C SER A 123 -16.36 1.23 -2.03
N CYS A 124 -15.63 0.50 -2.87
CA CYS A 124 -14.70 -0.51 -2.38
C CYS A 124 -13.33 0.09 -2.09
N ILE A 125 -13.20 1.40 -2.22
CA ILE A 125 -11.93 2.08 -1.95
C ILE A 125 -11.76 2.29 -0.45
N GLU A 126 -12.88 2.50 0.24
CA GLU A 126 -12.86 2.69 1.68
C GLU A 126 -12.24 1.48 2.37
N PRO A 127 -12.79 0.27 2.10
CA PRO A 127 -12.25 -0.97 2.69
C PRO A 127 -10.80 -1.18 2.30
N LEU A 128 -10.45 -0.73 1.10
CA LEU A 128 -9.08 -0.85 0.60
C LEU A 128 -8.10 -0.13 1.51
N ALA A 129 -8.28 1.19 1.63
CA ALA A 129 -7.43 2.02 2.46
C ALA A 129 -7.42 1.56 3.91
N GLU A 130 -8.61 1.42 4.48
CA GLU A 130 -8.75 1.01 5.87
C GLU A 130 -8.13 -0.37 6.10
N SER A 131 -8.30 -1.27 5.15
CA SER A 131 -7.76 -2.62 5.26
C SER A 131 -6.25 -2.61 5.33
N ILE A 132 -5.61 -2.01 4.32
CA ILE A 132 -4.16 -1.94 4.28
C ILE A 132 -3.61 -1.27 5.54
N THR A 133 -4.11 -0.08 5.83
CA THR A 133 -3.67 0.65 7.01
C THR A 133 -3.93 -0.16 8.28
N ASP A 134 -5.19 -0.50 8.50
CA ASP A 134 -5.59 -1.28 9.68
C ASP A 134 -4.60 -2.39 9.98
N VAL A 135 -4.47 -3.33 9.04
CA VAL A 135 -3.55 -4.46 9.22
C VAL A 135 -2.13 -3.98 9.51
N LEU A 136 -1.63 -3.06 8.70
CA LEU A 136 -0.28 -2.53 8.84
C LEU A 136 -0.01 -1.99 10.25
N VAL A 137 -0.86 -1.09 10.74
CA VAL A 137 -0.68 -0.50 12.07
C VAL A 137 -1.21 -1.39 13.18
N ARG A 138 -2.05 -2.36 12.84
CA ARG A 138 -2.64 -3.25 13.84
C ARG A 138 -1.68 -4.34 14.29
N THR A 139 -0.93 -4.93 13.35
CA THR A 139 -0.01 -6.02 13.69
C THR A 139 1.46 -5.62 13.56
N LYS A 140 1.75 -4.49 12.93
CA LYS A 140 3.13 -4.06 12.75
C LYS A 140 3.44 -2.73 13.43
N ARG A 141 2.52 -2.26 14.29
CA ARG A 141 2.72 -1.00 14.99
C ARG A 141 4.11 -0.90 15.60
N ASP A 142 4.48 -1.91 16.40
CA ASP A 142 5.78 -1.93 17.05
C ASP A 142 6.91 -1.79 16.03
N TRP A 143 6.79 -2.51 14.92
CA TRP A 143 7.80 -2.48 13.87
C TRP A 143 7.88 -1.09 13.25
N LEU A 144 6.72 -0.47 13.05
CA LEU A 144 6.66 0.87 12.45
C LEU A 144 7.23 1.91 13.40
N VAL A 145 6.73 1.92 14.64
CA VAL A 145 7.18 2.88 15.64
C VAL A 145 8.67 2.80 15.85
N LYS A 146 9.19 1.60 16.06
CA LYS A 146 10.63 1.39 16.28
C LYS A 146 11.42 1.83 15.06
N GLN A 147 10.84 1.67 13.87
CA GLN A 147 11.51 2.05 12.64
C GLN A 147 11.17 3.48 12.22
N ARG A 148 10.56 4.24 13.13
CA ARG A 148 10.17 5.63 12.87
C ARG A 148 8.88 5.72 12.08
N GLY A 149 8.48 4.63 11.42
CA GLY A 149 7.25 4.63 10.65
C GLY A 149 7.43 5.21 9.26
N TRP A 150 7.00 6.45 9.08
CA TRP A 150 7.11 7.11 7.78
C TRP A 150 8.54 7.56 7.51
N ASP A 151 9.13 8.28 8.47
CA ASP A 151 10.51 8.76 8.33
C ASP A 151 11.45 7.65 7.93
N GLY A 152 11.44 6.55 8.69
CA GLY A 152 12.31 5.43 8.39
C GLY A 152 12.10 4.90 6.98
N PHE A 153 10.86 4.98 6.51
CA PHE A 153 10.54 4.52 5.16
C PHE A 153 11.22 5.40 4.12
N VAL A 154 11.22 6.71 4.36
CA VAL A 154 11.84 7.65 3.46
C VAL A 154 13.36 7.64 3.61
N GLU A 155 13.83 7.18 4.77
CA GLU A 155 15.26 7.11 5.03
C GLU A 155 15.84 5.84 4.43
N PHE A 156 15.01 4.79 4.36
CA PHE A 156 15.44 3.51 3.81
C PHE A 156 15.18 3.45 2.30
N PHE A 157 14.19 4.23 1.84
CA PHE A 157 13.85 4.25 0.43
C PHE A 157 14.54 5.40 -0.29
N HIS A 158 14.71 6.53 0.42
CA HIS A 158 15.36 7.69 -0.16
C HIS A 158 16.81 7.82 0.31
N VAL A 159 17.24 6.89 1.17
CA VAL A 159 18.60 6.89 1.69
C VAL A 159 19.06 8.30 2.09
N GLU A 160 18.16 9.05 2.71
CA GLU A 160 18.46 10.42 3.14
C GLU A 160 19.49 10.40 4.27
N ASP A 161 20.73 10.77 3.95
CA ASP A 161 21.79 10.82 4.94
C ASP A 161 22.80 11.90 4.61
N LEU A 162 22.31 13.11 4.36
CA LEU A 162 23.17 14.23 4.03
C LEU A 162 22.91 15.42 4.95
N GLU A 163 21.71 15.99 4.85
CA GLU A 163 21.34 17.12 5.68
C GLU A 163 20.08 16.82 6.49
N GLY A 164 20.05 17.31 7.72
CA GLY A 164 18.90 17.08 8.58
C GLY A 164 19.30 16.72 10.00
N SER B 5 -13.53 -23.29 -13.93
CA SER B 5 -13.59 -22.36 -12.80
C SER B 5 -12.46 -22.64 -11.81
N GLU B 6 -12.46 -21.91 -10.71
CA GLU B 6 -11.44 -22.08 -9.68
C GLU B 6 -12.06 -21.90 -8.29
N SER B 7 -11.22 -21.67 -7.30
CA SER B 7 -11.67 -21.47 -5.94
C SER B 7 -10.95 -20.30 -5.30
N GLN B 8 -11.67 -19.18 -5.17
CA GLN B 8 -11.12 -17.94 -4.60
C GLN B 8 -10.20 -18.22 -3.41
N GLU B 9 -10.48 -19.28 -2.68
CA GLU B 9 -9.67 -19.63 -1.52
C GLU B 9 -8.21 -19.86 -1.95
N ASP B 10 -8.02 -20.65 -2.98
CA ASP B 10 -6.68 -20.94 -3.49
C ASP B 10 -6.09 -19.67 -4.12
N ILE B 11 -6.92 -18.96 -4.87
CA ILE B 11 -6.51 -17.73 -5.53
C ILE B 11 -5.95 -16.75 -4.50
N ILE B 12 -6.75 -16.46 -3.47
CA ILE B 12 -6.34 -15.56 -2.41
C ILE B 12 -5.08 -16.05 -1.72
N ARG B 13 -5.03 -17.35 -1.45
CA ARG B 13 -3.87 -17.93 -0.78
C ARG B 13 -2.61 -17.74 -1.63
N ASN B 14 -2.71 -18.06 -2.91
CA ASN B 14 -1.58 -17.91 -3.83
C ASN B 14 -1.24 -16.45 -4.03
N ILE B 15 -2.25 -15.60 -4.16
CA ILE B 15 -2.02 -14.19 -4.33
C ILE B 15 -1.31 -13.63 -3.10
N ALA B 16 -1.82 -14.01 -1.92
CA ALA B 16 -1.24 -13.56 -0.66
C ALA B 16 0.25 -13.91 -0.59
N ARG B 17 0.55 -15.21 -0.68
CA ARG B 17 1.95 -15.64 -0.62
C ARG B 17 2.78 -14.89 -1.65
N HIS B 18 2.20 -14.69 -2.84
CA HIS B 18 2.88 -13.96 -3.90
C HIS B 18 3.08 -12.49 -3.52
N LEU B 19 2.10 -11.92 -2.83
CA LEU B 19 2.18 -10.53 -2.41
C LEU B 19 3.33 -10.32 -1.44
N ALA B 20 3.35 -11.08 -0.34
CA ALA B 20 4.41 -10.98 0.64
C ALA B 20 5.77 -11.23 -0.01
N GLN B 21 5.84 -12.25 -0.87
CA GLN B 21 7.05 -12.59 -1.56
C GLN B 21 7.52 -11.48 -2.49
N VAL B 22 6.60 -10.98 -3.32
CA VAL B 22 6.90 -9.91 -4.26
C VAL B 22 7.45 -8.69 -3.53
N GLY B 23 6.81 -8.36 -2.41
CA GLY B 23 7.25 -7.23 -1.62
C GLY B 23 8.60 -7.46 -0.97
N ASP B 24 8.77 -8.62 -0.36
CA ASP B 24 10.03 -8.97 0.29
C ASP B 24 11.20 -8.86 -0.67
N SER B 25 10.98 -9.27 -1.92
CA SER B 25 12.02 -9.24 -2.93
C SER B 25 12.23 -7.81 -3.46
N MET B 26 11.13 -7.07 -3.62
CA MET B 26 11.20 -5.71 -4.13
C MET B 26 12.18 -4.85 -3.32
N ASP B 27 12.43 -5.25 -2.08
CA ASP B 27 13.34 -4.51 -1.21
C ASP B 27 14.78 -4.98 -1.40
N ARG B 28 14.96 -6.20 -1.88
CA ARG B 28 16.28 -6.75 -2.10
C ARG B 28 17.00 -6.04 -3.24
N SER B 29 16.25 -5.40 -4.12
CA SER B 29 16.82 -4.68 -5.24
C SER B 29 15.77 -3.85 -5.97
N ILE B 30 15.68 -2.58 -5.60
CA ILE B 30 14.72 -1.67 -6.21
C ILE B 30 15.04 -1.45 -7.69
N PRO B 31 14.18 -1.94 -8.61
CA PRO B 31 14.39 -1.79 -10.05
C PRO B 31 14.73 -0.35 -10.44
N PRO B 32 13.87 0.62 -10.08
CA PRO B 32 14.08 2.04 -10.40
C PRO B 32 15.31 2.64 -9.71
N GLY B 33 16.47 2.07 -10.01
CA GLY B 33 17.72 2.55 -9.43
C GLY B 33 17.62 2.93 -7.97
N LEU B 34 16.70 2.29 -7.24
CA LEU B 34 16.51 2.57 -5.83
C LEU B 34 16.35 4.07 -5.57
N VAL B 35 15.11 4.53 -5.61
CA VAL B 35 14.81 5.94 -5.39
C VAL B 35 14.15 6.15 -4.04
N ALA A 5 -4.79 18.67 25.57
CA ALA A 5 -5.89 18.26 24.68
C ALA A 5 -5.60 16.89 24.06
N GLU A 6 -6.53 15.96 24.27
CA GLU A 6 -6.39 14.61 23.73
C GLU A 6 -7.39 14.37 22.60
N GLU A 7 -7.06 14.85 21.42
CA GLU A 7 -7.93 14.68 20.26
C GLU A 7 -7.77 13.29 19.64
N GLU A 8 -6.66 13.11 18.92
CA GLU A 8 -6.37 11.84 18.28
C GLU A 8 -5.26 11.10 19.00
N GLU A 9 -5.64 10.09 19.77
CA GLU A 9 -4.67 9.29 20.53
C GLU A 9 -3.57 8.74 19.62
N ASP A 10 -3.99 7.95 18.63
CA ASP A 10 -3.05 7.35 17.68
C ASP A 10 -2.77 8.31 16.52
N GLU A 11 -1.62 8.98 16.56
CA GLU A 11 -1.24 9.90 15.51
C GLU A 11 -0.85 9.17 14.23
N LEU A 12 -0.20 8.01 14.39
CA LEU A 12 0.23 7.22 13.26
C LEU A 12 -0.98 6.61 12.55
N TYR A 13 -1.98 6.24 13.33
CA TYR A 13 -3.20 5.67 12.77
C TYR A 13 -3.93 6.72 11.94
N ARG A 14 -3.87 7.96 12.40
CA ARG A 14 -4.49 9.08 11.72
C ARG A 14 -3.69 9.47 10.49
N GLN A 15 -2.40 9.67 10.69
CA GLN A 15 -1.51 10.05 9.61
C GLN A 15 -1.48 8.97 8.53
N SER A 16 -1.54 7.71 8.97
CA SER A 16 -1.52 6.58 8.06
C SER A 16 -2.83 6.49 7.29
N LEU A 17 -3.94 6.43 7.99
CA LEU A 17 -5.25 6.33 7.35
C LEU A 17 -5.54 7.57 6.52
N GLU A 18 -5.07 8.72 7.00
CA GLU A 18 -5.26 9.99 6.31
C GLU A 18 -4.52 9.99 4.98
N ILE A 19 -3.23 9.67 5.02
CA ILE A 19 -2.42 9.63 3.81
C ILE A 19 -2.96 8.60 2.82
N ILE A 20 -3.04 7.35 3.24
CA ILE A 20 -3.53 6.27 2.39
C ILE A 20 -4.90 6.60 1.79
N SER A 21 -5.82 7.08 2.63
CA SER A 21 -7.16 7.43 2.18
C SER A 21 -7.10 8.48 1.08
N ARG A 22 -6.50 9.62 1.40
CA ARG A 22 -6.37 10.71 0.45
C ARG A 22 -5.56 10.27 -0.76
N TYR A 23 -4.72 9.25 -0.57
CA TYR A 23 -3.88 8.72 -1.64
C TYR A 23 -4.72 8.04 -2.71
N LEU A 24 -5.36 6.94 -2.34
CA LEU A 24 -6.19 6.20 -3.27
C LEU A 24 -7.31 7.08 -3.81
N ARG A 25 -7.83 7.95 -2.95
CA ARG A 25 -8.92 8.84 -3.34
C ARG A 25 -8.48 9.84 -4.41
N GLU A 26 -7.30 10.45 -4.20
CA GLU A 26 -6.78 11.43 -5.14
C GLU A 26 -6.11 10.76 -6.35
N GLN A 27 -5.68 9.51 -6.17
CA GLN A 27 -5.02 8.77 -7.25
C GLN A 27 -6.04 8.12 -8.17
N ALA A 28 -7.20 7.78 -7.61
CA ALA A 28 -8.26 7.12 -8.39
C ALA A 28 -9.16 8.15 -9.06
N THR A 29 -9.26 9.33 -8.46
CA THR A 29 -10.11 10.39 -9.01
C THR A 29 -9.42 11.09 -10.17
N GLY A 30 -8.10 11.16 -10.11
CA GLY A 30 -7.34 11.80 -11.17
C GLY A 30 -7.81 13.23 -11.43
N ALA A 31 -8.52 13.80 -10.46
CA ALA A 31 -9.03 15.16 -10.58
C ALA A 31 -8.31 16.08 -9.62
N LYS A 32 -7.73 17.15 -10.16
CA LYS A 32 -6.99 18.13 -9.37
C LYS A 32 -7.79 18.55 -8.14
N ASP A 33 -7.58 17.83 -7.05
CA ASP A 33 -8.26 18.10 -5.79
C ASP A 33 -7.26 18.39 -4.68
N THR A 34 -6.38 19.36 -4.92
CA THR A 34 -5.37 19.74 -3.94
C THR A 34 -5.86 20.89 -3.07
N LYS A 35 -7.09 20.77 -2.58
CA LYS A 35 -7.67 21.81 -1.74
C LYS A 35 -7.17 21.68 -0.30
N PRO A 36 -7.22 20.47 0.29
CA PRO A 36 -6.77 20.24 1.66
C PRO A 36 -5.25 20.08 1.77
N MET A 37 -4.70 20.39 2.93
CA MET A 37 -3.26 20.28 3.16
C MET A 37 -2.51 21.37 2.40
N GLY A 38 -2.60 21.33 1.07
CA GLY A 38 -1.92 22.32 0.26
C GLY A 38 -0.41 22.25 0.40
N ARG A 39 0.11 22.86 1.46
CA ARG A 39 1.55 22.87 1.71
C ARG A 39 1.91 21.95 2.88
N SER A 40 1.20 22.13 4.00
CA SER A 40 1.44 21.31 5.19
C SER A 40 1.54 19.83 4.85
N GLY A 41 2.43 19.13 5.54
CA GLY A 41 2.62 17.71 5.30
C GLY A 41 4.01 17.39 4.78
N ALA A 42 5.03 17.89 5.48
CA ALA A 42 6.41 17.66 5.09
C ALA A 42 6.68 16.17 4.88
N THR A 43 6.47 15.39 5.93
CA THR A 43 6.67 13.95 5.87
C THR A 43 5.78 13.36 4.79
N SER A 44 4.58 13.93 4.66
CA SER A 44 3.62 13.46 3.66
C SER A 44 4.17 13.66 2.26
N ARG A 45 4.63 14.86 1.96
CA ARG A 45 5.20 15.17 0.65
C ARG A 45 6.37 14.25 0.34
N LYS A 46 7.27 14.10 1.30
CA LYS A 46 8.44 13.24 1.12
C LYS A 46 8.02 11.80 0.93
N ALA A 47 7.30 11.26 1.92
CA ALA A 47 6.83 9.88 1.86
C ALA A 47 6.08 9.61 0.55
N LEU A 48 5.04 10.39 0.31
CA LEU A 48 4.24 10.24 -0.91
C LEU A 48 5.12 10.23 -2.15
N GLU A 49 6.04 11.19 -2.24
CA GLU A 49 6.94 11.27 -3.38
C GLU A 49 7.69 9.94 -3.55
N THR A 50 8.10 9.37 -2.42
CA THR A 50 8.80 8.09 -2.44
C THR A 50 7.85 7.03 -2.96
N LEU A 51 6.62 7.04 -2.44
CA LEU A 51 5.60 6.10 -2.86
C LEU A 51 5.33 6.23 -4.36
N ARG A 52 5.47 7.44 -4.88
CA ARG A 52 5.24 7.69 -6.29
C ARG A 52 6.36 7.08 -7.12
N ARG A 53 7.60 7.26 -6.66
CA ARG A 53 8.76 6.73 -7.36
C ARG A 53 8.80 5.19 -7.28
N VAL A 54 8.86 4.68 -6.05
CA VAL A 54 8.90 3.24 -5.83
C VAL A 54 7.60 2.58 -6.27
N GLY A 55 6.48 3.23 -5.97
CA GLY A 55 5.19 2.70 -6.35
C GLY A 55 5.02 2.62 -7.85
N ASP A 56 5.18 3.77 -8.52
CA ASP A 56 5.06 3.83 -9.98
C ASP A 56 6.04 2.86 -10.62
N GLY A 57 7.24 2.77 -10.03
CA GLY A 57 8.25 1.88 -10.55
C GLY A 57 7.80 0.43 -10.53
N VAL A 58 7.29 -0.01 -9.38
CA VAL A 58 6.82 -1.38 -9.26
C VAL A 58 5.67 -1.63 -10.22
N GLN A 59 4.82 -0.63 -10.39
CA GLN A 59 3.68 -0.73 -11.29
C GLN A 59 4.15 -0.85 -12.74
N ARG A 60 5.28 -0.20 -13.05
CA ARG A 60 5.82 -0.22 -14.39
C ARG A 60 6.71 -1.45 -14.62
N ASN A 61 7.52 -1.79 -13.62
CA ASN A 61 8.43 -2.92 -13.73
C ASN A 61 7.77 -4.24 -13.34
N HIS A 62 7.05 -4.25 -12.22
CA HIS A 62 6.40 -5.46 -11.74
C HIS A 62 4.94 -5.56 -12.22
N GLU A 63 4.57 -4.73 -13.20
CA GLU A 63 3.21 -4.73 -13.74
C GLU A 63 2.66 -6.15 -13.89
N THR A 64 3.55 -7.09 -14.18
CA THR A 64 3.15 -8.50 -14.35
C THR A 64 2.48 -9.04 -13.09
N ALA A 65 2.99 -8.61 -11.93
CA ALA A 65 2.45 -9.04 -10.65
C ALA A 65 1.03 -8.53 -10.45
N PHE A 66 0.83 -7.25 -10.77
CA PHE A 66 -0.47 -6.63 -10.64
C PHE A 66 -1.50 -7.34 -11.52
N GLN A 67 -1.16 -7.49 -12.80
CA GLN A 67 -2.05 -8.16 -13.74
C GLN A 67 -2.41 -9.56 -13.25
N GLY A 68 -1.38 -10.34 -12.92
CA GLY A 68 -1.61 -11.70 -12.43
C GLY A 68 -2.57 -11.76 -11.26
N MET A 69 -2.24 -11.05 -10.19
CA MET A 69 -3.08 -11.03 -9.00
C MET A 69 -4.49 -10.56 -9.33
N LEU A 70 -4.59 -9.51 -10.13
CA LEU A 70 -5.89 -8.97 -10.52
C LEU A 70 -6.72 -10.03 -11.24
N ARG A 71 -6.09 -10.72 -12.18
CA ARG A 71 -6.77 -11.77 -12.95
C ARG A 71 -7.30 -12.87 -12.04
N LYS A 72 -6.46 -13.35 -11.14
CA LYS A 72 -6.86 -14.41 -10.22
C LYS A 72 -7.89 -13.90 -9.21
N LEU A 73 -7.57 -12.78 -8.57
CA LEU A 73 -8.44 -12.17 -7.58
C LEU A 73 -9.85 -11.97 -8.12
N ASP A 74 -9.97 -11.12 -9.12
CA ASP A 74 -11.25 -10.77 -9.76
C ASP A 74 -11.72 -9.42 -9.25
N ILE A 75 -12.25 -9.39 -8.02
CA ILE A 75 -12.72 -8.15 -7.42
C ILE A 75 -13.73 -7.42 -8.29
N LYS A 76 -14.56 -6.60 -7.63
CA LYS A 76 -15.60 -5.79 -8.28
C LYS A 76 -16.78 -5.58 -7.33
N ASN A 77 -16.85 -6.40 -6.28
CA ASN A 77 -17.92 -6.30 -5.30
C ASN A 77 -17.38 -6.30 -3.87
N GLU A 78 -18.11 -5.66 -2.97
CA GLU A 78 -17.72 -5.56 -1.56
C GLU A 78 -17.42 -6.94 -0.96
N ASP A 79 -17.97 -7.98 -1.58
CA ASP A 79 -17.76 -9.34 -1.08
C ASP A 79 -16.27 -9.66 -0.94
N ASP A 80 -15.50 -9.31 -1.96
CA ASP A 80 -14.06 -9.58 -1.96
C ASP A 80 -13.37 -8.95 -0.76
N VAL A 81 -13.99 -7.92 -0.18
CA VAL A 81 -13.40 -7.22 0.97
C VAL A 81 -12.90 -8.20 2.03
N LYS A 82 -13.80 -8.98 2.60
CA LYS A 82 -13.44 -9.95 3.63
C LYS A 82 -12.43 -10.96 3.08
N SER A 83 -12.57 -11.28 1.80
CA SER A 83 -11.66 -12.20 1.14
C SER A 83 -10.26 -11.60 1.11
N LEU A 84 -10.20 -10.33 0.74
CA LEU A 84 -8.94 -9.62 0.70
C LEU A 84 -8.31 -9.62 2.08
N SER A 85 -9.12 -9.34 3.09
CA SER A 85 -8.64 -9.35 4.46
C SER A 85 -7.93 -10.66 4.73
N ARG A 86 -8.58 -11.75 4.31
CA ARG A 86 -8.00 -13.08 4.47
C ARG A 86 -6.63 -13.15 3.78
N VAL A 87 -6.54 -12.58 2.57
CA VAL A 87 -5.28 -12.57 1.84
C VAL A 87 -4.19 -11.86 2.65
N MET A 88 -4.48 -10.61 3.01
CA MET A 88 -3.55 -9.79 3.79
C MET A 88 -3.07 -10.54 5.03
N ILE A 89 -3.99 -10.93 5.88
CA ILE A 89 -3.66 -11.65 7.10
C ILE A 89 -2.83 -12.90 6.77
N HIS A 90 -3.18 -13.55 5.67
CA HIS A 90 -2.49 -14.77 5.25
C HIS A 90 -1.05 -14.48 4.84
N VAL A 91 -0.78 -13.28 4.31
CA VAL A 91 0.57 -12.94 3.89
C VAL A 91 1.43 -12.47 5.06
N PHE A 92 0.81 -11.76 6.00
CA PHE A 92 1.52 -11.25 7.17
C PHE A 92 1.58 -12.30 8.28
N SER A 93 0.67 -13.26 8.23
CA SER A 93 0.59 -14.32 9.23
C SER A 93 1.92 -15.09 9.35
N ASP A 94 2.78 -14.97 8.36
CA ASP A 94 4.06 -15.66 8.38
C ASP A 94 4.92 -15.15 9.53
N GLY A 95 4.96 -13.83 9.69
CA GLY A 95 5.75 -13.24 10.74
C GLY A 95 6.91 -12.42 10.18
N VAL A 96 7.04 -12.42 8.86
CA VAL A 96 8.10 -11.68 8.21
C VAL A 96 7.61 -10.33 7.69
N THR A 97 8.28 -9.26 8.13
CA THR A 97 7.91 -7.89 7.74
C THR A 97 9.10 -7.20 7.08
N ASN A 98 8.81 -6.20 6.23
CA ASN A 98 9.85 -5.47 5.54
C ASN A 98 9.25 -4.37 4.66
N TRP A 99 10.03 -3.34 4.38
CA TRP A 99 9.57 -2.24 3.54
C TRP A 99 9.02 -2.76 2.22
N GLY A 100 9.68 -3.79 1.69
CA GLY A 100 9.26 -4.39 0.44
C GLY A 100 7.80 -4.79 0.46
N ARG A 101 7.39 -5.47 1.54
CA ARG A 101 6.01 -5.92 1.68
C ARG A 101 5.04 -4.75 1.70
N ILE A 102 5.18 -3.89 2.71
CA ILE A 102 4.31 -2.75 2.87
C ILE A 102 4.11 -1.99 1.55
N VAL A 103 5.20 -1.64 0.88
CA VAL A 103 5.12 -0.91 -0.37
C VAL A 103 4.48 -1.76 -1.47
N THR A 104 4.97 -2.99 -1.64
CA THR A 104 4.42 -3.89 -2.65
C THR A 104 2.91 -4.02 -2.51
N LEU A 105 2.47 -4.35 -1.29
CA LEU A 105 1.05 -4.49 -1.01
C LEU A 105 0.32 -3.20 -1.34
N ILE A 106 0.69 -2.13 -0.65
CA ILE A 106 0.08 -0.81 -0.86
C ILE A 106 -0.04 -0.50 -2.36
N SER A 107 1.04 -0.70 -3.10
CA SER A 107 1.05 -0.46 -4.53
C SER A 107 -0.08 -1.22 -5.20
N PHE A 108 -0.08 -2.54 -5.04
CA PHE A 108 -1.12 -3.38 -5.60
C PHE A 108 -2.50 -2.81 -5.27
N GLY A 109 -2.62 -2.30 -4.04
CA GLY A 109 -3.88 -1.73 -3.61
C GLY A 109 -4.30 -0.55 -4.47
N ALA A 110 -3.40 0.41 -4.64
CA ALA A 110 -3.68 1.58 -5.46
C ALA A 110 -4.08 1.19 -6.87
N PHE A 111 -3.25 0.35 -7.51
CA PHE A 111 -3.53 -0.11 -8.88
C PHE A 111 -4.94 -0.67 -8.99
N VAL A 112 -5.23 -1.70 -8.19
CA VAL A 112 -6.55 -2.31 -8.20
C VAL A 112 -7.63 -1.24 -8.07
N ALA A 113 -7.40 -0.30 -7.15
CA ALA A 113 -8.33 0.79 -6.93
C ALA A 113 -8.57 1.56 -8.22
N LYS A 114 -7.50 1.80 -8.98
CA LYS A 114 -7.62 2.50 -10.26
C LYS A 114 -8.59 1.72 -11.14
N HIS A 115 -8.33 0.43 -11.26
CA HIS A 115 -9.19 -0.44 -12.06
C HIS A 115 -10.62 -0.39 -11.53
N LEU A 116 -10.75 -0.36 -10.20
CA LEU A 116 -12.07 -0.29 -9.56
C LEU A 116 -12.81 0.95 -10.05
N LYS A 117 -12.14 2.09 -10.01
CA LYS A 117 -12.74 3.34 -10.45
C LYS A 117 -13.18 3.20 -11.90
N THR A 118 -12.34 2.55 -12.71
CA THR A 118 -12.64 2.33 -14.11
C THR A 118 -13.93 1.53 -14.26
N ILE A 119 -14.12 0.56 -13.35
CA ILE A 119 -15.33 -0.27 -13.39
C ILE A 119 -16.35 0.22 -12.36
N ASN A 120 -16.30 1.52 -12.07
CA ASN A 120 -17.21 2.15 -11.11
C ASN A 120 -17.40 1.30 -9.85
N GLN A 121 -16.33 1.19 -9.06
CA GLN A 121 -16.38 0.43 -7.82
C GLN A 121 -15.40 1.00 -6.79
N GLU A 122 -15.59 2.27 -6.45
CA GLU A 122 -14.73 2.94 -5.48
C GLU A 122 -15.11 2.58 -4.05
N SER A 123 -16.36 2.16 -3.86
CA SER A 123 -16.85 1.81 -2.53
C SER A 123 -15.94 0.81 -1.82
N CYS A 124 -15.15 0.06 -2.60
CA CYS A 124 -14.25 -0.95 -2.02
C CYS A 124 -12.93 -0.33 -1.59
N ILE A 125 -12.67 0.92 -2.00
CA ILE A 125 -11.44 1.60 -1.63
C ILE A 125 -11.39 1.87 -0.12
N GLU A 126 -12.56 2.10 0.47
CA GLU A 126 -12.65 2.37 1.90
C GLU A 126 -12.16 1.17 2.72
N PRO A 127 -12.79 0.00 2.55
CA PRO A 127 -12.41 -1.20 3.29
C PRO A 127 -10.96 -1.56 3.03
N LEU A 128 -10.48 -1.27 1.83
CA LEU A 128 -9.10 -1.56 1.46
C LEU A 128 -8.14 -0.74 2.31
N ALA A 129 -8.28 0.57 2.26
CA ALA A 129 -7.42 1.46 3.03
C ALA A 129 -7.46 1.08 4.51
N GLU A 130 -8.66 0.89 5.04
CA GLU A 130 -8.84 0.52 6.44
C GLU A 130 -8.16 -0.81 6.73
N SER A 131 -8.42 -1.80 5.88
CA SER A 131 -7.85 -3.13 6.05
C SER A 131 -6.34 -3.09 6.02
N ILE A 132 -5.77 -2.54 4.95
CA ILE A 132 -4.33 -2.45 4.79
C ILE A 132 -3.68 -1.78 6.00
N THR A 133 -4.14 -0.57 6.32
CA THR A 133 -3.60 0.17 7.45
C THR A 133 -3.85 -0.59 8.74
N ASP A 134 -5.03 -1.21 8.86
CA ASP A 134 -5.39 -1.97 10.04
C ASP A 134 -4.39 -3.10 10.30
N VAL A 135 -4.27 -4.01 9.33
CA VAL A 135 -3.35 -5.13 9.46
C VAL A 135 -1.92 -4.67 9.69
N LEU A 136 -1.50 -3.66 8.95
CA LEU A 136 -0.15 -3.12 9.06
C LEU A 136 0.13 -2.59 10.47
N VAL A 137 -0.79 -1.78 10.98
CA VAL A 137 -0.63 -1.20 12.31
C VAL A 137 -0.99 -2.21 13.41
N ARG A 138 -1.71 -3.26 13.03
CA ARG A 138 -2.12 -4.28 13.99
C ARG A 138 -1.06 -5.35 14.22
N THR A 139 -0.24 -5.63 13.20
CA THR A 139 0.77 -6.68 13.33
C THR A 139 2.18 -6.13 13.62
N LYS A 140 2.67 -5.23 12.79
CA LYS A 140 4.02 -4.69 12.98
C LYS A 140 4.04 -3.17 13.14
N ARG A 141 3.21 -2.63 14.02
CA ARG A 141 3.19 -1.19 14.24
C ARG A 141 4.45 -0.71 14.95
N ASP A 142 4.85 -1.44 15.99
CA ASP A 142 6.04 -1.08 16.76
C ASP A 142 7.29 -1.10 15.88
N TRP A 143 7.27 -1.94 14.85
CA TRP A 143 8.39 -2.05 13.94
C TRP A 143 8.44 -0.85 13.00
N LEU A 144 7.28 -0.48 12.50
CA LEU A 144 7.14 0.65 11.59
C LEU A 144 7.44 1.95 12.33
N VAL A 145 6.81 2.13 13.48
CA VAL A 145 7.00 3.31 14.30
C VAL A 145 8.44 3.42 14.80
N LYS A 146 8.95 2.31 15.35
CA LYS A 146 10.31 2.29 15.87
C LYS A 146 11.33 2.70 14.81
N GLN A 147 10.94 2.61 13.54
CA GLN A 147 11.81 2.98 12.44
C GLN A 147 11.54 4.41 11.97
N ARG A 148 11.18 5.28 12.91
CA ARG A 148 10.87 6.68 12.62
C ARG A 148 9.59 6.78 11.80
N GLY A 149 8.83 5.69 11.74
CA GLY A 149 7.58 5.67 11.01
C GLY A 149 7.75 6.07 9.55
N TRP A 150 7.15 7.19 9.20
CA TRP A 150 7.20 7.69 7.83
C TRP A 150 8.55 8.31 7.51
N ASP A 151 9.09 9.07 8.45
CA ASP A 151 10.38 9.74 8.26
C ASP A 151 11.47 8.71 7.90
N GLY A 152 11.62 7.71 8.75
CA GLY A 152 12.63 6.68 8.51
C GLY A 152 12.37 5.94 7.22
N PHE A 153 11.11 5.74 6.89
CA PHE A 153 10.74 5.04 5.66
C PHE A 153 11.21 5.83 4.44
N VAL A 154 10.88 7.12 4.41
CA VAL A 154 11.27 7.98 3.30
C VAL A 154 12.79 8.15 3.25
N GLU A 155 13.43 8.07 4.41
CA GLU A 155 14.89 8.21 4.48
C GLU A 155 15.58 6.92 4.06
N PHE A 156 15.01 5.78 4.44
CA PHE A 156 15.58 4.48 4.10
C PHE A 156 15.34 4.16 2.63
N PHE A 157 14.25 4.69 2.08
CA PHE A 157 13.92 4.45 0.68
C PHE A 157 14.53 5.52 -0.21
N HIS A 158 14.65 6.73 0.34
CA HIS A 158 15.23 7.85 -0.42
C HIS A 158 16.36 8.50 0.38
N VAL A 159 17.59 8.08 0.10
CA VAL A 159 18.75 8.63 0.77
C VAL A 159 19.34 9.82 0.02
N GLU A 160 18.75 10.99 0.23
CA GLU A 160 19.20 12.20 -0.43
C GLU A 160 20.08 13.03 0.49
N ASP A 161 21.39 12.74 0.47
CA ASP A 161 22.34 13.46 1.31
C ASP A 161 22.80 14.75 0.63
N LEU A 162 21.84 15.61 0.30
CA LEU A 162 22.14 16.88 -0.35
C LEU A 162 21.46 18.04 0.37
N GLU A 163 22.27 18.93 0.93
CA GLU A 163 21.74 20.09 1.66
C GLU A 163 20.90 19.64 2.85
N GLY A 164 21.53 19.58 4.02
CA GLY A 164 20.83 19.18 5.21
C GLY A 164 21.23 17.80 5.69
N SER B 5 -12.21 -26.63 -12.62
CA SER B 5 -12.81 -25.97 -11.49
C SER B 5 -11.74 -25.55 -10.47
N GLU B 6 -11.94 -24.40 -9.84
CA GLU B 6 -11.00 -23.90 -8.86
C GLU B 6 -11.73 -23.50 -7.57
N SER B 7 -11.15 -22.58 -6.81
CA SER B 7 -11.73 -22.13 -5.57
C SER B 7 -11.06 -20.86 -5.07
N GLN B 8 -11.82 -19.77 -5.00
CA GLN B 8 -11.30 -18.47 -4.55
C GLN B 8 -10.35 -18.63 -3.38
N GLU B 9 -10.60 -19.63 -2.55
CA GLU B 9 -9.76 -19.89 -1.40
C GLU B 9 -8.31 -20.11 -1.83
N ASP B 10 -8.11 -20.98 -2.81
CA ASP B 10 -6.78 -21.26 -3.33
C ASP B 10 -6.22 -20.03 -4.01
N ILE B 11 -7.08 -19.35 -4.78
CA ILE B 11 -6.70 -18.13 -5.47
C ILE B 11 -6.10 -17.12 -4.50
N ILE B 12 -6.92 -16.71 -3.53
CA ILE B 12 -6.51 -15.78 -2.50
C ILE B 12 -5.23 -16.25 -1.80
N ARG B 13 -5.19 -17.53 -1.46
CA ARG B 13 -4.02 -18.10 -0.79
C ARG B 13 -2.76 -17.94 -1.63
N ASN B 14 -2.85 -18.32 -2.90
CA ASN B 14 -1.71 -18.22 -3.81
C ASN B 14 -1.31 -16.76 -4.00
N ILE B 15 -2.28 -15.90 -4.24
CA ILE B 15 -2.01 -14.50 -4.43
C ILE B 15 -1.35 -13.94 -3.18
N ALA B 16 -1.90 -14.30 -2.02
CA ALA B 16 -1.36 -13.84 -0.75
C ALA B 16 0.13 -14.17 -0.64
N ARG B 17 0.46 -15.45 -0.73
CA ARG B 17 1.86 -15.88 -0.64
C ARG B 17 2.71 -15.12 -1.65
N HIS B 18 2.16 -14.93 -2.85
CA HIS B 18 2.86 -14.21 -3.91
C HIS B 18 3.06 -12.74 -3.54
N LEU B 19 2.05 -12.16 -2.90
CA LEU B 19 2.11 -10.76 -2.48
C LEU B 19 3.24 -10.55 -1.49
N ALA B 20 3.24 -11.33 -0.42
CA ALA B 20 4.28 -11.24 0.60
C ALA B 20 5.65 -11.48 -0.02
N GLN B 21 5.73 -12.47 -0.91
CA GLN B 21 6.97 -12.81 -1.57
C GLN B 21 7.48 -11.67 -2.44
N VAL B 22 6.62 -11.16 -3.32
CA VAL B 22 6.97 -10.07 -4.22
C VAL B 22 7.47 -8.87 -3.41
N GLY B 23 6.78 -8.60 -2.30
CA GLY B 23 7.16 -7.49 -1.45
C GLY B 23 8.54 -7.66 -0.85
N ASP B 24 8.78 -8.82 -0.23
CA ASP B 24 10.07 -9.10 0.40
C ASP B 24 11.20 -8.99 -0.62
N SER B 25 10.97 -9.47 -1.83
CA SER B 25 11.99 -9.42 -2.87
C SER B 25 12.18 -8.00 -3.40
N MET B 26 11.08 -7.30 -3.61
CA MET B 26 11.13 -5.93 -4.12
C MET B 26 12.04 -5.04 -3.28
N ASP B 27 12.25 -5.42 -2.02
CA ASP B 27 13.10 -4.64 -1.13
C ASP B 27 14.57 -4.84 -1.46
N ARG B 28 14.96 -6.10 -1.63
CA ARG B 28 16.34 -6.45 -1.94
C ARG B 28 16.54 -6.58 -3.45
N SER B 29 15.87 -5.73 -4.21
CA SER B 29 15.98 -5.74 -5.66
C SER B 29 15.14 -4.64 -6.30
N ILE B 30 15.49 -3.39 -6.02
CA ILE B 30 14.78 -2.25 -6.57
C ILE B 30 15.23 -1.96 -8.00
N PRO B 31 14.34 -2.17 -9.00
CA PRO B 31 14.67 -1.92 -10.40
C PRO B 31 15.16 -0.50 -10.65
N PRO B 32 14.44 0.52 -10.14
CA PRO B 32 14.81 1.93 -10.32
C PRO B 32 16.04 2.33 -9.51
N GLY B 33 17.14 1.65 -9.75
CA GLY B 33 18.39 1.93 -9.04
C GLY B 33 18.19 2.28 -7.58
N LEU B 34 17.19 1.67 -6.95
CA LEU B 34 16.90 1.92 -5.55
C LEU B 34 16.63 3.41 -5.30
N VAL B 35 15.89 4.03 -6.21
CA VAL B 35 15.56 5.44 -6.09
C VAL B 35 14.29 5.77 -6.89
N ALA A 5 10.75 15.45 20.35
CA ALA A 5 9.55 14.62 20.21
C ALA A 5 8.95 14.27 21.56
N GLU A 6 7.99 15.08 22.00
CA GLU A 6 7.33 14.86 23.29
C GLU A 6 5.87 14.49 23.09
N GLU A 7 5.24 15.07 22.07
CA GLU A 7 3.84 14.80 21.78
C GLU A 7 3.71 13.68 20.74
N GLU A 8 2.49 13.52 20.22
CA GLU A 8 2.22 12.48 19.22
C GLU A 8 2.43 11.09 19.81
N GLU A 9 1.47 10.20 19.56
CA GLU A 9 1.54 8.84 20.04
C GLU A 9 0.67 7.92 19.21
N ASP A 10 -0.64 8.08 19.34
CA ASP A 10 -1.60 7.26 18.60
C ASP A 10 -2.08 7.97 17.33
N GLU A 11 -1.37 9.03 16.95
CA GLU A 11 -1.72 9.80 15.75
C GLU A 11 -1.41 9.01 14.49
N LEU A 12 -0.57 7.98 14.61
CA LEU A 12 -0.19 7.16 13.48
C LEU A 12 -1.41 6.66 12.73
N TYR A 13 -2.47 6.36 13.47
CA TYR A 13 -3.71 5.89 12.88
C TYR A 13 -4.25 6.95 11.92
N ARG A 14 -4.39 8.17 12.44
CA ARG A 14 -4.88 9.30 11.67
C ARG A 14 -3.95 9.63 10.49
N GLN A 15 -2.68 9.79 10.78
CA GLN A 15 -1.70 10.13 9.74
C GLN A 15 -1.65 9.04 8.67
N SER A 16 -1.78 7.79 9.09
CA SER A 16 -1.74 6.66 8.17
C SER A 16 -3.02 6.57 7.35
N LEU A 17 -4.16 6.56 8.03
CA LEU A 17 -5.45 6.49 7.35
C LEU A 17 -5.67 7.74 6.51
N GLU A 18 -5.07 8.84 6.92
CA GLU A 18 -5.19 10.10 6.20
C GLU A 18 -4.40 10.06 4.90
N ILE A 19 -3.13 9.71 4.99
CA ILE A 19 -2.27 9.64 3.80
C ILE A 19 -2.83 8.63 2.80
N ILE A 20 -3.18 7.45 3.29
CA ILE A 20 -3.72 6.40 2.43
C ILE A 20 -5.08 6.78 1.86
N SER A 21 -5.95 7.34 2.69
CA SER A 21 -7.28 7.74 2.27
C SER A 21 -7.21 8.83 1.20
N ARG A 22 -6.63 9.96 1.57
CA ARG A 22 -6.50 11.09 0.66
C ARG A 22 -5.76 10.68 -0.61
N TYR A 23 -4.67 9.93 -0.43
CA TYR A 23 -3.88 9.48 -1.56
C TYR A 23 -4.71 8.67 -2.55
N LEU A 24 -5.20 7.51 -2.10
CA LEU A 24 -6.01 6.65 -2.94
C LEU A 24 -7.18 7.42 -3.58
N ARG A 25 -7.87 8.21 -2.77
CA ARG A 25 -9.00 8.99 -3.25
C ARG A 25 -8.64 9.85 -4.46
N GLU A 26 -7.62 10.68 -4.30
CA GLU A 26 -7.19 11.57 -5.38
C GLU A 26 -6.43 10.79 -6.47
N GLN A 27 -5.83 9.67 -6.09
CA GLN A 27 -5.09 8.86 -7.04
C GLN A 27 -6.04 8.22 -8.04
N ALA A 28 -7.25 7.93 -7.58
CA ALA A 28 -8.27 7.32 -8.44
C ALA A 28 -8.68 8.29 -9.55
N THR A 29 -9.08 9.49 -9.15
CA THR A 29 -9.50 10.52 -10.10
C THR A 29 -8.30 11.19 -10.74
N GLY A 30 -7.15 11.08 -10.10
CA GLY A 30 -5.94 11.70 -10.62
C GLY A 30 -5.76 13.11 -10.09
N ALA A 31 -6.87 13.80 -9.86
CA ALA A 31 -6.81 15.16 -9.35
C ALA A 31 -8.09 15.54 -8.60
N LYS A 32 -8.14 15.19 -7.32
CA LYS A 32 -9.29 15.48 -6.49
C LYS A 32 -9.24 16.93 -5.99
N ASP A 33 -9.85 17.16 -4.84
CA ASP A 33 -9.89 18.48 -4.24
C ASP A 33 -8.74 18.67 -3.26
N THR A 34 -7.73 19.42 -3.67
CA THR A 34 -6.57 19.69 -2.82
C THR A 34 -6.09 21.12 -3.02
N LYS A 35 -6.16 21.59 -4.27
CA LYS A 35 -5.73 22.94 -4.60
C LYS A 35 -6.46 24.01 -3.77
N PRO A 36 -7.79 23.89 -3.57
CA PRO A 36 -8.55 24.87 -2.78
C PRO A 36 -8.08 24.92 -1.32
N MET A 37 -7.01 25.67 -1.08
CA MET A 37 -6.47 25.82 0.27
C MET A 37 -5.75 24.54 0.70
N GLY A 38 -5.48 24.44 2.00
CA GLY A 38 -4.81 23.26 2.52
C GLY A 38 -4.42 23.43 3.98
N ARG A 39 -3.25 22.88 4.35
CA ARG A 39 -2.77 22.99 5.73
C ARG A 39 -1.28 22.68 5.80
N SER A 40 -0.94 21.39 5.78
CA SER A 40 0.46 20.97 5.86
C SER A 40 0.62 19.50 5.46
N GLY A 41 1.76 18.92 5.80
CA GLY A 41 2.01 17.52 5.48
C GLY A 41 3.36 17.29 4.84
N ALA A 42 4.40 17.93 5.38
CA ALA A 42 5.74 17.79 4.84
C ALA A 42 6.11 16.32 4.68
N THR A 43 6.06 15.58 5.78
CA THR A 43 6.36 14.15 5.74
C THR A 43 5.47 13.46 4.72
N SER A 44 4.24 13.97 4.59
CA SER A 44 3.29 13.41 3.63
C SER A 44 3.79 13.62 2.21
N ARG A 45 4.27 14.82 1.92
CA ARG A 45 4.79 15.14 0.60
C ARG A 45 5.96 14.23 0.25
N LYS A 46 6.92 14.14 1.16
CA LYS A 46 8.10 13.29 0.96
C LYS A 46 7.67 11.84 0.83
N ALA A 47 6.92 11.36 1.82
CA ALA A 47 6.44 9.99 1.82
C ALA A 47 5.78 9.65 0.49
N LEU A 48 4.78 10.45 0.12
CA LEU A 48 4.07 10.25 -1.15
C LEU A 48 5.06 10.15 -2.30
N GLU A 49 5.99 11.10 -2.35
CA GLU A 49 7.01 11.13 -3.40
C GLU A 49 7.67 9.76 -3.53
N THR A 50 8.09 9.20 -2.39
CA THR A 50 8.72 7.90 -2.38
C THR A 50 7.76 6.86 -2.95
N LEU A 51 6.50 6.95 -2.53
CA LEU A 51 5.47 6.03 -2.99
C LEU A 51 5.28 6.14 -4.50
N ARG A 52 5.45 7.35 -5.02
CA ARG A 52 5.30 7.59 -6.45
C ARG A 52 6.43 6.95 -7.25
N ARG A 53 7.66 7.14 -6.77
CA ARG A 53 8.83 6.57 -7.43
C ARG A 53 8.86 5.05 -7.31
N VAL A 54 8.88 4.55 -6.08
CA VAL A 54 8.91 3.12 -5.83
C VAL A 54 7.62 2.46 -6.30
N GLY A 55 6.49 3.13 -6.08
CA GLY A 55 5.21 2.59 -6.49
C GLY A 55 5.11 2.46 -8.00
N ASP A 56 5.33 3.56 -8.70
CA ASP A 56 5.27 3.56 -10.16
C ASP A 56 6.28 2.57 -10.72
N GLY A 57 7.45 2.50 -10.08
CA GLY A 57 8.49 1.59 -10.51
C GLY A 57 8.02 0.15 -10.45
N VAL A 58 7.44 -0.24 -9.33
CA VAL A 58 6.94 -1.61 -9.17
C VAL A 58 5.83 -1.88 -10.18
N GLN A 59 5.01 -0.87 -10.43
CA GLN A 59 3.92 -1.00 -11.38
C GLN A 59 4.46 -1.17 -12.79
N ARG A 60 5.63 -0.57 -13.05
CA ARG A 60 6.24 -0.65 -14.36
C ARG A 60 7.06 -1.94 -14.51
N ASN A 61 7.84 -2.26 -13.49
CA ASN A 61 8.68 -3.46 -13.52
C ASN A 61 7.89 -4.72 -13.17
N HIS A 62 7.13 -4.66 -12.08
CA HIS A 62 6.34 -5.81 -11.63
C HIS A 62 4.94 -5.80 -12.25
N GLU A 63 4.72 -4.97 -13.25
CA GLU A 63 3.43 -4.87 -13.91
C GLU A 63 2.81 -6.25 -14.16
N THR A 64 3.65 -7.21 -14.51
CA THR A 64 3.18 -8.57 -14.78
C THR A 64 2.54 -9.17 -13.53
N ALA A 65 3.11 -8.88 -12.37
CA ALA A 65 2.59 -9.39 -11.11
C ALA A 65 1.24 -8.75 -10.80
N PHE A 66 1.15 -7.44 -11.04
CA PHE A 66 -0.10 -6.72 -10.78
C PHE A 66 -1.23 -7.31 -11.62
N GLN A 67 -0.99 -7.41 -12.91
CA GLN A 67 -1.99 -7.96 -13.84
C GLN A 67 -2.40 -9.37 -13.41
N GLY A 68 -1.41 -10.23 -13.17
CA GLY A 68 -1.70 -11.59 -12.77
C GLY A 68 -2.54 -11.68 -11.51
N MET A 69 -2.10 -11.01 -10.45
CA MET A 69 -2.82 -11.02 -9.18
C MET A 69 -4.23 -10.50 -9.35
N LEU A 70 -4.37 -9.39 -10.08
CA LEU A 70 -5.67 -8.79 -10.32
C LEU A 70 -6.54 -9.74 -11.15
N ARG A 71 -5.92 -10.38 -12.14
CA ARG A 71 -6.64 -11.31 -13.01
C ARG A 71 -7.28 -12.42 -12.19
N LYS A 72 -6.51 -12.99 -11.27
CA LYS A 72 -7.01 -14.05 -10.41
C LYS A 72 -7.97 -13.49 -9.37
N LEU A 73 -7.53 -12.43 -8.70
CA LEU A 73 -8.34 -11.78 -7.67
C LEU A 73 -9.71 -11.37 -8.20
N ASP A 74 -9.72 -10.35 -9.05
CA ASP A 74 -10.98 -9.86 -9.62
C ASP A 74 -11.88 -9.38 -8.49
N ILE A 75 -12.12 -8.08 -8.42
CA ILE A 75 -12.95 -7.52 -7.36
C ILE A 75 -14.09 -6.66 -7.95
N LYS A 76 -15.14 -6.48 -7.16
CA LYS A 76 -16.29 -5.69 -7.59
C LYS A 76 -17.37 -5.67 -6.50
N ASN A 77 -17.40 -6.71 -5.68
CA ASN A 77 -18.38 -6.80 -4.60
C ASN A 77 -17.68 -6.75 -3.24
N GLU A 78 -18.26 -5.99 -2.32
CA GLU A 78 -17.70 -5.85 -0.97
C GLU A 78 -17.35 -7.20 -0.34
N ASP A 79 -17.93 -8.28 -0.87
CA ASP A 79 -17.68 -9.61 -0.33
C ASP A 79 -16.19 -9.94 -0.34
N ASP A 80 -15.52 -9.65 -1.46
CA ASP A 80 -14.10 -9.93 -1.60
C ASP A 80 -13.30 -9.22 -0.51
N VAL A 81 -13.84 -8.12 0.01
CA VAL A 81 -13.16 -7.35 1.05
C VAL A 81 -12.58 -8.25 2.14
N LYS A 82 -13.45 -8.98 2.83
CA LYS A 82 -13.03 -9.88 3.90
C LYS A 82 -12.07 -10.94 3.36
N SER A 83 -12.25 -11.30 2.10
CA SER A 83 -11.38 -12.27 1.46
C SER A 83 -10.00 -11.65 1.27
N LEU A 84 -9.98 -10.39 0.87
CA LEU A 84 -8.73 -9.67 0.70
C LEU A 84 -8.00 -9.66 2.04
N SER A 85 -8.74 -9.27 3.09
CA SER A 85 -8.19 -9.24 4.42
C SER A 85 -7.49 -10.57 4.70
N ARG A 86 -8.17 -11.66 4.34
CA ARG A 86 -7.60 -12.99 4.51
C ARG A 86 -6.26 -13.07 3.79
N VAL A 87 -6.20 -12.54 2.56
CA VAL A 87 -4.95 -12.53 1.81
C VAL A 87 -3.88 -11.78 2.58
N MET A 88 -4.18 -10.52 2.88
CA MET A 88 -3.26 -9.65 3.63
C MET A 88 -2.75 -10.34 4.88
N ILE A 89 -3.66 -10.63 5.79
CA ILE A 89 -3.32 -11.29 7.04
C ILE A 89 -2.53 -12.58 6.77
N HIS A 90 -2.93 -13.30 5.73
CA HIS A 90 -2.26 -14.55 5.37
C HIS A 90 -0.81 -14.30 4.97
N VAL A 91 -0.53 -13.12 4.42
CA VAL A 91 0.84 -12.79 4.02
C VAL A 91 1.63 -12.27 5.21
N PHE A 92 0.96 -11.57 6.12
CA PHE A 92 1.59 -11.02 7.31
C PHE A 92 1.85 -12.10 8.34
N SER A 93 1.00 -13.12 8.35
CA SER A 93 1.11 -14.22 9.30
C SER A 93 2.46 -14.94 9.18
N ASP A 94 3.13 -14.77 8.05
CA ASP A 94 4.42 -15.41 7.82
C ASP A 94 5.44 -14.95 8.85
N GLY A 95 5.43 -13.65 9.13
CA GLY A 95 6.37 -13.08 10.07
C GLY A 95 7.37 -12.18 9.39
N VAL A 96 7.31 -12.12 8.06
CA VAL A 96 8.22 -11.30 7.30
C VAL A 96 7.66 -9.89 7.10
N THR A 97 8.35 -8.90 7.65
CA THR A 97 7.94 -7.50 7.56
C THR A 97 9.08 -6.62 7.06
N ASN A 98 8.79 -5.81 6.04
CA ASN A 98 9.81 -4.93 5.47
C ASN A 98 9.17 -3.91 4.52
N TRP A 99 9.93 -2.89 4.14
CA TRP A 99 9.42 -1.86 3.23
C TRP A 99 8.98 -2.50 1.91
N GLY A 100 9.70 -3.53 1.50
CA GLY A 100 9.37 -4.21 0.26
C GLY A 100 7.92 -4.67 0.20
N ARG A 101 7.50 -5.38 1.24
CA ARG A 101 6.13 -5.88 1.31
C ARG A 101 5.11 -4.74 1.37
N ILE A 102 5.22 -3.90 2.40
CA ILE A 102 4.30 -2.78 2.58
C ILE A 102 4.06 -2.02 1.27
N VAL A 103 5.15 -1.65 0.58
CA VAL A 103 5.04 -0.92 -0.66
C VAL A 103 4.41 -1.80 -1.75
N THR A 104 4.87 -3.05 -1.85
CA THR A 104 4.34 -3.97 -2.85
C THR A 104 2.82 -4.09 -2.72
N LEU A 105 2.37 -4.40 -1.50
CA LEU A 105 0.94 -4.54 -1.23
C LEU A 105 0.21 -3.24 -1.54
N ILE A 106 0.59 -2.18 -0.83
CA ILE A 106 -0.03 -0.86 -1.03
C ILE A 106 -0.11 -0.51 -2.51
N SER A 107 0.99 -0.72 -3.23
CA SER A 107 1.02 -0.44 -4.66
C SER A 107 -0.10 -1.18 -5.38
N PHE A 108 -0.09 -2.50 -5.28
CA PHE A 108 -1.12 -3.31 -5.91
C PHE A 108 -2.51 -2.79 -5.52
N GLY A 109 -2.64 -2.37 -4.27
CA GLY A 109 -3.89 -1.83 -3.79
C GLY A 109 -4.37 -0.67 -4.64
N ALA A 110 -3.52 0.34 -4.77
CA ALA A 110 -3.83 1.51 -5.57
C ALA A 110 -4.19 1.12 -7.00
N PHE A 111 -3.35 0.31 -7.62
CA PHE A 111 -3.59 -0.14 -9.00
C PHE A 111 -5.01 -0.70 -9.13
N VAL A 112 -5.30 -1.76 -8.38
CA VAL A 112 -6.62 -2.38 -8.41
C VAL A 112 -7.69 -1.31 -8.27
N ALA A 113 -7.45 -0.36 -7.37
CA ALA A 113 -8.39 0.74 -7.16
C ALA A 113 -8.61 1.50 -8.46
N LYS A 114 -7.52 1.84 -9.14
CA LYS A 114 -7.63 2.54 -10.42
C LYS A 114 -8.60 1.79 -11.31
N HIS A 115 -8.37 0.49 -11.43
CA HIS A 115 -9.24 -0.37 -12.24
C HIS A 115 -10.67 -0.30 -11.71
N LEU A 116 -10.82 -0.33 -10.39
CA LEU A 116 -12.14 -0.26 -9.77
C LEU A 116 -12.88 0.99 -10.25
N LYS A 117 -12.19 2.12 -10.23
CA LYS A 117 -12.78 3.37 -10.67
C LYS A 117 -13.17 3.28 -12.14
N THR A 118 -12.30 2.68 -12.96
CA THR A 118 -12.59 2.52 -14.37
C THR A 118 -13.88 1.74 -14.54
N ILE A 119 -14.11 0.79 -13.64
CA ILE A 119 -15.32 -0.03 -13.66
C ILE A 119 -16.35 0.50 -12.66
N ASN A 120 -16.25 1.80 -12.36
CA ASN A 120 -17.15 2.45 -11.41
C ASN A 120 -17.38 1.62 -10.15
N GLN A 121 -16.33 1.45 -9.35
CA GLN A 121 -16.42 0.68 -8.12
C GLN A 121 -15.49 1.26 -7.04
N GLU A 122 -15.74 2.50 -6.67
CA GLU A 122 -14.93 3.17 -5.65
C GLU A 122 -15.35 2.76 -4.24
N SER A 123 -16.58 2.26 -4.11
CA SER A 123 -17.11 1.86 -2.82
C SER A 123 -16.22 0.82 -2.13
N CYS A 124 -15.39 0.12 -2.91
CA CYS A 124 -14.51 -0.90 -2.34
C CYS A 124 -13.16 -0.33 -1.91
N ILE A 125 -12.97 0.98 -2.09
CA ILE A 125 -11.73 1.63 -1.71
C ILE A 125 -11.65 1.82 -0.20
N GLU A 126 -12.79 2.18 0.39
CA GLU A 126 -12.88 2.40 1.84
C GLU A 126 -12.37 1.19 2.61
N PRO A 127 -12.94 0.00 2.36
CA PRO A 127 -12.52 -1.23 3.06
C PRO A 127 -11.06 -1.54 2.79
N LEU A 128 -10.59 -1.19 1.61
CA LEU A 128 -9.21 -1.44 1.24
C LEU A 128 -8.24 -0.62 2.09
N ALA A 129 -8.35 0.70 1.99
CA ALA A 129 -7.48 1.59 2.76
C ALA A 129 -7.57 1.26 4.25
N GLU A 130 -8.79 1.09 4.75
CA GLU A 130 -8.99 0.77 6.15
C GLU A 130 -8.42 -0.60 6.48
N SER A 131 -8.60 -1.56 5.58
CA SER A 131 -8.10 -2.91 5.79
C SER A 131 -6.58 -2.93 5.86
N ILE A 132 -5.93 -2.39 4.83
CA ILE A 132 -4.48 -2.34 4.78
C ILE A 132 -3.92 -1.63 6.00
N THR A 133 -4.41 -0.42 6.26
CA THR A 133 -3.95 0.37 7.40
C THR A 133 -4.25 -0.36 8.71
N ASP A 134 -5.46 -0.92 8.81
CA ASP A 134 -5.86 -1.64 10.01
C ASP A 134 -4.89 -2.76 10.35
N VAL A 135 -4.59 -3.60 9.37
CA VAL A 135 -3.67 -4.72 9.57
C VAL A 135 -2.27 -4.21 9.94
N LEU A 136 -1.74 -3.33 9.10
CA LEU A 136 -0.41 -2.76 9.31
C LEU A 136 -0.26 -2.18 10.73
N VAL A 137 -1.26 -1.43 11.16
CA VAL A 137 -1.24 -0.81 12.47
C VAL A 137 -1.71 -1.81 13.56
N ARG A 138 -2.36 -2.88 13.12
CA ARG A 138 -2.87 -3.89 14.05
C ARG A 138 -1.75 -4.73 14.64
N THR A 139 -0.93 -5.32 13.78
CA THR A 139 0.17 -6.16 14.24
C THR A 139 1.54 -5.52 13.96
N LYS A 140 1.77 -5.17 12.71
CA LYS A 140 3.06 -4.59 12.30
C LYS A 140 3.35 -3.24 12.97
N ARG A 141 2.40 -2.71 13.74
CA ARG A 141 2.58 -1.43 14.40
C ARG A 141 3.98 -1.28 15.02
N ASP A 142 4.35 -2.25 15.86
CA ASP A 142 5.65 -2.21 16.53
C ASP A 142 6.80 -2.10 15.52
N TRP A 143 6.68 -2.83 14.43
CA TRP A 143 7.71 -2.82 13.39
C TRP A 143 7.64 -1.53 12.58
N LEU A 144 6.43 -1.03 12.39
CA LEU A 144 6.22 0.21 11.64
C LEU A 144 6.77 1.41 12.39
N VAL A 145 6.36 1.54 13.65
CA VAL A 145 6.79 2.65 14.49
C VAL A 145 8.27 2.52 14.86
N LYS A 146 8.71 1.31 15.14
CA LYS A 146 10.11 1.06 15.51
C LYS A 146 11.08 1.73 14.54
N GLN A 147 10.63 1.96 13.30
CA GLN A 147 11.48 2.57 12.29
C GLN A 147 11.16 4.06 12.12
N ARG A 148 10.74 4.71 13.21
CA ARG A 148 10.41 6.14 13.18
C ARG A 148 9.01 6.40 12.61
N GLY A 149 8.50 5.46 11.81
CA GLY A 149 7.20 5.63 11.22
C GLY A 149 7.25 6.01 9.76
N TRP A 150 6.67 7.15 9.43
CA TRP A 150 6.65 7.64 8.05
C TRP A 150 7.99 8.26 7.68
N ASP A 151 8.49 9.13 8.56
CA ASP A 151 9.77 9.81 8.33
C ASP A 151 10.87 8.80 8.04
N GLY A 152 11.06 7.86 8.97
CA GLY A 152 12.09 6.84 8.79
C GLY A 152 11.88 6.05 7.51
N PHE A 153 10.63 5.91 7.10
CA PHE A 153 10.29 5.19 5.89
C PHE A 153 10.80 5.93 4.66
N VAL A 154 10.52 7.23 4.61
CA VAL A 154 10.94 8.07 3.49
C VAL A 154 12.46 8.26 3.49
N GLU A 155 13.06 8.17 4.68
CA GLU A 155 14.51 8.33 4.80
C GLU A 155 15.23 7.02 4.49
N PHE A 156 14.62 5.91 4.90
CA PHE A 156 15.22 4.60 4.67
C PHE A 156 15.00 4.15 3.22
N PHE A 157 13.93 4.65 2.60
CA PHE A 157 13.63 4.30 1.21
C PHE A 157 14.15 5.37 0.26
N HIS A 158 14.15 6.62 0.71
CA HIS A 158 14.63 7.72 -0.10
C HIS A 158 15.90 8.34 0.49
N VAL A 159 17.04 7.74 0.16
CA VAL A 159 18.32 8.22 0.65
C VAL A 159 19.03 9.07 -0.38
N GLU A 160 18.86 10.38 -0.29
CA GLU A 160 19.48 11.32 -1.22
C GLU A 160 20.87 11.72 -0.74
N ASP A 161 21.83 10.82 -0.92
CA ASP A 161 23.21 11.08 -0.50
C ASP A 161 23.28 11.35 1.01
N LEU A 162 22.37 10.74 1.75
CA LEU A 162 22.32 10.92 3.20
C LEU A 162 23.11 9.82 3.90
N GLU A 163 23.90 10.20 4.90
CA GLU A 163 24.70 9.24 5.64
C GLU A 163 24.95 9.74 7.07
N GLY A 164 24.36 9.04 8.04
CA GLY A 164 24.52 9.42 9.43
C GLY A 164 24.77 8.22 10.33
N SER B 5 -11.47 -25.45 -13.18
CA SER B 5 -12.11 -25.15 -11.91
C SER B 5 -11.09 -24.74 -10.86
N GLU B 6 -11.37 -23.66 -10.15
CA GLU B 6 -10.47 -23.16 -9.12
C GLU B 6 -11.25 -22.89 -7.83
N SER B 7 -10.71 -22.01 -6.99
CA SER B 7 -11.36 -21.66 -5.73
C SER B 7 -10.69 -20.44 -5.10
N GLN B 8 -11.46 -19.37 -4.97
CA GLN B 8 -10.96 -18.11 -4.38
C GLN B 8 -10.07 -18.38 -3.18
N GLU B 9 -10.38 -19.44 -2.44
CA GLU B 9 -9.61 -19.80 -1.26
C GLU B 9 -8.16 -20.10 -1.65
N ASP B 10 -7.97 -21.02 -2.60
CA ASP B 10 -6.64 -21.37 -3.06
C ASP B 10 -6.00 -20.17 -3.74
N ILE B 11 -6.81 -19.47 -4.53
CA ILE B 11 -6.35 -18.27 -5.24
C ILE B 11 -5.77 -17.27 -4.25
N ILE B 12 -6.62 -16.77 -3.37
CA ILE B 12 -6.23 -15.80 -2.36
C ILE B 12 -4.99 -16.28 -1.59
N ARG B 13 -4.97 -17.56 -1.24
CA ARG B 13 -3.85 -18.12 -0.50
C ARG B 13 -2.56 -18.02 -1.32
N ASN B 14 -2.62 -18.48 -2.56
CA ASN B 14 -1.46 -18.43 -3.44
C ASN B 14 -1.04 -17.00 -3.72
N ILE B 15 -2.02 -16.14 -3.98
CA ILE B 15 -1.74 -14.75 -4.23
C ILE B 15 -1.07 -14.14 -3.02
N ALA B 16 -1.64 -14.41 -1.84
CA ALA B 16 -1.11 -13.90 -0.60
C ALA B 16 0.38 -14.22 -0.48
N ARG B 17 0.70 -15.52 -0.47
CA ARG B 17 2.10 -15.94 -0.36
C ARG B 17 2.94 -15.24 -1.43
N HIS B 18 2.36 -15.13 -2.62
CA HIS B 18 3.05 -14.47 -3.74
C HIS B 18 3.28 -12.99 -3.44
N LEU B 19 2.30 -12.35 -2.82
CA LEU B 19 2.40 -10.93 -2.48
C LEU B 19 3.55 -10.70 -1.51
N ALA B 20 3.54 -11.43 -0.38
CA ALA B 20 4.61 -11.31 0.60
C ALA B 20 5.96 -11.56 -0.07
N GLN B 21 5.99 -12.53 -0.97
CA GLN B 21 7.21 -12.87 -1.70
C GLN B 21 7.67 -11.73 -2.61
N VAL B 22 6.74 -11.21 -3.42
CA VAL B 22 7.04 -10.13 -4.34
C VAL B 22 7.65 -8.95 -3.59
N GLY B 23 7.06 -8.62 -2.45
CA GLY B 23 7.56 -7.53 -1.64
C GLY B 23 8.87 -7.88 -0.97
N ASP B 24 8.99 -9.12 -0.53
CA ASP B 24 10.21 -9.59 0.12
C ASP B 24 11.41 -9.40 -0.80
N SER B 25 11.21 -9.65 -2.08
CA SER B 25 12.29 -9.51 -3.06
C SER B 25 12.41 -8.08 -3.57
N MET B 26 11.29 -7.36 -3.61
CA MET B 26 11.30 -5.98 -4.09
C MET B 26 12.26 -5.11 -3.27
N ASP B 27 12.47 -5.48 -2.02
CA ASP B 27 13.36 -4.74 -1.14
C ASP B 27 14.82 -5.07 -1.44
N ARG B 28 15.06 -6.34 -1.77
CA ARG B 28 16.42 -6.79 -2.08
C ARG B 28 16.70 -6.71 -3.58
N SER B 29 15.97 -5.84 -4.27
CA SER B 29 16.15 -5.67 -5.71
C SER B 29 15.69 -4.28 -6.16
N ILE B 30 15.98 -3.28 -5.33
CA ILE B 30 15.59 -1.90 -5.63
C ILE B 30 16.47 -1.32 -6.73
N PRO B 31 15.89 -1.04 -7.92
CA PRO B 31 16.64 -0.47 -9.05
C PRO B 31 17.36 0.83 -8.69
N PRO B 32 16.67 1.78 -8.03
CA PRO B 32 17.28 3.07 -7.66
C PRO B 32 18.31 2.95 -6.55
N GLY B 33 19.33 2.14 -6.79
CA GLY B 33 20.40 1.94 -5.82
C GLY B 33 19.91 1.87 -4.39
N LEU B 34 19.42 0.70 -3.99
CA LEU B 34 18.92 0.51 -2.63
C LEU B 34 19.06 -0.95 -2.21
N VAL B 35 20.18 -1.56 -2.57
CA VAL B 35 20.44 -2.96 -2.22
C VAL B 35 20.97 -3.08 -0.80
N ALA A 5 -13.60 9.34 16.73
CA ALA A 5 -12.20 9.42 17.09
C ALA A 5 -11.55 10.68 16.51
N GLU A 6 -10.94 11.47 17.37
CA GLU A 6 -10.28 12.71 16.95
C GLU A 6 -8.79 12.47 16.71
N GLU A 7 -8.09 13.53 16.32
CA GLU A 7 -6.66 13.46 16.06
C GLU A 7 -5.86 13.85 17.30
N GLU A 8 -5.30 12.85 17.97
CA GLU A 8 -4.50 13.09 19.17
C GLU A 8 -3.93 11.79 19.72
N GLU A 9 -4.82 10.90 20.16
CA GLU A 9 -4.41 9.61 20.72
C GLU A 9 -3.46 8.87 19.78
N ASP A 10 -3.84 8.78 18.50
CA ASP A 10 -3.02 8.10 17.51
C ASP A 10 -2.89 8.94 16.24
N GLU A 11 -1.86 9.77 16.19
CA GLU A 11 -1.62 10.62 15.03
C GLU A 11 -1.15 9.80 13.83
N LEU A 12 -0.36 8.77 14.11
CA LEU A 12 0.17 7.91 13.05
C LEU A 12 -0.97 7.32 12.22
N TYR A 13 -1.99 6.82 12.91
CA TYR A 13 -3.15 6.24 12.24
C TYR A 13 -3.90 7.30 11.44
N ARG A 14 -3.79 8.55 11.90
CA ARG A 14 -4.45 9.66 11.23
C ARG A 14 -3.72 10.04 9.95
N GLN A 15 -2.41 10.25 10.05
CA GLN A 15 -1.60 10.61 8.90
C GLN A 15 -1.56 9.47 7.89
N SER A 16 -1.69 8.24 8.38
CA SER A 16 -1.68 7.07 7.52
C SER A 16 -3.00 6.95 6.78
N LEU A 17 -4.10 6.93 7.53
CA LEU A 17 -5.42 6.82 6.93
C LEU A 17 -5.72 8.04 6.06
N GLU A 18 -5.16 9.19 6.45
CA GLU A 18 -5.36 10.42 5.71
C GLU A 18 -4.59 10.39 4.40
N ILE A 19 -3.30 10.05 4.48
CA ILE A 19 -2.46 9.98 3.29
C ILE A 19 -3.00 8.95 2.31
N ILE A 20 -3.32 7.75 2.81
CA ILE A 20 -3.84 6.69 1.96
C ILE A 20 -5.21 7.05 1.39
N SER A 21 -6.10 7.57 2.23
CA SER A 21 -7.44 7.95 1.79
C SER A 21 -7.39 9.03 0.73
N ARG A 22 -6.82 10.18 1.10
CA ARG A 22 -6.71 11.30 0.17
C ARG A 22 -5.95 10.91 -1.09
N TYR A 23 -4.91 10.10 -0.92
CA TYR A 23 -4.10 9.66 -2.06
C TYR A 23 -4.91 8.77 -2.99
N LEU A 24 -5.31 7.60 -2.51
CA LEU A 24 -6.09 6.67 -3.31
C LEU A 24 -7.25 7.36 -4.02
N ARG A 25 -7.99 8.19 -3.29
CA ARG A 25 -9.12 8.89 -3.85
C ARG A 25 -8.67 9.81 -4.99
N GLU A 26 -7.82 10.79 -4.66
CA GLU A 26 -7.31 11.73 -5.65
C GLU A 26 -6.61 11.03 -6.81
N GLN A 27 -6.09 9.85 -6.55
CA GLN A 27 -5.39 9.08 -7.57
C GLN A 27 -6.37 8.38 -8.50
N ALA A 28 -7.24 7.55 -7.94
CA ALA A 28 -8.23 6.82 -8.71
C ALA A 28 -9.26 7.76 -9.33
N THR A 29 -9.47 8.92 -8.72
CA THR A 29 -10.43 9.89 -9.23
C THR A 29 -9.84 10.68 -10.38
N GLY A 30 -8.52 10.88 -10.35
CA GLY A 30 -7.86 11.63 -11.41
C GLY A 30 -7.84 13.12 -11.13
N ALA A 31 -8.74 13.58 -10.27
CA ALA A 31 -8.83 14.98 -9.91
C ALA A 31 -7.81 15.31 -8.83
N LYS A 32 -6.81 16.09 -9.21
CA LYS A 32 -5.77 16.52 -8.29
C LYS A 32 -6.09 17.89 -7.71
N ASP A 33 -7.03 17.91 -6.77
CA ASP A 33 -7.44 19.15 -6.12
C ASP A 33 -6.26 19.90 -5.52
N THR A 34 -5.84 20.97 -6.19
CA THR A 34 -4.73 21.80 -5.73
C THR A 34 -5.21 23.21 -5.40
N LYS A 35 -6.26 23.65 -6.09
CA LYS A 35 -6.81 24.98 -5.89
C LYS A 35 -7.54 25.10 -4.53
N PRO A 36 -8.24 24.05 -4.05
CA PRO A 36 -8.95 24.11 -2.76
C PRO A 36 -8.03 24.46 -1.60
N MET A 37 -8.43 24.08 -0.39
CA MET A 37 -7.64 24.36 0.80
C MET A 37 -7.07 23.07 1.40
N GLY A 38 -5.82 23.12 1.84
CA GLY A 38 -5.19 21.95 2.42
C GLY A 38 -3.74 22.18 2.75
N ARG A 39 -3.23 21.44 3.73
CA ARG A 39 -1.83 21.57 4.15
C ARG A 39 -1.14 20.21 4.17
N SER A 40 -0.06 20.09 3.40
CA SER A 40 0.69 18.83 3.34
C SER A 40 1.84 18.84 4.35
N GLY A 41 1.94 17.76 5.12
CA GLY A 41 2.99 17.66 6.11
C GLY A 41 4.33 17.25 5.51
N ALA A 42 5.41 17.65 6.16
CA ALA A 42 6.76 17.32 5.69
C ALA A 42 6.88 15.84 5.36
N THR A 43 6.63 15.00 6.36
CA THR A 43 6.69 13.56 6.17
C THR A 43 5.74 13.16 5.05
N SER A 44 4.62 13.87 4.96
CA SER A 44 3.62 13.60 3.93
C SER A 44 4.23 13.76 2.54
N ARG A 45 4.90 14.88 2.32
CA ARG A 45 5.52 15.17 1.02
C ARG A 45 6.62 14.16 0.71
N LYS A 46 7.52 13.94 1.66
CA LYS A 46 8.61 13.00 1.47
C LYS A 46 8.07 11.59 1.26
N ALA A 47 7.30 11.11 2.22
CA ALA A 47 6.72 9.77 2.14
C ALA A 47 6.03 9.56 0.79
N LEU A 48 5.07 10.42 0.48
CA LEU A 48 4.34 10.32 -0.78
C LEU A 48 5.32 10.25 -1.95
N GLU A 49 6.32 11.13 -1.92
CA GLU A 49 7.33 11.15 -2.98
C GLU A 49 7.89 9.75 -3.19
N THR A 50 8.23 9.10 -2.08
CA THR A 50 8.76 7.74 -2.13
C THR A 50 7.72 6.79 -2.68
N LEU A 51 6.47 6.95 -2.21
CA LEU A 51 5.37 6.10 -2.64
C LEU A 51 5.10 6.21 -4.13
N ARG A 52 5.20 7.43 -4.66
CA ARG A 52 4.96 7.65 -6.09
C ARG A 52 6.10 7.08 -6.92
N ARG A 53 7.33 7.28 -6.45
CA ARG A 53 8.49 6.77 -7.17
C ARG A 53 8.57 5.25 -7.10
N VAL A 54 8.63 4.72 -5.88
CA VAL A 54 8.70 3.27 -5.68
C VAL A 54 7.41 2.60 -6.12
N GLY A 55 6.29 3.24 -5.83
CA GLY A 55 5.00 2.70 -6.20
C GLY A 55 4.83 2.63 -7.71
N ASP A 56 4.96 3.78 -8.36
CA ASP A 56 4.83 3.84 -9.81
C ASP A 56 5.81 2.89 -10.47
N GLY A 57 7.03 2.85 -9.93
CA GLY A 57 8.04 1.96 -10.47
C GLY A 57 7.61 0.52 -10.44
N VAL A 58 7.13 0.06 -9.28
CA VAL A 58 6.67 -1.31 -9.14
C VAL A 58 5.49 -1.55 -10.08
N GLN A 59 4.69 -0.51 -10.29
CA GLN A 59 3.54 -0.61 -11.16
C GLN A 59 3.98 -0.80 -12.61
N ARG A 60 5.08 -0.17 -12.99
CA ARG A 60 5.59 -0.29 -14.34
C ARG A 60 6.50 -1.51 -14.49
N ASN A 61 7.27 -1.80 -13.44
CA ASN A 61 8.19 -2.92 -13.46
C ASN A 61 7.49 -4.25 -13.12
N HIS A 62 6.75 -4.26 -12.02
CA HIS A 62 6.04 -5.46 -11.59
C HIS A 62 4.61 -5.51 -12.12
N GLU A 63 4.29 -4.64 -13.08
CA GLU A 63 2.96 -4.59 -13.67
C GLU A 63 2.40 -5.99 -13.94
N THR A 64 3.29 -6.94 -14.23
CA THR A 64 2.88 -8.31 -14.51
C THR A 64 2.28 -8.98 -13.28
N ALA A 65 2.87 -8.71 -12.11
CA ALA A 65 2.39 -9.28 -10.86
C ALA A 65 1.01 -8.74 -10.51
N PHE A 66 0.84 -7.44 -10.71
CA PHE A 66 -0.43 -6.78 -10.42
C PHE A 66 -1.53 -7.33 -11.33
N GLN A 67 -1.25 -7.32 -12.63
CA GLN A 67 -2.21 -7.83 -13.62
C GLN A 67 -2.63 -9.26 -13.27
N GLY A 68 -1.64 -10.12 -13.05
CA GLY A 68 -1.94 -11.50 -12.71
C GLY A 68 -2.82 -11.62 -11.48
N MET A 69 -2.42 -10.97 -10.39
CA MET A 69 -3.18 -11.01 -9.15
C MET A 69 -4.63 -10.60 -9.39
N LEU A 70 -4.83 -9.57 -10.21
CA LEU A 70 -6.16 -9.09 -10.53
C LEU A 70 -6.95 -10.16 -11.29
N ARG A 71 -6.34 -10.67 -12.36
CA ARG A 71 -6.99 -11.70 -13.18
C ARG A 71 -7.54 -12.81 -12.29
N LYS A 72 -6.72 -13.28 -11.37
CA LYS A 72 -7.11 -14.34 -10.44
C LYS A 72 -8.13 -13.81 -9.43
N LEU A 73 -7.77 -12.69 -8.80
CA LEU A 73 -8.62 -12.07 -7.78
C LEU A 73 -10.01 -11.74 -8.31
N ASP A 74 -10.09 -10.72 -9.18
CA ASP A 74 -11.37 -10.30 -9.72
C ASP A 74 -12.31 -9.92 -8.58
N ILE A 75 -12.54 -8.63 -8.39
CA ILE A 75 -13.40 -8.16 -7.31
C ILE A 75 -14.27 -7.00 -7.77
N LYS A 76 -15.49 -6.93 -7.22
CA LYS A 76 -16.40 -5.85 -7.57
C LYS A 76 -17.38 -5.52 -6.42
N ASN A 77 -17.21 -6.18 -5.28
CA ASN A 77 -18.09 -5.95 -4.14
C ASN A 77 -17.30 -5.95 -2.83
N GLU A 78 -17.82 -5.24 -1.83
CA GLU A 78 -17.17 -5.16 -0.53
C GLU A 78 -17.10 -6.52 0.16
N ASP A 79 -17.90 -7.46 -0.31
CA ASP A 79 -17.92 -8.81 0.28
C ASP A 79 -16.53 -9.44 0.22
N ASP A 80 -15.92 -9.44 -0.96
CA ASP A 80 -14.60 -10.02 -1.14
C ASP A 80 -13.59 -9.39 -0.19
N VAL A 81 -13.88 -8.19 0.30
CA VAL A 81 -12.98 -7.50 1.21
C VAL A 81 -12.49 -8.45 2.31
N LYS A 82 -13.40 -9.27 2.81
CA LYS A 82 -13.07 -10.24 3.86
C LYS A 82 -12.04 -11.23 3.32
N SER A 83 -12.20 -11.57 2.04
CA SER A 83 -11.29 -12.49 1.38
C SER A 83 -9.94 -11.83 1.21
N LEU A 84 -9.96 -10.55 0.82
CA LEU A 84 -8.74 -9.79 0.66
C LEU A 84 -8.00 -9.72 1.99
N SER A 85 -8.74 -9.35 3.03
CA SER A 85 -8.19 -9.28 4.37
C SER A 85 -7.46 -10.58 4.67
N ARG A 86 -8.13 -11.69 4.36
CA ARG A 86 -7.53 -13.00 4.57
C ARG A 86 -6.20 -13.10 3.83
N VAL A 87 -6.16 -12.61 2.59
CA VAL A 87 -4.93 -12.63 1.81
C VAL A 87 -3.80 -11.89 2.54
N MET A 88 -4.07 -10.63 2.88
CA MET A 88 -3.11 -9.79 3.59
C MET A 88 -2.55 -10.52 4.81
N ILE A 89 -3.42 -10.85 5.75
CA ILE A 89 -3.02 -11.55 6.96
C ILE A 89 -2.21 -12.80 6.63
N HIS A 90 -2.62 -13.50 5.59
CA HIS A 90 -1.95 -14.74 5.18
C HIS A 90 -0.55 -14.48 4.62
N VAL A 91 -0.34 -13.30 4.06
CA VAL A 91 0.98 -12.97 3.49
C VAL A 91 1.95 -12.50 4.59
N PHE A 92 1.43 -11.74 5.54
CA PHE A 92 2.25 -11.22 6.63
C PHE A 92 2.34 -12.22 7.78
N SER A 93 1.40 -13.16 7.83
CA SER A 93 1.35 -14.16 8.89
C SER A 93 2.61 -15.03 8.90
N ASP A 94 3.38 -15.00 7.81
CA ASP A 94 4.59 -15.80 7.72
C ASP A 94 5.59 -15.38 8.79
N GLY A 95 5.71 -14.08 9.00
CA GLY A 95 6.64 -13.57 9.99
C GLY A 95 7.67 -12.63 9.37
N VAL A 96 7.68 -12.55 8.05
CA VAL A 96 8.62 -11.69 7.34
C VAL A 96 7.98 -10.34 7.03
N THR A 97 8.68 -9.26 7.37
CA THR A 97 8.16 -7.91 7.12
C THR A 97 9.29 -6.95 6.81
N ASN A 98 9.00 -5.97 5.96
CA ASN A 98 9.98 -4.95 5.57
C ASN A 98 9.35 -3.96 4.59
N TRP A 99 10.13 -2.96 4.19
CA TRP A 99 9.64 -1.95 3.26
C TRP A 99 9.11 -2.61 1.98
N GLY A 100 9.78 -3.68 1.57
CA GLY A 100 9.36 -4.40 0.38
C GLY A 100 7.91 -4.82 0.42
N ARG A 101 7.55 -5.57 1.46
CA ARG A 101 6.19 -6.05 1.62
C ARG A 101 5.20 -4.89 1.66
N ILE A 102 5.35 -4.00 2.65
CA ILE A 102 4.48 -2.86 2.82
C ILE A 102 4.20 -2.14 1.50
N VAL A 103 5.26 -1.63 0.86
CA VAL A 103 5.10 -0.91 -0.40
C VAL A 103 4.43 -1.78 -1.46
N THR A 104 4.88 -3.02 -1.58
CA THR A 104 4.30 -3.96 -2.55
C THR A 104 2.81 -4.12 -2.34
N LEU A 105 2.41 -4.29 -1.08
CA LEU A 105 1.01 -4.45 -0.73
C LEU A 105 0.23 -3.19 -1.10
N ILE A 106 0.59 -2.08 -0.47
CA ILE A 106 -0.07 -0.80 -0.73
C ILE A 106 -0.18 -0.54 -2.23
N SER A 107 0.91 -0.77 -2.96
CA SER A 107 0.91 -0.57 -4.40
C SER A 107 -0.19 -1.39 -5.05
N PHE A 108 -0.14 -2.71 -4.87
CA PHE A 108 -1.14 -3.60 -5.44
C PHE A 108 -2.55 -3.10 -5.10
N GLY A 109 -2.73 -2.69 -3.85
CA GLY A 109 -4.03 -2.20 -3.41
C GLY A 109 -4.48 -1.01 -4.24
N ALA A 110 -3.59 -0.04 -4.40
CA ALA A 110 -3.89 1.16 -5.17
C ALA A 110 -4.30 0.83 -6.60
N PHE A 111 -3.47 0.06 -7.29
CA PHE A 111 -3.76 -0.33 -8.67
C PHE A 111 -5.14 -0.98 -8.78
N VAL A 112 -5.37 -2.02 -7.98
CA VAL A 112 -6.65 -2.70 -7.98
C VAL A 112 -7.78 -1.69 -7.81
N ALA A 113 -7.58 -0.73 -6.90
CA ALA A 113 -8.56 0.31 -6.66
C ALA A 113 -8.83 1.09 -7.93
N LYS A 114 -7.76 1.46 -8.64
CA LYS A 114 -7.90 2.19 -9.89
C LYS A 114 -8.86 1.42 -10.79
N HIS A 115 -8.62 0.12 -10.90
CA HIS A 115 -9.46 -0.74 -11.71
C HIS A 115 -10.91 -0.65 -11.23
N LEU A 116 -11.08 -0.66 -9.90
CA LEU A 116 -12.42 -0.55 -9.33
C LEU A 116 -13.12 0.69 -9.87
N LYS A 117 -12.38 1.79 -9.93
CA LYS A 117 -12.92 3.04 -10.46
C LYS A 117 -13.35 2.86 -11.90
N THR A 118 -12.47 2.24 -12.69
CA THR A 118 -12.75 1.99 -14.10
C THR A 118 -14.04 1.19 -14.25
N ILE A 119 -14.30 0.31 -13.28
CA ILE A 119 -15.50 -0.51 -13.30
C ILE A 119 -16.56 0.07 -12.36
N ASN A 120 -16.51 1.38 -12.17
CA ASN A 120 -17.46 2.08 -11.32
C ASN A 120 -17.68 1.35 -10.00
N GLN A 121 -16.66 1.32 -9.15
CA GLN A 121 -16.76 0.64 -7.86
C GLN A 121 -15.88 1.32 -6.81
N GLU A 122 -16.18 2.59 -6.51
CA GLU A 122 -15.42 3.33 -5.51
C GLU A 122 -15.85 2.96 -4.10
N SER A 123 -17.11 2.55 -3.97
CA SER A 123 -17.64 2.16 -2.67
C SER A 123 -16.77 1.10 -2.00
N CYS A 124 -16.02 0.35 -2.80
CA CYS A 124 -15.16 -0.69 -2.26
C CYS A 124 -13.76 -0.17 -1.93
N ILE A 125 -13.52 1.12 -2.18
CA ILE A 125 -12.22 1.72 -1.89
C ILE A 125 -12.04 1.87 -0.37
N GLU A 126 -13.16 2.05 0.33
CA GLU A 126 -13.13 2.19 1.79
C GLU A 126 -12.41 1.01 2.42
N PRO A 127 -12.90 -0.22 2.21
CA PRO A 127 -12.28 -1.42 2.76
C PRO A 127 -10.84 -1.59 2.28
N LEU A 128 -10.57 -1.09 1.08
CA LEU A 128 -9.22 -1.17 0.51
C LEU A 128 -8.23 -0.44 1.40
N ALA A 129 -8.43 0.87 1.53
CA ALA A 129 -7.56 1.69 2.36
C ALA A 129 -7.59 1.23 3.81
N GLU A 130 -8.80 1.05 4.34
CA GLU A 130 -8.97 0.61 5.72
C GLU A 130 -8.23 -0.69 5.97
N SER A 131 -8.37 -1.65 5.06
CA SER A 131 -7.72 -2.94 5.20
C SER A 131 -6.21 -2.80 5.24
N ILE A 132 -5.65 -2.13 4.24
CA ILE A 132 -4.20 -1.94 4.16
C ILE A 132 -3.66 -1.28 5.43
N THR A 133 -4.15 -0.09 5.74
CA THR A 133 -3.70 0.64 6.93
C THR A 133 -4.01 -0.14 8.21
N ASP A 134 -5.20 -0.71 8.29
CA ASP A 134 -5.60 -1.47 9.47
C ASP A 134 -4.58 -2.56 9.81
N VAL A 135 -4.40 -3.51 8.91
CA VAL A 135 -3.44 -4.59 9.13
C VAL A 135 -2.04 -4.04 9.36
N LEU A 136 -1.67 -3.05 8.54
CA LEU A 136 -0.36 -2.41 8.62
C LEU A 136 -0.01 -1.99 10.05
N VAL A 137 -0.91 -1.27 10.70
CA VAL A 137 -0.65 -0.80 12.06
C VAL A 137 -1.07 -1.84 13.11
N ARG A 138 -2.23 -2.45 12.92
CA ARG A 138 -2.75 -3.44 13.85
C ARG A 138 -1.72 -4.53 14.18
N THR A 139 -0.96 -4.99 13.19
CA THR A 139 0.00 -6.06 13.44
C THR A 139 1.46 -5.61 13.35
N LYS A 140 1.76 -4.59 12.55
CA LYS A 140 3.15 -4.16 12.39
C LYS A 140 3.48 -2.87 13.15
N ARG A 141 2.59 -2.44 14.05
CA ARG A 141 2.84 -1.22 14.80
C ARG A 141 4.26 -1.19 15.39
N ASP A 142 4.66 -2.28 16.01
CA ASP A 142 5.98 -2.38 16.61
C ASP A 142 7.09 -2.18 15.58
N TRP A 143 6.95 -2.84 14.44
CA TRP A 143 7.94 -2.75 13.37
C TRP A 143 8.04 -1.33 12.83
N LEU A 144 6.88 -0.70 12.60
CA LEU A 144 6.84 0.66 12.07
C LEU A 144 7.37 1.67 13.08
N VAL A 145 6.79 1.67 14.28
CA VAL A 145 7.19 2.58 15.33
C VAL A 145 8.68 2.47 15.63
N LYS A 146 9.17 1.24 15.70
CA LYS A 146 10.58 0.99 15.99
C LYS A 146 11.49 1.63 14.95
N GLN A 147 10.97 1.80 13.73
CA GLN A 147 11.74 2.40 12.65
C GLN A 147 11.27 3.81 12.31
N ARG A 148 10.83 4.55 13.32
CA ARG A 148 10.35 5.91 13.11
C ARG A 148 9.15 5.95 12.16
N GLY A 149 8.50 4.81 12.00
CA GLY A 149 7.35 4.72 11.12
C GLY A 149 7.63 5.21 9.71
N TRP A 150 7.14 6.40 9.40
CA TRP A 150 7.32 6.98 8.07
C TRP A 150 8.70 7.63 7.92
N ASP A 151 9.04 8.53 8.84
CA ASP A 151 10.32 9.22 8.80
C ASP A 151 11.47 8.26 8.52
N GLY A 152 11.64 7.28 9.40
CA GLY A 152 12.70 6.31 9.22
C GLY A 152 12.66 5.65 7.86
N PHE A 153 11.47 5.60 7.27
CA PHE A 153 11.29 4.98 5.96
C PHE A 153 11.88 5.86 4.86
N VAL A 154 11.61 7.15 4.94
CA VAL A 154 12.14 8.10 3.96
C VAL A 154 13.64 8.26 4.13
N GLU A 155 14.11 8.06 5.37
CA GLU A 155 15.53 8.16 5.67
C GLU A 155 16.24 6.89 5.22
N PHE A 156 15.56 5.76 5.33
CA PHE A 156 16.12 4.48 4.93
C PHE A 156 16.08 4.34 3.42
N PHE A 157 15.14 5.04 2.77
CA PHE A 157 15.03 4.99 1.32
C PHE A 157 16.05 5.93 0.70
N HIS A 158 16.08 7.18 1.18
CA HIS A 158 17.02 8.17 0.68
C HIS A 158 16.77 8.48 -0.79
N VAL A 159 16.57 9.76 -1.10
CA VAL A 159 16.32 10.18 -2.47
C VAL A 159 17.60 10.76 -3.09
N GLU A 160 18.22 9.98 -3.96
CA GLU A 160 19.46 10.42 -4.63
C GLU A 160 19.24 11.75 -5.35
N ASP A 161 20.31 12.55 -5.42
CA ASP A 161 20.25 13.84 -6.08
C ASP A 161 19.25 14.76 -5.39
N LEU A 162 19.07 14.56 -4.07
CA LEU A 162 18.15 15.37 -3.28
C LEU A 162 16.82 15.58 -4.01
N GLU A 163 16.02 16.53 -3.53
CA GLU A 163 14.72 16.83 -4.13
C GLU A 163 14.90 17.53 -5.47
N GLY A 164 14.29 16.98 -6.51
CA GLY A 164 14.39 17.57 -7.83
C GLY A 164 13.06 17.60 -8.55
N SER B 5 -14.47 -26.92 -9.23
CA SER B 5 -13.58 -26.28 -10.18
C SER B 5 -13.00 -25.00 -9.61
N GLU B 6 -11.78 -25.07 -9.11
CA GLU B 6 -11.11 -23.93 -8.53
C GLU B 6 -11.87 -23.41 -7.34
N SER B 7 -11.15 -22.74 -6.46
CA SER B 7 -11.73 -22.17 -5.25
C SER B 7 -10.93 -20.95 -4.81
N GLN B 8 -11.60 -19.80 -4.80
CA GLN B 8 -10.99 -18.53 -4.42
C GLN B 8 -10.05 -18.70 -3.22
N GLU B 9 -10.32 -19.68 -2.38
CA GLU B 9 -9.49 -19.94 -1.23
C GLU B 9 -8.05 -20.21 -1.67
N ASP B 10 -7.90 -21.12 -2.62
CA ASP B 10 -6.58 -21.45 -3.15
C ASP B 10 -6.00 -20.25 -3.89
N ILE B 11 -6.84 -19.63 -4.72
CA ILE B 11 -6.44 -18.45 -5.47
C ILE B 11 -5.83 -17.41 -4.52
N ILE B 12 -6.65 -16.94 -3.60
CA ILE B 12 -6.22 -15.97 -2.60
C ILE B 12 -4.94 -16.42 -1.91
N ARG B 13 -4.87 -17.71 -1.57
CA ARG B 13 -3.69 -18.26 -0.92
C ARG B 13 -2.45 -18.08 -1.80
N ASN B 14 -2.57 -18.45 -3.06
CA ASN B 14 -1.46 -18.33 -4.00
C ASN B 14 -1.09 -16.87 -4.22
N ILE B 15 -2.09 -16.02 -4.41
CA ILE B 15 -1.84 -14.62 -4.60
C ILE B 15 -1.14 -14.04 -3.37
N ALA B 16 -1.65 -14.42 -2.20
CA ALA B 16 -1.09 -13.98 -0.93
C ALA B 16 0.40 -14.28 -0.87
N ARG B 17 0.75 -15.56 -0.94
CA ARG B 17 2.15 -15.96 -0.87
C ARG B 17 2.96 -15.22 -1.93
N HIS B 18 2.37 -15.05 -3.11
CA HIS B 18 3.04 -14.34 -4.19
C HIS B 18 3.30 -12.89 -3.81
N LEU B 19 2.28 -12.24 -3.25
CA LEU B 19 2.40 -10.84 -2.83
C LEU B 19 3.55 -10.66 -1.85
N ALA B 20 3.56 -11.48 -0.80
CA ALA B 20 4.62 -11.43 0.20
C ALA B 20 5.98 -11.62 -0.46
N GLN B 21 6.04 -12.57 -1.39
CA GLN B 21 7.26 -12.86 -2.11
C GLN B 21 7.71 -11.65 -2.93
N VAL B 22 6.79 -11.08 -3.70
CA VAL B 22 7.08 -9.92 -4.52
C VAL B 22 7.68 -8.80 -3.69
N GLY B 23 7.09 -8.56 -2.52
CA GLY B 23 7.59 -7.54 -1.62
C GLY B 23 8.89 -7.93 -0.97
N ASP B 24 9.01 -9.21 -0.60
CA ASP B 24 10.23 -9.70 0.03
C ASP B 24 11.44 -9.48 -0.86
N SER B 25 11.26 -9.67 -2.15
CA SER B 25 12.35 -9.50 -3.12
C SER B 25 12.55 -8.04 -3.47
N MET B 26 11.45 -7.31 -3.66
CA MET B 26 11.52 -5.90 -4.02
C MET B 26 12.41 -5.11 -3.06
N ASP B 27 12.52 -5.59 -1.82
CA ASP B 27 13.34 -4.92 -0.81
C ASP B 27 14.81 -5.31 -0.96
N ARG B 28 15.04 -6.55 -1.40
CA ARG B 28 16.40 -7.04 -1.57
C ARG B 28 16.95 -6.67 -2.96
N SER B 29 16.20 -5.88 -3.72
CA SER B 29 16.63 -5.48 -5.05
C SER B 29 15.62 -4.53 -5.69
N ILE B 30 15.81 -3.23 -5.46
CA ILE B 30 14.92 -2.22 -6.03
C ILE B 30 15.10 -2.13 -7.54
N PRO B 31 14.06 -2.53 -8.31
CA PRO B 31 14.13 -2.49 -9.78
C PRO B 31 14.55 -1.11 -10.30
N PRO B 32 13.89 -0.03 -9.82
CA PRO B 32 14.23 1.33 -10.25
C PRO B 32 15.56 1.79 -9.65
N GLY B 33 16.37 2.46 -10.47
CA GLY B 33 17.66 2.93 -10.02
C GLY B 33 17.57 4.28 -9.33
N LEU B 34 16.72 4.37 -8.32
CA LEU B 34 16.54 5.62 -7.58
C LEU B 34 17.45 5.65 -6.36
N VAL B 35 17.75 4.47 -5.82
CA VAL B 35 18.61 4.36 -4.65
C VAL B 35 17.98 5.05 -3.44
N ALA A 5 -7.87 1.52 28.13
CA ALA A 5 -7.22 1.42 26.84
C ALA A 5 -7.54 2.62 25.96
N GLU A 6 -6.67 2.89 24.99
CA GLU A 6 -6.85 4.01 24.07
C GLU A 6 -7.31 5.27 24.80
N GLU A 7 -6.35 6.06 25.27
CA GLU A 7 -6.65 7.29 25.98
C GLU A 7 -6.92 8.43 25.01
N GLU A 8 -6.10 8.53 23.98
CA GLU A 8 -6.25 9.58 22.97
C GLU A 8 -5.95 9.03 21.57
N GLU A 9 -6.59 9.64 20.57
CA GLU A 9 -6.39 9.21 19.19
C GLU A 9 -4.92 9.17 18.82
N ASP A 10 -4.52 8.14 18.07
CA ASP A 10 -3.14 7.99 17.65
C ASP A 10 -2.81 8.96 16.53
N GLU A 11 -1.60 9.51 16.55
CA GLU A 11 -1.15 10.45 15.53
C GLU A 11 -0.75 9.73 14.25
N LEU A 12 0.08 8.70 14.41
CA LEU A 12 0.55 7.92 13.27
C LEU A 12 -0.61 7.26 12.54
N TYR A 13 -1.59 6.76 13.29
CA TYR A 13 -2.74 6.10 12.70
C TYR A 13 -3.61 7.11 11.95
N ARG A 14 -3.58 8.36 12.41
CA ARG A 14 -4.35 9.42 11.78
C ARG A 14 -3.68 9.88 10.49
N GLN A 15 -2.41 10.21 10.58
CA GLN A 15 -1.66 10.66 9.43
C GLN A 15 -1.45 9.51 8.45
N SER A 16 -1.43 8.29 8.97
CA SER A 16 -1.28 7.11 8.13
C SER A 16 -2.55 6.87 7.34
N LEU A 17 -3.67 6.79 8.07
CA LEU A 17 -4.97 6.58 7.44
C LEU A 17 -5.36 7.77 6.58
N GLU A 18 -4.95 8.96 7.02
CA GLU A 18 -5.25 10.19 6.31
C GLU A 18 -4.52 10.22 4.97
N ILE A 19 -3.23 9.95 4.98
CA ILE A 19 -2.44 9.94 3.77
C ILE A 19 -2.94 8.86 2.81
N ILE A 20 -2.97 7.63 3.29
CA ILE A 20 -3.42 6.50 2.46
C ILE A 20 -4.84 6.74 1.92
N SER A 21 -5.74 7.17 2.79
CA SER A 21 -7.13 7.43 2.40
C SER A 21 -7.18 8.46 1.28
N ARG A 22 -6.61 9.63 1.53
CA ARG A 22 -6.58 10.71 0.55
C ARG A 22 -5.83 10.25 -0.69
N TYR A 23 -4.86 9.37 -0.49
CA TYR A 23 -4.06 8.84 -1.59
C TYR A 23 -4.95 8.14 -2.61
N LEU A 24 -5.57 7.03 -2.20
CA LEU A 24 -6.44 6.27 -3.08
C LEU A 24 -7.58 7.14 -3.62
N ARG A 25 -8.18 7.93 -2.73
CA ARG A 25 -9.28 8.80 -3.11
C ARG A 25 -8.89 9.75 -4.25
N GLU A 26 -7.88 10.58 -4.00
CA GLU A 26 -7.42 11.54 -4.99
C GLU A 26 -6.73 10.86 -6.17
N GLN A 27 -6.27 9.63 -5.96
CA GLN A 27 -5.60 8.87 -7.01
C GLN A 27 -6.60 8.15 -7.91
N ALA A 28 -7.80 7.91 -7.38
CA ALA A 28 -8.84 7.22 -8.14
C ALA A 28 -9.73 8.19 -8.91
N THR A 29 -9.71 9.46 -8.51
CA THR A 29 -10.53 10.48 -9.18
C THR A 29 -9.86 10.94 -10.47
N GLY A 30 -8.54 10.83 -10.54
CA GLY A 30 -7.82 11.24 -11.72
C GLY A 30 -7.89 12.74 -11.96
N ALA A 31 -8.44 13.47 -11.00
CA ALA A 31 -8.55 14.92 -11.11
C ALA A 31 -7.54 15.60 -10.20
N LYS A 32 -7.61 16.91 -10.17
CA LYS A 32 -6.71 17.72 -9.35
C LYS A 32 -7.29 17.94 -7.95
N ASP A 33 -6.92 17.09 -7.02
CA ASP A 33 -7.40 17.17 -5.66
C ASP A 33 -7.14 18.55 -5.07
N THR A 34 -5.95 19.07 -5.28
CA THR A 34 -5.58 20.39 -4.77
C THR A 34 -5.90 20.48 -3.27
N LYS A 35 -5.77 19.34 -2.59
CA LYS A 35 -6.03 19.27 -1.15
C LYS A 35 -5.17 20.28 -0.38
N PRO A 36 -3.85 20.33 -0.64
CA PRO A 36 -2.95 21.26 0.06
C PRO A 36 -3.37 22.71 -0.12
N MET A 37 -2.53 23.63 0.33
CA MET A 37 -2.82 25.05 0.24
C MET A 37 -1.63 25.88 0.71
N GLY A 38 -0.95 25.41 1.76
CA GLY A 38 0.19 26.13 2.29
C GLY A 38 1.41 25.25 2.44
N ARG A 39 1.47 24.17 1.66
CA ARG A 39 2.60 23.25 1.70
C ARG A 39 2.78 22.69 3.12
N SER A 40 2.18 21.55 3.38
CA SER A 40 2.28 20.91 4.68
C SER A 40 2.50 19.40 4.55
N GLY A 41 2.78 18.74 5.67
CA GLY A 41 3.00 17.31 5.64
C GLY A 41 4.36 16.94 5.07
N ALA A 42 5.43 17.42 5.71
CA ALA A 42 6.78 17.14 5.26
C ALA A 42 6.97 15.65 4.99
N THR A 43 6.77 14.85 6.03
CA THR A 43 6.89 13.40 5.91
C THR A 43 5.90 12.90 4.87
N SER A 44 4.73 13.55 4.81
CA SER A 44 3.71 13.16 3.84
C SER A 44 4.21 13.35 2.42
N ARG A 45 4.87 14.49 2.18
CA ARG A 45 5.42 14.79 0.86
C ARG A 45 6.49 13.78 0.49
N LYS A 46 7.43 13.56 1.40
CA LYS A 46 8.51 12.60 1.17
C LYS A 46 7.94 11.20 0.94
N ALA A 47 6.96 10.84 1.76
CA ALA A 47 6.33 9.53 1.64
C ALA A 47 5.63 9.40 0.29
N LEU A 48 4.75 10.34 0.00
CA LEU A 48 4.01 10.34 -1.26
C LEU A 48 4.96 10.25 -2.45
N GLU A 49 5.84 11.26 -2.57
CA GLU A 49 6.79 11.29 -3.66
C GLU A 49 7.52 9.96 -3.79
N THR A 50 7.96 9.41 -2.65
CA THR A 50 8.63 8.13 -2.64
C THR A 50 7.70 7.06 -3.21
N LEU A 51 6.43 7.14 -2.81
CA LEU A 51 5.42 6.20 -3.27
C LEU A 51 5.20 6.34 -4.77
N ARG A 52 5.31 7.57 -5.27
CA ARG A 52 5.12 7.83 -6.69
C ARG A 52 6.22 7.17 -7.51
N ARG A 53 7.47 7.37 -7.08
CA ARG A 53 8.61 6.79 -7.78
C ARG A 53 8.65 5.27 -7.64
N VAL A 54 8.71 4.80 -6.40
CA VAL A 54 8.76 3.36 -6.12
C VAL A 54 7.49 2.68 -6.63
N GLY A 55 6.36 3.34 -6.46
CA GLY A 55 5.10 2.77 -6.90
C GLY A 55 5.05 2.63 -8.41
N ASP A 56 5.24 3.74 -9.12
CA ASP A 56 5.22 3.73 -10.57
C ASP A 56 6.19 2.69 -11.10
N GLY A 57 7.36 2.61 -10.47
CA GLY A 57 8.37 1.65 -10.88
C GLY A 57 7.90 0.21 -10.74
N VAL A 58 7.31 -0.11 -9.59
CA VAL A 58 6.83 -1.47 -9.36
C VAL A 58 5.75 -1.84 -10.38
N GLN A 59 4.86 -0.90 -10.67
CA GLN A 59 3.79 -1.16 -11.62
C GLN A 59 4.35 -1.23 -13.04
N ARG A 60 5.45 -0.53 -13.29
CA ARG A 60 6.06 -0.54 -14.61
C ARG A 60 6.94 -1.77 -14.82
N ASN A 61 7.79 -2.05 -13.83
CA ASN A 61 8.70 -3.18 -13.92
C ASN A 61 8.02 -4.49 -13.52
N HIS A 62 7.30 -4.49 -12.41
CA HIS A 62 6.63 -5.69 -11.93
C HIS A 62 5.18 -5.77 -12.42
N GLU A 63 4.84 -4.97 -13.43
CA GLU A 63 3.48 -4.95 -13.99
C GLU A 63 2.92 -6.36 -14.15
N THR A 64 3.79 -7.33 -14.41
CA THR A 64 3.37 -8.71 -14.60
C THR A 64 2.72 -9.26 -13.33
N ALA A 65 3.24 -8.84 -12.17
CA ALA A 65 2.70 -9.28 -10.91
C ALA A 65 1.31 -8.71 -10.69
N PHE A 66 1.14 -7.45 -11.08
CA PHE A 66 -0.14 -6.77 -10.95
C PHE A 66 -1.21 -7.47 -11.79
N GLN A 67 -0.90 -7.65 -13.08
CA GLN A 67 -1.82 -8.31 -13.99
C GLN A 67 -2.18 -9.70 -13.50
N GLY A 68 -1.16 -10.48 -13.14
CA GLY A 68 -1.40 -11.83 -12.66
C GLY A 68 -2.33 -11.89 -11.47
N MET A 69 -1.95 -11.24 -10.37
CA MET A 69 -2.77 -11.22 -9.18
C MET A 69 -4.18 -10.73 -9.47
N LEU A 70 -4.28 -9.65 -10.23
CA LEU A 70 -5.58 -9.09 -10.58
C LEU A 70 -6.39 -10.09 -11.39
N ARG A 71 -5.72 -10.76 -12.33
CA ARG A 71 -6.37 -11.75 -13.18
C ARG A 71 -7.02 -12.84 -12.34
N LYS A 72 -6.28 -13.37 -11.37
CA LYS A 72 -6.80 -14.41 -10.50
C LYS A 72 -7.82 -13.84 -9.51
N LEU A 73 -7.44 -12.74 -8.88
CA LEU A 73 -8.29 -12.07 -7.90
C LEU A 73 -9.67 -11.75 -8.48
N ASP A 74 -9.72 -10.76 -9.39
CA ASP A 74 -10.97 -10.35 -10.00
C ASP A 74 -11.94 -9.89 -8.91
N ILE A 75 -12.23 -8.60 -8.88
CA ILE A 75 -13.13 -8.06 -7.87
C ILE A 75 -14.19 -7.17 -8.50
N LYS A 76 -15.41 -7.22 -7.96
CA LYS A 76 -16.50 -6.41 -8.50
C LYS A 76 -17.46 -5.92 -7.40
N ASN A 77 -17.32 -6.44 -6.17
CA ASN A 77 -18.19 -6.04 -5.08
C ASN A 77 -17.44 -6.05 -3.74
N GLU A 78 -17.99 -5.34 -2.76
CA GLU A 78 -17.38 -5.25 -1.45
C GLU A 78 -17.25 -6.62 -0.79
N ASP A 79 -17.99 -7.61 -1.29
CA ASP A 79 -17.94 -8.96 -0.75
C ASP A 79 -16.49 -9.46 -0.65
N ASP A 80 -15.76 -9.33 -1.74
CA ASP A 80 -14.37 -9.78 -1.80
C ASP A 80 -13.52 -9.11 -0.72
N VAL A 81 -13.98 -7.96 -0.22
CA VAL A 81 -13.24 -7.23 0.81
C VAL A 81 -12.72 -8.18 1.89
N LYS A 82 -13.62 -8.97 2.48
CA LYS A 82 -13.23 -9.91 3.51
C LYS A 82 -12.22 -10.91 2.96
N SER A 83 -12.33 -11.18 1.67
CA SER A 83 -11.40 -12.08 0.99
C SER A 83 -10.02 -11.44 0.95
N LEU A 84 -9.98 -10.19 0.52
CA LEU A 84 -8.74 -9.44 0.45
C LEU A 84 -8.12 -9.38 1.84
N SER A 85 -8.95 -9.04 2.83
CA SER A 85 -8.48 -8.97 4.21
C SER A 85 -7.76 -10.26 4.55
N ARG A 86 -8.38 -11.38 4.17
CA ARG A 86 -7.79 -12.69 4.42
C ARG A 86 -6.42 -12.79 3.74
N VAL A 87 -6.32 -12.29 2.50
CA VAL A 87 -5.05 -12.31 1.78
C VAL A 87 -3.99 -11.55 2.56
N MET A 88 -4.28 -10.30 2.87
CA MET A 88 -3.36 -9.46 3.63
C MET A 88 -2.87 -10.18 4.88
N ILE A 89 -3.79 -10.51 5.77
CA ILE A 89 -3.45 -11.21 7.00
C ILE A 89 -2.62 -12.46 6.69
N HIS A 90 -3.03 -13.19 5.66
CA HIS A 90 -2.33 -14.42 5.27
C HIS A 90 -0.88 -14.14 4.91
N VAL A 91 -0.61 -12.95 4.37
CA VAL A 91 0.77 -12.60 4.00
C VAL A 91 1.55 -12.10 5.21
N PHE A 92 0.87 -11.40 6.11
CA PHE A 92 1.50 -10.87 7.31
C PHE A 92 1.71 -11.96 8.36
N SER A 93 0.86 -12.98 8.32
CA SER A 93 0.93 -14.09 9.27
C SER A 93 2.29 -14.77 9.25
N ASP A 94 3.02 -14.64 8.14
CA ASP A 94 4.33 -15.26 8.01
C ASP A 94 5.29 -14.70 9.06
N GLY A 95 5.27 -13.38 9.23
CA GLY A 95 6.14 -12.74 10.17
C GLY A 95 7.13 -11.82 9.49
N VAL A 96 7.09 -11.80 8.17
CA VAL A 96 7.99 -10.97 7.39
C VAL A 96 7.69 -9.48 7.61
N THR A 97 8.72 -8.72 7.93
CA THR A 97 8.57 -7.29 8.18
C THR A 97 9.64 -6.50 7.43
N ASN A 98 9.31 -6.01 6.24
CA ASN A 98 10.26 -5.24 5.44
C ASN A 98 9.55 -4.19 4.61
N TRP A 99 10.24 -3.08 4.35
CA TRP A 99 9.67 -1.99 3.56
C TRP A 99 9.16 -2.51 2.22
N GLY A 100 9.85 -3.50 1.68
CA GLY A 100 9.47 -4.09 0.41
C GLY A 100 8.01 -4.52 0.40
N ARG A 101 7.61 -5.25 1.43
CA ARG A 101 6.24 -5.75 1.54
C ARG A 101 5.25 -4.59 1.65
N ILE A 102 5.38 -3.79 2.72
CA ILE A 102 4.49 -2.65 2.93
C ILE A 102 4.22 -1.86 1.65
N VAL A 103 5.29 -1.49 0.94
CA VAL A 103 5.13 -0.73 -0.29
C VAL A 103 4.46 -1.57 -1.37
N THR A 104 4.89 -2.82 -1.52
CA THR A 104 4.31 -3.72 -2.51
C THR A 104 2.81 -3.85 -2.30
N LEU A 105 2.40 -4.07 -1.06
CA LEU A 105 0.98 -4.21 -0.73
C LEU A 105 0.25 -2.91 -1.05
N ILE A 106 0.64 -1.84 -0.36
CA ILE A 106 0.02 -0.53 -0.56
C ILE A 106 -0.13 -0.20 -2.05
N SER A 107 0.96 -0.38 -2.81
CA SER A 107 0.94 -0.11 -4.23
C SER A 107 -0.17 -0.92 -4.91
N PHE A 108 -0.09 -2.24 -4.76
CA PHE A 108 -1.11 -3.12 -5.34
C PHE A 108 -2.50 -2.69 -4.88
N GLY A 109 -2.58 -2.21 -3.64
CA GLY A 109 -3.86 -1.77 -3.11
C GLY A 109 -4.44 -0.66 -3.96
N ALA A 110 -3.64 0.37 -4.19
CA ALA A 110 -4.06 1.50 -5.01
C ALA A 110 -4.47 1.04 -6.39
N PHE A 111 -3.65 0.18 -7.00
CA PHE A 111 -3.93 -0.35 -8.33
C PHE A 111 -5.33 -0.96 -8.38
N VAL A 112 -5.57 -1.94 -7.52
CA VAL A 112 -6.87 -2.59 -7.46
C VAL A 112 -7.97 -1.53 -7.35
N ALA A 113 -7.74 -0.55 -6.48
CA ALA A 113 -8.70 0.54 -6.30
C ALA A 113 -8.92 1.27 -7.62
N LYS A 114 -7.85 1.50 -8.37
CA LYS A 114 -7.95 2.16 -9.66
C LYS A 114 -8.95 1.41 -10.53
N HIS A 115 -8.74 0.09 -10.64
CA HIS A 115 -9.63 -0.76 -11.41
C HIS A 115 -11.06 -0.65 -10.89
N LEU A 116 -11.21 -0.63 -9.56
CA LEU A 116 -12.53 -0.51 -8.94
C LEU A 116 -13.25 0.71 -9.50
N LYS A 117 -12.54 1.85 -9.52
CA LYS A 117 -13.09 3.08 -10.04
C LYS A 117 -13.48 2.91 -11.51
N THR A 118 -12.58 2.32 -12.28
CA THR A 118 -12.81 2.09 -13.71
C THR A 118 -14.08 1.27 -13.93
N ILE A 119 -14.38 0.39 -12.98
CA ILE A 119 -15.58 -0.45 -13.07
C ILE A 119 -16.71 0.15 -12.23
N ASN A 120 -16.69 1.47 -12.08
CA ASN A 120 -17.71 2.18 -11.32
C ASN A 120 -17.98 1.49 -9.98
N GLN A 121 -16.96 1.43 -9.13
CA GLN A 121 -17.10 0.80 -7.82
C GLN A 121 -16.16 1.44 -6.81
N GLU A 122 -16.43 2.69 -6.45
CA GLU A 122 -15.60 3.40 -5.47
C GLU A 122 -15.96 2.99 -4.04
N SER A 123 -17.18 2.52 -3.85
CA SER A 123 -17.66 2.10 -2.53
C SER A 123 -16.76 1.06 -1.89
N CYS A 124 -16.01 0.31 -2.70
CA CYS A 124 -15.13 -0.73 -2.16
C CYS A 124 -13.71 -0.21 -1.92
N ILE A 125 -13.56 1.12 -1.94
CA ILE A 125 -12.25 1.72 -1.71
C ILE A 125 -12.04 1.95 -0.21
N GLU A 126 -13.14 2.18 0.50
CA GLU A 126 -13.11 2.40 1.94
C GLU A 126 -12.43 1.21 2.63
N PRO A 127 -12.89 -0.03 2.36
CA PRO A 127 -12.30 -1.22 2.94
C PRO A 127 -10.86 -1.39 2.52
N LEU A 128 -10.55 -0.94 1.31
CA LEU A 128 -9.21 -1.03 0.77
C LEU A 128 -8.23 -0.26 1.66
N ALA A 129 -8.44 1.05 1.75
CA ALA A 129 -7.58 1.91 2.55
C ALA A 129 -7.58 1.52 4.03
N GLU A 130 -8.77 1.38 4.60
CA GLU A 130 -8.88 1.02 6.01
C GLU A 130 -8.19 -0.31 6.31
N SER A 131 -8.39 -1.29 5.44
CA SER A 131 -7.78 -2.61 5.64
C SER A 131 -6.26 -2.52 5.58
N ILE A 132 -5.75 -1.81 4.58
CA ILE A 132 -4.30 -1.65 4.42
C ILE A 132 -3.68 -1.03 5.67
N THR A 133 -4.14 0.16 6.02
CA THR A 133 -3.63 0.87 7.19
C THR A 133 -3.90 0.07 8.46
N ASP A 134 -5.10 -0.50 8.56
CA ASP A 134 -5.49 -1.28 9.72
C ASP A 134 -4.51 -2.42 9.98
N VAL A 135 -4.43 -3.35 9.02
CA VAL A 135 -3.52 -4.49 9.16
C VAL A 135 -2.09 -4.03 9.42
N LEU A 136 -1.63 -3.06 8.65
CA LEU A 136 -0.28 -2.52 8.78
C LEU A 136 0.03 -2.14 10.23
N VAL A 137 -0.90 -1.40 10.85
CA VAL A 137 -0.72 -0.95 12.23
C VAL A 137 -1.18 -2.03 13.23
N ARG A 138 -1.93 -3.00 12.76
CA ARG A 138 -2.45 -4.05 13.61
C ARG A 138 -1.38 -5.06 14.01
N THR A 139 -0.62 -5.55 13.04
CA THR A 139 0.40 -6.56 13.32
C THR A 139 1.84 -6.05 13.17
N LYS A 140 2.04 -4.99 12.41
CA LYS A 140 3.39 -4.48 12.19
C LYS A 140 3.65 -3.13 12.85
N ARG A 141 2.73 -2.66 13.69
CA ARG A 141 2.88 -1.37 14.36
C ARG A 141 4.24 -1.27 15.08
N ASP A 142 4.54 -2.26 15.91
CA ASP A 142 5.79 -2.26 16.67
C ASP A 142 7.00 -2.15 15.75
N TRP A 143 6.97 -2.90 14.65
CA TRP A 143 8.07 -2.88 13.68
C TRP A 143 8.19 -1.52 13.03
N LEU A 144 7.06 -0.91 12.70
CA LEU A 144 7.04 0.41 12.05
C LEU A 144 7.51 1.50 13.01
N VAL A 145 6.88 1.57 14.17
CA VAL A 145 7.23 2.56 15.17
C VAL A 145 8.70 2.47 15.55
N LYS A 146 9.18 1.25 15.79
CA LYS A 146 10.57 1.04 16.17
C LYS A 146 11.54 1.67 15.17
N GLN A 147 11.08 1.85 13.93
CA GLN A 147 11.93 2.42 12.88
C GLN A 147 11.42 3.78 12.42
N ARG A 148 10.85 4.56 13.34
CA ARG A 148 10.33 5.88 13.01
C ARG A 148 9.14 5.81 12.06
N GLY A 149 8.59 4.62 11.88
CA GLY A 149 7.44 4.45 11.00
C GLY A 149 7.67 4.94 9.59
N TRP A 150 7.18 6.14 9.30
CA TRP A 150 7.31 6.73 7.96
C TRP A 150 8.72 7.28 7.74
N ASP A 151 9.20 8.10 8.67
CA ASP A 151 10.53 8.69 8.56
C ASP A 151 11.58 7.65 8.17
N GLY A 152 11.68 6.59 8.96
CA GLY A 152 12.64 5.54 8.67
C GLY A 152 12.37 4.89 7.33
N PHE A 153 11.08 4.82 6.98
CA PHE A 153 10.68 4.23 5.72
C PHE A 153 11.25 5.01 4.55
N VAL A 154 11.01 6.32 4.56
CA VAL A 154 11.48 7.21 3.51
C VAL A 154 13.00 7.39 3.59
N GLU A 155 13.53 7.40 4.82
CA GLU A 155 14.97 7.56 5.02
C GLU A 155 15.73 6.34 4.52
N PHE A 156 15.11 5.18 4.64
CA PHE A 156 15.73 3.94 4.19
C PHE A 156 15.40 3.65 2.73
N PHE A 157 14.30 4.24 2.25
CA PHE A 157 13.88 4.03 0.87
C PHE A 157 14.72 4.85 -0.10
N HIS A 158 14.86 6.15 0.17
CA HIS A 158 15.65 7.03 -0.70
C HIS A 158 17.09 7.12 -0.21
N VAL A 159 17.74 5.97 -0.05
CA VAL A 159 19.12 5.94 0.40
C VAL A 159 20.08 5.88 -0.77
N GLU A 160 20.57 7.05 -1.19
CA GLU A 160 21.50 7.13 -2.30
C GLU A 160 22.90 6.71 -1.89
N ASP A 161 23.63 6.08 -2.81
CA ASP A 161 24.97 5.61 -2.53
C ASP A 161 25.92 5.95 -3.69
N LEU A 162 25.64 7.07 -4.35
CA LEU A 162 26.46 7.52 -5.47
C LEU A 162 27.49 8.55 -5.01
N GLU A 163 27.02 9.57 -4.29
CA GLU A 163 27.89 10.62 -3.80
C GLU A 163 28.58 11.34 -4.95
N GLY A 164 28.12 12.56 -5.25
CA GLY A 164 28.70 13.33 -6.33
C GLY A 164 28.93 14.78 -5.94
N SER B 5 -11.46 -24.71 -13.52
CA SER B 5 -12.03 -24.93 -12.19
C SER B 5 -10.96 -24.77 -11.11
N GLU B 6 -11.12 -23.77 -10.27
CA GLU B 6 -10.18 -23.51 -9.18
C GLU B 6 -10.92 -23.22 -7.88
N SER B 7 -10.23 -22.60 -6.94
CA SER B 7 -10.83 -22.28 -5.65
C SER B 7 -10.30 -20.94 -5.14
N GLN B 8 -11.16 -19.92 -5.16
CA GLN B 8 -10.79 -18.59 -4.70
C GLN B 8 -9.95 -18.63 -3.43
N GLU B 9 -10.28 -19.56 -2.55
CA GLU B 9 -9.54 -19.73 -1.30
C GLU B 9 -8.08 -20.02 -1.59
N ASP B 10 -7.84 -21.01 -2.45
CA ASP B 10 -6.48 -21.38 -2.84
C ASP B 10 -5.83 -20.21 -3.55
N ILE B 11 -6.62 -19.55 -4.39
CA ILE B 11 -6.17 -18.39 -5.14
C ILE B 11 -5.63 -17.32 -4.19
N ILE B 12 -6.52 -16.78 -3.36
CA ILE B 12 -6.16 -15.78 -2.38
C ILE B 12 -4.92 -16.19 -1.58
N ARG B 13 -4.89 -17.45 -1.18
CA ARG B 13 -3.76 -17.97 -0.41
C ARG B 13 -2.45 -17.86 -1.20
N ASN B 14 -2.47 -18.37 -2.43
CA ASN B 14 -1.30 -18.33 -3.29
C ASN B 14 -0.92 -16.90 -3.62
N ILE B 15 -1.92 -16.08 -3.93
CA ILE B 15 -1.67 -14.69 -4.24
C ILE B 15 -1.03 -14.02 -3.04
N ALA B 16 -1.60 -14.27 -1.86
CA ALA B 16 -1.10 -13.70 -0.62
C ALA B 16 0.40 -13.99 -0.47
N ARG B 17 0.74 -15.27 -0.41
CA ARG B 17 2.14 -15.66 -0.28
C ARG B 17 2.99 -14.96 -1.34
N HIS B 18 2.45 -14.88 -2.54
CA HIS B 18 3.12 -14.23 -3.66
C HIS B 18 3.31 -12.74 -3.39
N LEU B 19 2.30 -12.11 -2.81
CA LEU B 19 2.35 -10.68 -2.50
C LEU B 19 3.47 -10.39 -1.50
N ALA B 20 3.44 -11.09 -0.36
CA ALA B 20 4.48 -10.90 0.65
C ALA B 20 5.86 -11.15 0.04
N GLN B 21 5.95 -12.17 -0.81
CA GLN B 21 7.21 -12.52 -1.45
C GLN B 21 7.67 -11.41 -2.40
N VAL B 22 6.79 -10.97 -3.29
CA VAL B 22 7.10 -9.92 -4.24
C VAL B 22 7.61 -8.68 -3.53
N GLY B 23 6.96 -8.35 -2.42
CA GLY B 23 7.36 -7.19 -1.65
C GLY B 23 8.71 -7.37 -0.99
N ASP B 24 8.90 -8.50 -0.34
CA ASP B 24 10.16 -8.79 0.34
C ASP B 24 11.34 -8.68 -0.63
N SER B 25 11.14 -9.14 -1.85
CA SER B 25 12.18 -9.08 -2.87
C SER B 25 12.30 -7.68 -3.46
N MET B 26 11.17 -6.99 -3.60
CA MET B 26 11.15 -5.64 -4.16
C MET B 26 12.12 -4.71 -3.43
N ASP B 27 12.43 -5.03 -2.18
CA ASP B 27 13.34 -4.22 -1.38
C ASP B 27 14.80 -4.57 -1.69
N ARG B 28 15.04 -5.78 -2.15
CA ARG B 28 16.39 -6.22 -2.47
C ARG B 28 16.83 -5.72 -3.84
N SER B 29 15.96 -4.99 -4.53
CA SER B 29 16.29 -4.46 -5.85
C SER B 29 15.21 -3.50 -6.34
N ILE B 30 15.42 -2.21 -6.09
CA ILE B 30 14.47 -1.18 -6.51
C ILE B 30 14.71 -0.78 -7.97
N PRO B 31 13.78 -1.09 -8.88
CA PRO B 31 13.91 -0.75 -10.30
C PRO B 31 14.13 0.75 -10.53
N PRO B 32 13.33 1.61 -9.89
CA PRO B 32 13.45 3.07 -10.05
C PRO B 32 14.70 3.64 -9.39
N GLY B 33 15.85 3.16 -9.83
CA GLY B 33 17.12 3.63 -9.28
C GLY B 33 17.11 3.80 -7.78
N LEU B 34 16.29 3.00 -7.10
CA LEU B 34 16.20 3.07 -5.63
C LEU B 34 15.91 4.50 -5.17
N VAL B 35 15.03 5.18 -5.90
CA VAL B 35 14.67 6.55 -5.55
C VAL B 35 13.30 6.61 -4.90
#